data_7A3L
#
_entry.id   7A3L
#
_cell.length_a   164.034
_cell.length_b   252.779
_cell.length_c   261.235
_cell.angle_alpha   90.000
_cell.angle_beta   90.000
_cell.angle_gamma   90.000
#
_symmetry.space_group_name_H-M   'C 2 2 21'
#
loop_
_entity.id
_entity.type
_entity.pdbx_description
1 polymer 'Dipeptidyl peptidase 8'
2 non-polymer 2-ethyl-2-methanoyl-~{N}-[3-[(4-methylpiperazin-1-yl)methyl]phenyl]butanamide
3 non-polymer GLYCEROL
4 non-polymer 'trimethylamine oxide'
5 non-polymer 'CHLORIDE ION'
6 water water
#
_entity_poly.entity_id   1
_entity_poly.type   'polypeptide(L)'
_entity_poly.pdbx_seq_one_letter_code
;MWKRSEQMKIKSGKCNMAAAMETEQLGVEIFETADCEENIESQDRPKLEPFYVERYSWSQLKKLLADTRKYHGYMMAKAP
HDFMFVKRNDPDGPHSDRIYYLAMSGENRENTLFYSEIPKTINRAAVLMLSWKPLLDLFQATLDYGMYSREEELLRERKR
IGTVGIASYDYHQGSGTFLFQAGSGIYHVKDGGPQGFTQQPLRPNLVETSCPNIRMDPKLCPADPDWIAFIHSNDIWISN
IVTREERRLTYVHNELANMEEDARSAGVATFVLQEEFDRYSGYWWCPKAETTPSGGKILRILYEENDESEVEIIHVTSPM
LETRRADSFRYPKTGTANPKVTFKMSEIMIDAEGRIIDVIDKELIQPFEILFEGVEYIARAGWTPEGKYAWSILLDRSQT
RLQIVLISPELFIPVEDDVMERQRLIESVPDSVTPLIIYEETTDIWINIHDIFHVFPQSHEEEIEFIFASECKTGFRHLY
KITSILKESKYKRSSGGLPAPSDFKCPIKEEIAITSGEWEVLGRHGSNIQVDEVRRLVYFEGTKDSPLEHHLYVVSYVNP
GEVTRLTDRGYSHSCCISQHCDFFISKYSNQKNPHCVSLYKLSSPEDDPTCKTKEFWATILDSAGPLPDYTPPEIFSFES
TTGFTLYGMLYKPHDLQPGKKYPTVLFIYGGPQVQLVNNRFKGVKYFRLNTLASLGYVVVVIDNRGSCHRGLKFEGAFKY
KMGQIEIDDQVEGLQYLASRYDFIDLDRVGIHGWSYGGYLSLMALMQRSDIFRVAIAGAPVTLWIFYDTGYTERYMGHPD
QNEQGYYLGSVAMQAEKFPSEPNRLLLLHGFLDENVHFAHTSILLSFLVRAGKPYDLQIYPQERHSIRVPESGEHYELHL
LHYLQENLGSRIAALKVI
;
_entity_poly.pdbx_strand_id   A,B,C
#
# COMPACT_ATOMS: atom_id res chain seq x y z
N LEU A 48 -22.74 56.17 -42.06
CA LEU A 48 -22.70 55.06 -41.05
C LEU A 48 -21.71 55.42 -39.93
N GLU A 49 -22.19 55.54 -38.69
CA GLU A 49 -21.36 55.83 -37.49
C GLU A 49 -20.73 54.53 -37.01
N PRO A 50 -19.42 54.53 -36.65
CA PRO A 50 -18.72 53.32 -36.26
C PRO A 50 -19.11 52.84 -34.85
N PHE A 51 -19.44 51.56 -34.69
CA PHE A 51 -19.70 50.92 -33.39
C PHE A 51 -18.36 50.66 -32.69
N TYR A 52 -18.26 51.05 -31.41
CA TYR A 52 -17.09 50.83 -30.52
C TYR A 52 -17.49 49.85 -29.41
N VAL A 53 -16.77 48.75 -29.29
CA VAL A 53 -17.07 47.65 -28.32
C VAL A 53 -16.93 48.22 -26.91
N GLU A 54 -17.71 47.69 -25.96
CA GLU A 54 -17.59 48.02 -24.51
C GLU A 54 -16.13 47.75 -24.10
N ARG A 55 -15.52 48.70 -23.39
CA ARG A 55 -14.10 48.65 -22.96
C ARG A 55 -14.03 48.08 -21.54
N TYR A 56 -14.01 46.76 -21.43
CA TYR A 56 -13.92 46.00 -20.15
C TYR A 56 -12.46 46.06 -19.64
N SER A 57 -12.29 46.10 -18.31
CA SER A 57 -10.99 45.90 -17.63
C SER A 57 -10.53 44.46 -17.83
N TRP A 58 -9.24 44.19 -17.63
CA TRP A 58 -8.63 42.84 -17.72
C TRP A 58 -9.36 41.87 -16.76
N SER A 59 -9.61 42.29 -15.52
CA SER A 59 -10.33 41.52 -14.47
C SER A 59 -11.77 41.25 -14.90
N GLN A 60 -12.42 42.23 -15.54
CA GLN A 60 -13.83 42.13 -16.02
C GLN A 60 -13.90 41.11 -17.15
N LEU A 61 -12.98 41.17 -18.11
CA LEU A 61 -12.89 40.21 -19.26
C LEU A 61 -12.63 38.80 -18.73
N LYS A 62 -11.71 38.65 -17.77
CA LYS A 62 -11.37 37.34 -17.15
C LYS A 62 -12.65 36.68 -16.63
N LYS A 63 -13.48 37.45 -15.90
CA LYS A 63 -14.77 37.01 -15.31
C LYS A 63 -15.77 36.65 -16.42
N LEU A 64 -15.90 37.50 -17.44
CA LEU A 64 -16.85 37.32 -18.57
C LEU A 64 -16.53 36.00 -19.29
N LEU A 65 -15.25 35.72 -19.53
CA LEU A 65 -14.78 34.49 -20.23
C LEU A 65 -15.00 33.25 -19.34
N ALA A 66 -14.84 33.39 -18.02
CA ALA A 66 -15.07 32.31 -17.04
C ALA A 66 -16.56 32.00 -16.94
N ASP A 67 -17.42 33.03 -16.97
CA ASP A 67 -18.90 32.93 -16.86
C ASP A 67 -19.44 32.14 -18.05
N THR A 68 -18.96 32.43 -19.27
CA THR A 68 -19.42 31.85 -20.55
C THR A 68 -18.80 30.45 -20.76
N ARG A 69 -17.79 30.08 -19.97
CA ARG A 69 -17.07 28.78 -20.06
C ARG A 69 -17.68 27.77 -19.07
N LYS A 70 -18.43 28.25 -18.06
CA LYS A 70 -18.89 27.47 -16.88
C LYS A 70 -19.83 26.33 -17.30
N TYR A 71 -20.76 26.61 -18.21
CA TYR A 71 -21.84 25.66 -18.65
C TYR A 71 -21.36 24.83 -19.86
N HIS A 72 -20.04 24.79 -20.11
CA HIS A 72 -19.40 24.16 -21.30
C HIS A 72 -18.39 23.10 -20.85
N GLY A 73 -18.69 22.40 -19.74
CA GLY A 73 -17.85 21.32 -19.17
C GLY A 73 -18.13 19.97 -19.80
N TYR A 74 -19.39 19.72 -20.18
CA TYR A 74 -19.87 18.47 -20.83
C TYR A 74 -19.27 18.33 -22.23
N MET A 75 -18.86 19.46 -22.85
CA MET A 75 -18.36 19.52 -24.25
C MET A 75 -17.05 18.75 -24.38
N MET A 76 -16.10 18.93 -23.45
CA MET A 76 -14.83 18.16 -23.39
C MET A 76 -15.13 16.74 -22.90
N ALA A 77 -15.73 15.91 -23.77
CA ALA A 77 -16.16 14.52 -23.51
C ALA A 77 -16.37 13.79 -24.84
N LYS A 78 -15.53 12.78 -25.13
CA LYS A 78 -15.47 12.09 -26.45
C LYS A 78 -16.78 11.33 -26.71
N ALA A 79 -17.31 11.46 -27.93
CA ALA A 79 -18.51 10.76 -28.42
C ALA A 79 -18.15 9.30 -28.73
N PRO A 80 -19.09 8.35 -28.59
CA PRO A 80 -18.83 6.94 -28.93
C PRO A 80 -18.11 6.78 -30.28
N HIS A 81 -17.01 6.02 -30.30
CA HIS A 81 -16.15 5.75 -31.48
C HIS A 81 -15.57 4.34 -31.42
N ASP A 82 -14.81 3.94 -32.44
CA ASP A 82 -14.17 2.60 -32.56
C ASP A 82 -15.24 1.52 -32.38
N PHE A 83 -16.32 1.61 -33.16
CA PHE A 83 -17.49 0.69 -33.08
C PHE A 83 -17.10 -0.68 -33.63
N MET A 84 -17.72 -1.73 -33.07
CA MET A 84 -17.61 -3.13 -33.54
C MET A 84 -18.97 -3.81 -33.33
N PHE A 85 -19.44 -4.55 -34.34
CA PHE A 85 -20.71 -5.33 -34.30
C PHE A 85 -20.37 -6.81 -34.17
N VAL A 86 -20.83 -7.45 -33.08
CA VAL A 86 -20.72 -8.92 -32.88
C VAL A 86 -22.16 -9.49 -32.84
N LYS A 87 -22.43 -10.49 -33.67
CA LYS A 87 -23.74 -11.18 -33.76
C LYS A 87 -23.92 -12.06 -32.52
N ARG A 88 -25.10 -12.03 -31.91
CA ARG A 88 -25.49 -12.90 -30.77
C ARG A 88 -25.60 -14.35 -31.25
N ASN A 89 -26.30 -14.59 -32.36
CA ASN A 89 -26.66 -15.95 -32.85
C ASN A 89 -27.46 -16.66 -31.75
N ASP A 90 -28.59 -16.08 -31.36
CA ASP A 90 -29.45 -16.52 -30.23
C ASP A 90 -30.91 -16.49 -30.68
N PRO A 91 -31.38 -17.49 -31.46
CA PRO A 91 -32.75 -17.52 -31.98
C PRO A 91 -33.86 -17.22 -30.95
N ASP A 92 -33.68 -17.63 -29.69
CA ASP A 92 -34.66 -17.43 -28.59
C ASP A 92 -34.61 -15.98 -28.09
N GLY A 93 -33.43 -15.33 -28.15
CA GLY A 93 -33.15 -14.02 -27.51
C GLY A 93 -33.67 -12.84 -28.33
N PRO A 94 -33.86 -11.67 -27.69
CA PRO A 94 -34.44 -10.50 -28.37
C PRO A 94 -33.46 -9.65 -29.20
N HIS A 95 -32.16 -9.93 -29.11
CA HIS A 95 -31.07 -9.11 -29.68
C HIS A 95 -30.42 -9.84 -30.86
N SER A 96 -30.09 -9.09 -31.92
CA SER A 96 -29.41 -9.58 -33.16
C SER A 96 -27.89 -9.39 -33.02
N ASP A 97 -27.46 -8.21 -32.55
CA ASP A 97 -26.05 -7.80 -32.42
C ASP A 97 -25.82 -7.20 -31.03
N ARG A 98 -24.62 -7.43 -30.47
CA ARG A 98 -24.01 -6.55 -29.44
C ARG A 98 -22.98 -5.66 -30.13
N ILE A 99 -23.03 -4.35 -29.85
CA ILE A 99 -22.03 -3.36 -30.34
C ILE A 99 -21.11 -2.97 -29.17
N TYR A 100 -19.80 -3.05 -29.39
CA TYR A 100 -18.75 -2.53 -28.47
C TYR A 100 -18.23 -1.21 -29.05
N TYR A 101 -17.75 -0.32 -28.18
CA TYR A 101 -17.25 1.03 -28.56
C TYR A 101 -16.53 1.70 -27.38
N LEU A 102 -15.59 2.58 -27.69
CA LEU A 102 -14.95 3.50 -26.71
C LEU A 102 -15.82 4.76 -26.62
N ALA A 103 -15.91 5.35 -25.43
CA ALA A 103 -16.70 6.57 -25.16
C ALA A 103 -16.30 7.15 -23.80
N MET A 104 -16.70 8.40 -23.55
CA MET A 104 -16.54 9.11 -22.27
C MET A 104 -17.94 9.34 -21.68
N SER A 105 -18.28 8.61 -20.61
CA SER A 105 -19.63 8.60 -19.98
C SER A 105 -20.12 10.02 -19.66
N GLY A 106 -19.21 10.93 -19.29
CA GLY A 106 -19.51 12.35 -19.04
C GLY A 106 -18.25 13.20 -18.92
N GLU A 107 -18.38 14.42 -18.38
CA GLU A 107 -17.25 15.35 -18.13
C GLU A 107 -16.41 14.83 -16.95
N ASN A 108 -15.08 15.04 -17.01
CA ASN A 108 -14.11 14.63 -15.97
C ASN A 108 -14.22 13.12 -15.73
N ARG A 109 -14.26 12.34 -16.81
CA ARG A 109 -14.45 10.86 -16.77
C ARG A 109 -13.49 10.19 -17.76
N GLU A 110 -13.33 8.87 -17.64
CA GLU A 110 -12.28 8.07 -18.32
C GLU A 110 -12.85 7.50 -19.63
N ASN A 111 -12.15 7.70 -20.75
CA ASN A 111 -12.46 7.05 -22.05
C ASN A 111 -12.26 5.54 -21.88
N THR A 112 -13.36 4.76 -21.88
CA THR A 112 -13.36 3.30 -21.58
C THR A 112 -14.27 2.55 -22.56
N LEU A 113 -14.30 1.22 -22.47
CA LEU A 113 -15.10 0.33 -23.35
C LEU A 113 -16.52 0.17 -22.78
N PHE A 114 -17.52 0.48 -23.60
CA PHE A 114 -18.96 0.22 -23.33
C PHE A 114 -19.50 -0.76 -24.37
N TYR A 115 -20.66 -1.35 -24.10
CA TYR A 115 -21.44 -2.18 -25.07
C TYR A 115 -22.92 -1.82 -24.96
N SER A 116 -23.64 -1.98 -26.07
CA SER A 116 -25.12 -1.75 -26.18
C SER A 116 -25.74 -2.91 -26.97
N GLU A 117 -27.00 -3.21 -26.68
CA GLU A 117 -27.75 -4.35 -27.26
C GLU A 117 -28.62 -3.85 -28.41
N ILE A 118 -28.46 -4.43 -29.61
CA ILE A 118 -29.24 -4.11 -30.84
C ILE A 118 -30.40 -5.09 -30.95
N PRO A 119 -31.66 -4.67 -30.68
CA PRO A 119 -32.82 -5.57 -30.79
C PRO A 119 -33.08 -6.11 -32.20
N LYS A 120 -33.81 -7.22 -32.30
CA LYS A 120 -34.25 -7.85 -33.58
C LYS A 120 -35.42 -7.04 -34.15
N THR A 121 -36.20 -6.36 -33.30
CA THR A 121 -37.37 -5.51 -33.68
C THR A 121 -37.44 -4.26 -32.78
N ILE A 122 -38.11 -3.22 -33.27
CA ILE A 122 -38.29 -1.91 -32.57
C ILE A 122 -39.76 -1.48 -32.64
N ASN A 123 -40.25 -0.83 -31.58
CA ASN A 123 -41.56 -0.13 -31.55
C ASN A 123 -41.39 1.21 -32.29
N ARG A 124 -41.82 1.27 -33.55
CA ARG A 124 -41.57 2.43 -34.47
C ARG A 124 -42.41 3.64 -34.04
N ALA A 125 -43.33 3.47 -33.09
CA ALA A 125 -44.09 4.56 -32.43
C ALA A 125 -43.15 5.39 -31.54
N ALA A 126 -42.26 4.72 -30.80
CA ALA A 126 -41.30 5.34 -29.85
C ALA A 126 -39.90 5.43 -30.47
N VAL A 127 -38.98 6.11 -29.77
CA VAL A 127 -37.55 6.33 -30.18
C VAL A 127 -36.65 5.59 -29.18
N LEU A 128 -36.06 4.46 -29.61
CA LEU A 128 -35.20 3.59 -28.77
C LEU A 128 -33.88 4.31 -28.49
N MET A 129 -33.60 4.57 -27.20
CA MET A 129 -32.32 5.17 -26.71
C MET A 129 -31.50 4.08 -26.02
N LEU A 130 -30.52 3.51 -26.73
CA LEU A 130 -29.66 2.39 -26.24
C LEU A 130 -28.97 2.81 -24.95
N SER A 131 -28.97 1.94 -23.94
CA SER A 131 -28.25 2.10 -22.65
C SER A 131 -26.79 1.68 -22.84
N TRP A 132 -25.86 2.43 -22.24
CA TRP A 132 -24.40 2.15 -22.23
C TRP A 132 -24.08 1.21 -21.06
N LYS A 133 -23.73 -0.04 -21.35
CA LYS A 133 -23.26 -1.04 -20.34
C LYS A 133 -21.74 -0.98 -20.29
N PRO A 134 -21.12 -0.67 -19.12
CA PRO A 134 -19.66 -0.70 -19.01
C PRO A 134 -19.15 -2.14 -19.18
N LEU A 135 -18.22 -2.35 -20.13
CA LEU A 135 -17.62 -3.69 -20.39
C LEU A 135 -16.61 -4.03 -19.29
N LEU A 136 -15.97 -3.02 -18.69
CA LEU A 136 -14.81 -3.21 -17.75
C LEU A 136 -15.20 -2.78 -16.33
N ASP A 137 -14.64 -3.47 -15.34
CA ASP A 137 -14.75 -3.13 -13.89
C ASP A 137 -13.77 -1.99 -13.59
N LEU A 138 -14.01 -1.25 -12.50
CA LEU A 138 -13.11 -0.15 -12.04
C LEU A 138 -11.72 -0.74 -11.79
N PHE A 139 -10.70 -0.22 -12.49
CA PHE A 139 -9.32 -0.78 -12.55
C PHE A 139 -8.74 -0.90 -11.14
N GLN A 140 -8.76 0.19 -10.37
CA GLN A 140 -8.23 0.29 -8.98
C GLN A 140 -6.74 -0.08 -8.99
N ALA A 141 -5.89 0.89 -9.34
CA ALA A 141 -4.43 0.75 -9.52
C ALA A 141 -3.84 -0.16 -8.42
N THR A 142 -3.37 -1.35 -8.81
CA THR A 142 -2.77 -2.37 -7.90
C THR A 142 -1.38 -1.90 -7.45
N LEU A 143 -0.84 -2.53 -6.40
CA LEU A 143 0.39 -2.11 -5.68
C LEU A 143 0.16 -0.73 -5.04
N ASP A 144 -0.93 -0.61 -4.27
CA ASP A 144 -1.32 0.62 -3.52
C ASP A 144 -0.92 0.45 -2.05
N TYR A 145 -1.34 -0.67 -1.43
CA TYR A 145 -1.03 -1.08 -0.03
C TYR A 145 -1.15 0.13 0.90
N GLY A 146 -0.05 0.57 1.53
CA GLY A 146 -0.02 1.67 2.51
C GLY A 146 -1.04 1.48 3.62
N MET A 147 -1.53 2.57 4.20
CA MET A 147 -2.64 2.58 5.19
C MET A 147 -3.77 3.47 4.66
N TYR A 148 -3.50 4.77 4.46
CA TYR A 148 -4.41 5.77 3.87
C TYR A 148 -5.67 5.95 4.74
N SER A 149 -6.59 6.80 4.28
CA SER A 149 -7.90 7.12 4.93
C SER A 149 -8.86 7.68 3.88
N ARG A 150 -10.06 8.11 4.30
CA ARG A 150 -11.10 8.72 3.42
C ARG A 150 -10.60 10.04 2.85
N GLU A 151 -9.81 10.80 3.63
CA GLU A 151 -9.27 12.14 3.25
C GLU A 151 -8.04 11.99 2.34
N GLU A 152 -7.42 10.79 2.30
CA GLU A 152 -6.21 10.48 1.49
C GLU A 152 -6.56 9.48 0.38
N GLU A 153 -7.85 9.27 0.10
CA GLU A 153 -8.35 8.31 -0.94
C GLU A 153 -9.38 9.00 -1.85
N LEU A 154 -10.28 9.81 -1.29
CA LEU A 154 -11.28 10.61 -2.05
C LEU A 154 -10.57 11.72 -2.85
N LEU A 155 -9.36 12.12 -2.43
CA LEU A 155 -8.48 13.09 -3.15
C LEU A 155 -7.64 12.35 -4.19
N ARG A 156 -7.29 11.08 -3.93
CA ARG A 156 -6.47 10.21 -4.83
C ARG A 156 -7.27 9.80 -6.08
N GLU A 157 -8.60 9.63 -5.94
CA GLU A 157 -9.50 9.21 -7.04
C GLU A 157 -9.55 10.27 -8.15
N ARG A 158 -9.24 11.53 -7.82
CA ARG A 158 -9.18 12.67 -8.77
C ARG A 158 -7.97 12.51 -9.71
N LYS A 159 -6.91 11.84 -9.24
CA LYS A 159 -5.62 11.68 -9.97
C LYS A 159 -5.69 10.49 -10.95
N ARG A 160 -6.71 9.63 -10.83
CA ARG A 160 -6.88 8.40 -11.67
C ARG A 160 -7.96 8.62 -12.74
N ILE A 161 -8.16 9.87 -13.20
CA ILE A 161 -9.14 10.23 -14.26
C ILE A 161 -8.42 10.15 -15.62
N GLY A 162 -7.50 11.09 -15.88
CA GLY A 162 -6.80 11.24 -17.16
C GLY A 162 -5.81 10.11 -17.45
N THR A 163 -5.32 9.44 -16.39
CA THR A 163 -4.28 8.38 -16.46
C THR A 163 -4.85 7.11 -17.10
N VAL A 164 -5.79 6.44 -16.42
CA VAL A 164 -6.36 5.12 -16.84
C VAL A 164 -7.50 5.37 -17.84
N GLY A 165 -7.14 5.67 -19.09
CA GLY A 165 -8.06 5.87 -20.23
C GLY A 165 -7.61 5.08 -21.45
N ILE A 166 -8.55 4.46 -22.16
CA ILE A 166 -8.29 3.58 -23.34
C ILE A 166 -8.45 4.41 -24.62
N ALA A 167 -7.39 4.51 -25.43
CA ALA A 167 -7.34 5.29 -26.68
C ALA A 167 -7.85 4.43 -27.84
N SER A 168 -7.51 3.14 -27.84
CA SER A 168 -7.94 2.13 -28.84
C SER A 168 -7.91 0.73 -28.22
N TYR A 169 -8.42 -0.27 -28.93
CA TYR A 169 -8.42 -1.69 -28.51
C TYR A 169 -8.28 -2.59 -29.73
N ASP A 170 -7.73 -3.80 -29.52
CA ASP A 170 -7.72 -4.92 -30.47
C ASP A 170 -8.83 -5.90 -30.07
N TYR A 171 -9.28 -6.72 -31.02
CA TYR A 171 -10.29 -7.79 -30.80
C TYR A 171 -9.98 -8.96 -31.72
N HIS A 172 -10.16 -10.18 -31.22
CA HIS A 172 -9.99 -11.46 -31.97
C HIS A 172 -11.35 -12.15 -32.01
N GLN A 173 -12.05 -12.05 -33.14
CA GLN A 173 -13.44 -12.54 -33.35
C GLN A 173 -13.57 -13.98 -32.83
N GLY A 174 -12.64 -14.84 -33.24
CA GLY A 174 -12.66 -16.31 -33.01
C GLY A 174 -12.58 -16.68 -31.54
N SER A 175 -11.92 -15.87 -30.71
CA SER A 175 -11.70 -16.13 -29.25
C SER A 175 -12.50 -15.16 -28.38
N GLY A 176 -12.88 -13.99 -28.93
CA GLY A 176 -13.58 -12.92 -28.19
C GLY A 176 -12.64 -12.12 -27.30
N THR A 177 -11.33 -12.18 -27.58
CA THR A 177 -10.26 -11.55 -26.77
C THR A 177 -10.14 -10.06 -27.12
N PHE A 178 -10.34 -9.18 -26.13
CA PHE A 178 -10.03 -7.72 -26.19
C PHE A 178 -8.61 -7.49 -25.66
N LEU A 179 -7.79 -6.72 -26.39
CA LEU A 179 -6.48 -6.22 -25.90
C LEU A 179 -6.48 -4.69 -25.98
N PHE A 180 -6.00 -4.02 -24.93
CA PHE A 180 -5.97 -2.55 -24.84
C PHE A 180 -4.97 -2.11 -23.77
N GLN A 181 -4.20 -1.06 -24.05
CA GLN A 181 -3.40 -0.30 -23.06
C GLN A 181 -4.36 0.64 -22.31
N ALA A 182 -4.24 0.69 -20.98
CA ALA A 182 -4.98 1.61 -20.08
C ALA A 182 -3.99 2.16 -19.05
N GLY A 183 -3.58 3.42 -19.21
CA GLY A 183 -2.42 3.99 -18.51
C GLY A 183 -1.15 3.26 -18.89
N SER A 184 -0.41 2.73 -17.90
CA SER A 184 0.86 1.99 -18.09
C SER A 184 0.58 0.54 -18.47
N GLY A 185 -0.42 -0.08 -17.84
CA GLY A 185 -0.73 -1.52 -17.98
C GLY A 185 -1.27 -1.86 -19.37
N ILE A 186 -1.04 -3.11 -19.80
CA ILE A 186 -1.73 -3.75 -20.96
C ILE A 186 -2.63 -4.84 -20.38
N TYR A 187 -3.93 -4.77 -20.66
CA TYR A 187 -4.98 -5.64 -20.08
C TYR A 187 -5.70 -6.42 -21.18
N HIS A 188 -6.40 -7.48 -20.80
CA HIS A 188 -7.29 -8.27 -21.69
C HIS A 188 -8.54 -8.73 -20.92
N VAL A 189 -9.68 -8.78 -21.63
CA VAL A 189 -10.95 -9.43 -21.20
C VAL A 189 -11.45 -10.25 -22.40
N LYS A 190 -12.53 -11.03 -22.21
CA LYS A 190 -13.16 -11.83 -23.29
C LYS A 190 -14.68 -11.60 -23.26
N ASP A 191 -15.27 -11.46 -24.45
CA ASP A 191 -16.74 -11.28 -24.64
C ASP A 191 -17.07 -11.46 -26.11
N GLY A 192 -18.12 -12.22 -26.41
CA GLY A 192 -18.69 -12.38 -27.77
C GLY A 192 -18.10 -13.57 -28.52
N GLY A 193 -17.08 -14.23 -27.97
CA GLY A 193 -16.47 -15.44 -28.55
C GLY A 193 -17.20 -16.71 -28.10
N PRO A 194 -16.55 -17.89 -28.15
CA PRO A 194 -17.13 -19.13 -27.63
C PRO A 194 -17.64 -19.05 -26.17
N GLN A 195 -17.02 -18.22 -25.34
CA GLN A 195 -17.35 -18.07 -23.89
C GLN A 195 -18.72 -17.40 -23.72
N GLY A 196 -19.17 -16.61 -24.70
CA GLY A 196 -20.51 -15.99 -24.72
C GLY A 196 -20.47 -14.51 -24.37
N PHE A 197 -21.55 -13.99 -23.79
CA PHE A 197 -21.81 -12.54 -23.56
C PHE A 197 -22.11 -12.27 -22.08
N THR A 198 -21.25 -11.49 -21.42
CA THR A 198 -21.40 -11.06 -20.01
C THR A 198 -22.62 -10.15 -19.88
N GLN A 199 -23.26 -10.15 -18.70
CA GLN A 199 -24.37 -9.22 -18.33
C GLN A 199 -23.87 -8.22 -17.28
N GLN A 200 -22.59 -8.31 -16.91
CA GLN A 200 -21.96 -7.47 -15.85
C GLN A 200 -20.56 -7.05 -16.29
N PRO A 201 -20.03 -5.94 -15.75
CA PRO A 201 -18.66 -5.50 -16.05
C PRO A 201 -17.63 -6.61 -15.78
N LEU A 202 -16.69 -6.82 -16.71
CA LEU A 202 -15.59 -7.81 -16.60
C LEU A 202 -14.37 -7.15 -15.96
N ARG A 203 -13.61 -7.92 -15.19
CA ARG A 203 -12.34 -7.49 -14.55
C ARG A 203 -11.23 -7.58 -15.59
N PRO A 204 -10.54 -6.46 -15.92
CA PRO A 204 -9.44 -6.50 -16.87
C PRO A 204 -8.23 -7.25 -16.28
N ASN A 205 -7.64 -8.15 -17.07
CA ASN A 205 -6.52 -9.03 -16.66
C ASN A 205 -5.19 -8.40 -17.10
N LEU A 206 -4.42 -7.86 -16.15
CA LEU A 206 -3.08 -7.27 -16.39
C LEU A 206 -2.18 -8.33 -17.04
N VAL A 207 -1.63 -8.02 -18.22
CA VAL A 207 -0.50 -8.76 -18.84
C VAL A 207 0.77 -8.38 -18.04
N GLU A 208 1.30 -9.32 -17.25
CA GLU A 208 2.47 -9.10 -16.37
C GLU A 208 3.72 -8.96 -17.26
N THR A 209 4.74 -8.26 -16.77
CA THR A 209 5.98 -7.97 -17.53
C THR A 209 7.17 -7.82 -16.57
N SER A 210 8.39 -8.04 -17.10
CA SER A 210 9.69 -7.77 -16.43
C SER A 210 10.28 -6.45 -16.96
N CYS A 211 9.67 -5.89 -18.01
CA CYS A 211 10.13 -4.65 -18.70
C CYS A 211 10.07 -3.47 -17.73
N PRO A 212 11.19 -2.72 -17.55
CA PRO A 212 11.22 -1.63 -16.59
C PRO A 212 10.40 -0.39 -16.98
N ASN A 213 10.24 -0.14 -18.29
CA ASN A 213 9.63 1.10 -18.83
C ASN A 213 8.22 0.83 -19.35
N ILE A 214 7.50 1.91 -19.68
CA ILE A 214 6.12 1.90 -20.25
C ILE A 214 6.13 1.09 -21.56
N ARG A 215 5.21 0.12 -21.69
CA ARG A 215 4.99 -0.65 -22.94
C ARG A 215 3.97 0.11 -23.80
N MET A 216 4.30 0.33 -25.08
CA MET A 216 3.47 1.09 -26.05
C MET A 216 2.98 0.14 -27.16
N ASP A 217 1.86 0.51 -27.80
CA ASP A 217 1.36 -0.05 -29.10
C ASP A 217 1.14 -1.55 -28.97
N PRO A 218 0.32 -2.01 -28.01
CA PRO A 218 -0.02 -3.44 -27.90
C PRO A 218 -0.95 -3.91 -29.02
N LYS A 219 -0.68 -5.09 -29.58
CA LYS A 219 -1.48 -5.69 -30.68
C LYS A 219 -1.62 -7.21 -30.46
N LEU A 220 -2.85 -7.72 -30.52
CA LEU A 220 -3.14 -9.18 -30.56
C LEU A 220 -2.56 -9.77 -31.85
N CYS A 221 -2.00 -10.98 -31.77
CA CYS A 221 -1.61 -11.80 -32.94
C CYS A 221 -2.88 -12.42 -33.52
N PRO A 222 -3.32 -12.05 -34.74
CA PRO A 222 -4.57 -12.56 -35.30
C PRO A 222 -4.60 -14.09 -35.47
N ALA A 223 -3.42 -14.72 -35.56
CA ALA A 223 -3.25 -16.17 -35.80
C ALA A 223 -3.23 -16.96 -34.48
N ASP A 224 -3.10 -16.27 -33.34
CA ASP A 224 -2.99 -16.91 -32.00
C ASP A 224 -3.18 -15.84 -30.91
N PRO A 225 -4.40 -15.70 -30.35
CA PRO A 225 -4.69 -14.61 -29.41
C PRO A 225 -4.17 -14.83 -27.97
N ASP A 226 -3.34 -15.85 -27.76
CA ASP A 226 -2.53 -16.02 -26.51
C ASP A 226 -1.31 -15.10 -26.61
N TRP A 227 -0.83 -14.82 -27.82
CA TRP A 227 0.38 -14.00 -28.10
C TRP A 227 -0.03 -12.54 -28.39
N ILE A 228 0.62 -11.60 -27.71
CA ILE A 228 0.57 -10.14 -28.04
C ILE A 228 2.00 -9.70 -28.35
N ALA A 229 2.13 -8.56 -29.04
CA ALA A 229 3.40 -7.82 -29.24
C ALA A 229 3.23 -6.42 -28.66
N PHE A 230 4.33 -5.74 -28.36
CA PHE A 230 4.35 -4.33 -27.91
C PHE A 230 5.75 -3.75 -28.10
N ILE A 231 5.84 -2.43 -28.05
CA ILE A 231 7.13 -1.67 -28.12
C ILE A 231 7.55 -1.33 -26.69
N HIS A 232 8.84 -1.52 -26.39
CA HIS A 232 9.48 -1.10 -25.13
C HIS A 232 10.87 -0.54 -25.48
N SER A 233 11.14 0.70 -25.07
CA SER A 233 12.41 1.42 -25.36
C SER A 233 12.84 1.14 -26.82
N ASN A 234 11.93 1.39 -27.77
CA ASN A 234 12.18 1.45 -29.23
C ASN A 234 12.61 0.08 -29.78
N ASP A 235 12.16 -1.01 -29.14
CA ASP A 235 12.40 -2.40 -29.59
C ASP A 235 11.09 -3.19 -29.45
N ILE A 236 10.93 -4.23 -30.27
CA ILE A 236 9.69 -5.06 -30.34
C ILE A 236 9.84 -6.24 -29.37
N TRP A 237 8.85 -6.41 -28.48
CA TRP A 237 8.71 -7.56 -27.55
C TRP A 237 7.47 -8.37 -27.93
N ILE A 238 7.42 -9.64 -27.53
CA ILE A 238 6.18 -10.46 -27.54
C ILE A 238 5.97 -11.04 -26.13
N SER A 239 4.72 -11.31 -25.77
CA SER A 239 4.30 -11.79 -24.43
C SER A 239 3.10 -12.71 -24.59
N ASN A 240 3.08 -13.83 -23.87
CA ASN A 240 2.01 -14.85 -23.89
C ASN A 240 1.12 -14.64 -22.67
N ILE A 241 -0.16 -14.31 -22.86
CA ILE A 241 -1.08 -13.90 -21.77
C ILE A 241 -1.57 -15.13 -20.99
N VAL A 242 -1.21 -16.34 -21.44
CA VAL A 242 -1.55 -17.63 -20.78
C VAL A 242 -0.31 -18.21 -20.09
N THR A 243 0.80 -18.39 -20.83
CA THR A 243 2.04 -19.04 -20.33
C THR A 243 2.92 -18.03 -19.59
N ARG A 244 2.69 -16.73 -19.79
CA ARG A 244 3.41 -15.58 -19.16
C ARG A 244 4.81 -15.42 -19.76
N GLU A 245 5.14 -16.16 -20.83
CA GLU A 245 6.47 -16.09 -21.48
C GLU A 245 6.62 -14.71 -22.15
N GLU A 246 7.72 -14.01 -21.85
CA GLU A 246 8.03 -12.66 -22.38
C GLU A 246 9.41 -12.73 -23.07
N ARG A 247 9.50 -12.17 -24.28
CA ARG A 247 10.67 -12.35 -25.18
C ARG A 247 10.88 -11.08 -26.01
N ARG A 248 12.06 -10.48 -25.91
CA ARG A 248 12.51 -9.33 -26.72
C ARG A 248 12.92 -9.85 -28.11
N LEU A 249 12.38 -9.27 -29.18
CA LEU A 249 12.59 -9.72 -30.59
C LEU A 249 13.73 -8.92 -31.24
N THR A 250 13.86 -7.63 -30.92
CA THR A 250 14.82 -6.69 -31.55
C THR A 250 15.76 -6.14 -30.48
N TYR A 251 17.05 -6.03 -30.82
CA TYR A 251 18.15 -5.55 -29.92
C TYR A 251 18.82 -4.36 -30.62
N VAL A 252 18.01 -3.42 -31.08
CA VAL A 252 18.38 -2.29 -31.99
C VAL A 252 18.72 -1.04 -31.17
N HIS A 253 18.09 -0.87 -30.00
CA HIS A 253 18.21 0.34 -29.14
C HIS A 253 18.70 -0.05 -27.74
N ASN A 254 19.62 0.74 -27.18
CA ASN A 254 20.09 0.65 -25.76
C ASN A 254 19.72 1.95 -25.04
N GLU A 255 18.84 1.87 -24.05
CA GLU A 255 18.25 3.02 -23.31
C GLU A 255 19.34 3.82 -22.58
N LEU A 256 20.41 3.14 -22.12
CA LEU A 256 21.51 3.76 -21.33
C LEU A 256 22.32 4.72 -22.21
N ALA A 257 22.46 4.42 -23.51
CA ALA A 257 23.32 5.14 -24.47
C ALA A 257 22.70 6.50 -24.82
N ASN A 258 23.54 7.45 -25.26
CA ASN A 258 23.13 8.80 -25.74
C ASN A 258 22.40 8.66 -27.08
N MET A 259 21.49 9.60 -27.37
CA MET A 259 20.67 9.60 -28.61
C MET A 259 21.55 10.06 -29.80
N GLU A 260 22.62 10.81 -29.52
CA GLU A 260 23.67 11.17 -30.51
C GLU A 260 24.32 9.90 -31.06
N GLU A 261 24.58 8.92 -30.19
CA GLU A 261 25.21 7.61 -30.53
C GLU A 261 24.12 6.63 -31.00
N ASP A 262 23.06 6.44 -30.19
CA ASP A 262 21.99 5.42 -30.39
C ASP A 262 20.81 6.07 -31.12
N ALA A 263 20.78 5.95 -32.45
CA ALA A 263 19.81 6.62 -33.35
C ALA A 263 18.90 5.60 -34.03
N ARG A 264 18.89 4.35 -33.55
CA ARG A 264 18.16 3.22 -34.20
C ARG A 264 16.94 2.82 -33.35
N SER A 265 15.86 2.43 -34.03
CA SER A 265 14.55 2.03 -33.44
C SER A 265 13.87 1.00 -34.36
N ALA A 266 12.97 0.19 -33.80
CA ALA A 266 12.24 -0.87 -34.52
C ALA A 266 10.77 -0.88 -34.09
N GLY A 267 9.85 -0.95 -35.06
CA GLY A 267 8.40 -1.09 -34.83
C GLY A 267 7.73 0.22 -34.46
N VAL A 268 8.44 1.35 -34.57
CA VAL A 268 7.95 2.70 -34.22
C VAL A 268 8.16 3.64 -35.41
N ALA A 269 7.12 4.37 -35.82
CA ALA A 269 7.17 5.44 -36.84
C ALA A 269 7.96 6.63 -36.28
N THR A 270 8.87 7.20 -37.07
CA THR A 270 9.70 8.39 -36.72
C THR A 270 8.81 9.64 -36.78
N PHE A 271 9.36 10.78 -36.36
CA PHE A 271 8.63 12.08 -36.20
C PHE A 271 7.74 12.38 -37.42
N VAL A 272 8.34 12.44 -38.61
CA VAL A 272 7.68 12.93 -39.86
C VAL A 272 6.49 12.04 -40.19
N LEU A 273 6.61 10.72 -40.04
CA LEU A 273 5.55 9.75 -40.38
C LEU A 273 4.35 9.93 -39.44
N GLN A 274 4.61 10.16 -38.15
CA GLN A 274 3.53 10.42 -37.15
C GLN A 274 2.88 11.78 -37.46
N GLU A 275 3.68 12.83 -37.61
CA GLU A 275 3.19 14.23 -37.69
C GLU A 275 2.69 14.57 -39.09
N GLU A 276 3.25 13.99 -40.16
CA GLU A 276 2.97 14.44 -41.56
C GLU A 276 2.27 13.37 -42.40
N PHE A 277 2.25 12.10 -41.98
CA PHE A 277 1.65 10.98 -42.76
C PHE A 277 0.64 10.19 -41.91
N ASP A 278 0.30 10.68 -40.73
CA ASP A 278 -0.72 10.08 -39.82
C ASP A 278 -0.51 8.56 -39.72
N ARG A 279 0.73 8.13 -39.46
CA ARG A 279 1.09 6.70 -39.19
C ARG A 279 1.92 6.64 -37.90
N TYR A 280 1.49 5.81 -36.95
CA TYR A 280 2.04 5.74 -35.57
C TYR A 280 2.70 4.37 -35.33
N SER A 281 2.08 3.29 -35.80
CA SER A 281 2.58 1.89 -35.66
C SER A 281 3.60 1.59 -36.75
N GLY A 282 4.67 0.85 -36.39
CA GLY A 282 5.78 0.50 -37.30
C GLY A 282 5.99 -1.00 -37.43
N TYR A 283 5.04 -1.81 -36.95
CA TYR A 283 5.10 -3.30 -37.01
C TYR A 283 3.70 -3.86 -37.23
N TRP A 284 3.62 -5.01 -37.93
CA TRP A 284 2.35 -5.66 -38.34
C TRP A 284 2.49 -7.18 -38.22
N TRP A 285 1.64 -7.80 -37.36
CA TRP A 285 1.50 -9.28 -37.25
C TRP A 285 1.08 -9.83 -38.62
N CYS A 286 1.69 -10.95 -39.04
CA CYS A 286 1.13 -11.82 -40.11
C CYS A 286 -0.19 -12.39 -39.58
N PRO A 287 -1.30 -12.31 -40.34
CA PRO A 287 -2.61 -12.71 -39.83
C PRO A 287 -2.84 -14.23 -39.76
N LYS A 288 -1.94 -15.02 -40.37
CA LYS A 288 -2.01 -16.50 -40.41
C LYS A 288 -0.67 -17.09 -39.94
N ALA A 289 -0.71 -18.21 -39.22
CA ALA A 289 0.46 -18.98 -38.75
C ALA A 289 0.76 -20.12 -39.72
N GLU A 290 2.03 -20.49 -39.85
CA GLU A 290 2.52 -21.62 -40.68
C GLU A 290 2.79 -22.82 -39.77
N THR A 291 2.02 -23.90 -39.92
CA THR A 291 2.15 -25.17 -39.15
C THR A 291 3.47 -25.85 -39.53
N THR A 292 4.30 -26.20 -38.52
CA THR A 292 5.61 -26.86 -38.70
C THR A 292 5.42 -28.38 -38.71
N PRO A 293 6.40 -29.17 -39.22
CA PRO A 293 6.38 -30.62 -39.11
C PRO A 293 6.30 -31.15 -37.67
N SER A 294 6.82 -30.38 -36.69
CA SER A 294 6.90 -30.75 -35.25
C SER A 294 5.52 -30.73 -34.58
N GLY A 295 4.50 -30.18 -35.25
CA GLY A 295 3.14 -29.98 -34.69
C GLY A 295 3.02 -28.63 -33.99
N GLY A 296 4.02 -27.76 -34.15
CA GLY A 296 4.03 -26.36 -33.68
C GLY A 296 3.64 -25.41 -34.80
N LYS A 297 4.11 -24.16 -34.75
CA LYS A 297 3.81 -23.12 -35.77
C LYS A 297 4.89 -22.02 -35.79
N ILE A 298 4.94 -21.28 -36.90
CA ILE A 298 5.81 -20.08 -37.10
C ILE A 298 4.89 -18.85 -37.17
N LEU A 299 5.02 -17.94 -36.21
CA LEU A 299 4.38 -16.60 -36.21
C LEU A 299 5.38 -15.58 -36.77
N ARG A 300 4.90 -14.60 -37.54
CA ARG A 300 5.74 -13.61 -38.23
C ARG A 300 5.29 -12.19 -37.87
N ILE A 301 6.25 -11.28 -37.70
CA ILE A 301 6.03 -9.82 -37.54
C ILE A 301 6.89 -9.09 -38.56
N LEU A 302 6.26 -8.46 -39.56
CA LEU A 302 6.91 -7.43 -40.43
C LEU A 302 7.07 -6.18 -39.59
N TYR A 303 8.23 -5.51 -39.66
CA TYR A 303 8.46 -4.23 -38.95
C TYR A 303 9.42 -3.33 -39.73
N GLU A 304 9.21 -2.03 -39.58
CA GLU A 304 10.11 -0.93 -40.02
C GLU A 304 11.26 -0.82 -39.01
N GLU A 305 12.50 -0.83 -39.50
CA GLU A 305 13.71 -0.49 -38.70
C GLU A 305 14.26 0.83 -39.23
N ASN A 306 14.36 1.84 -38.35
CA ASN A 306 14.81 3.22 -38.70
C ASN A 306 16.18 3.48 -38.09
N ASP A 307 17.08 4.09 -38.87
CA ASP A 307 18.37 4.67 -38.40
C ASP A 307 18.32 6.18 -38.66
N GLU A 308 18.29 6.98 -37.59
CA GLU A 308 18.18 8.46 -37.65
C GLU A 308 19.57 9.09 -37.45
N SER A 309 20.65 8.35 -37.72
CA SER A 309 22.06 8.76 -37.49
C SER A 309 22.37 10.05 -38.26
N GLU A 310 21.95 10.13 -39.53
CA GLU A 310 22.30 11.23 -40.47
C GLU A 310 21.22 12.31 -40.46
N VAL A 311 20.17 12.14 -39.63
CA VAL A 311 19.07 13.13 -39.46
C VAL A 311 19.56 14.23 -38.51
N GLU A 312 19.32 15.49 -38.84
CA GLU A 312 19.78 16.66 -38.05
C GLU A 312 19.21 16.58 -36.63
N ILE A 313 20.04 16.90 -35.63
CA ILE A 313 19.65 16.97 -34.20
C ILE A 313 19.38 18.43 -33.85
N ILE A 314 18.18 18.73 -33.38
CA ILE A 314 17.81 20.07 -32.83
C ILE A 314 17.53 19.92 -31.33
N HIS A 315 17.56 21.03 -30.61
CA HIS A 315 17.35 21.10 -29.13
C HIS A 315 16.09 21.92 -28.84
N VAL A 316 15.05 21.27 -28.30
CA VAL A 316 13.81 21.94 -27.80
C VAL A 316 13.93 22.05 -26.28
N THR A 317 13.57 23.20 -25.70
CA THR A 317 13.67 23.48 -24.25
C THR A 317 12.98 22.37 -23.46
N SER A 318 13.62 21.90 -22.38
CA SER A 318 13.08 20.84 -21.47
C SER A 318 11.88 21.40 -20.72
N PRO A 319 10.76 20.64 -20.61
CA PRO A 319 9.58 21.11 -19.87
C PRO A 319 9.90 21.47 -18.42
N MET A 320 10.88 20.78 -17.82
CA MET A 320 11.40 21.04 -16.45
C MET A 320 12.26 22.32 -16.50
N LEU A 321 11.63 23.48 -16.63
CA LEU A 321 12.26 24.81 -16.90
C LEU A 321 13.36 25.11 -15.88
N GLU A 322 13.27 24.58 -14.65
CA GLU A 322 14.24 24.84 -13.55
C GLU A 322 15.62 24.27 -13.92
N THR A 323 15.66 23.15 -14.64
CA THR A 323 16.90 22.45 -15.10
C THR A 323 17.66 23.37 -16.07
N ARG A 324 16.94 24.23 -16.80
CA ARG A 324 17.48 25.14 -17.84
C ARG A 324 18.22 24.30 -18.88
N ARG A 325 17.66 23.12 -19.19
CA ARG A 325 18.21 22.11 -20.13
C ARG A 325 17.32 22.04 -21.37
N ALA A 326 17.81 21.38 -22.43
CA ALA A 326 17.08 21.13 -23.69
C ALA A 326 17.15 19.64 -24.03
N ASP A 327 16.08 19.09 -24.60
CA ASP A 327 16.00 17.69 -25.08
C ASP A 327 16.52 17.64 -26.53
N SER A 328 17.43 16.71 -26.82
CA SER A 328 17.90 16.39 -28.19
C SER A 328 16.76 15.68 -28.95
N PHE A 329 16.57 16.03 -30.21
CA PHE A 329 15.41 15.63 -31.06
C PHE A 329 15.89 15.46 -32.50
N ARG A 330 15.46 14.38 -33.17
CA ARG A 330 15.77 14.10 -34.60
C ARG A 330 14.69 14.74 -35.48
N TYR A 331 14.97 15.91 -36.06
CA TYR A 331 14.03 16.69 -36.90
C TYR A 331 14.58 16.80 -38.32
N PRO A 332 14.03 16.06 -39.30
CA PRO A 332 14.45 16.19 -40.69
C PRO A 332 13.93 17.49 -41.28
N LYS A 333 14.73 18.57 -41.21
CA LYS A 333 14.39 19.89 -41.79
C LYS A 333 14.45 19.76 -43.32
N THR A 334 13.56 20.46 -44.03
CA THR A 334 13.41 20.36 -45.51
C THR A 334 14.78 20.53 -46.17
N GLY A 335 15.11 19.65 -47.12
CA GLY A 335 16.37 19.67 -47.89
C GLY A 335 17.42 18.71 -47.35
N THR A 336 17.27 18.23 -46.10
CA THR A 336 18.28 17.37 -45.41
C THR A 336 17.80 15.91 -45.39
N ALA A 337 18.57 15.02 -44.75
CA ALA A 337 18.39 13.56 -44.77
C ALA A 337 17.17 13.14 -43.92
N ASN A 338 16.31 12.31 -44.50
CA ASN A 338 15.26 11.55 -43.76
C ASN A 338 15.94 10.34 -43.13
N PRO A 339 15.30 9.65 -42.15
CA PRO A 339 15.82 8.41 -41.61
C PRO A 339 16.17 7.38 -42.70
N LYS A 340 17.16 6.52 -42.42
CA LYS A 340 17.45 5.31 -43.23
C LYS A 340 16.45 4.23 -42.82
N VAL A 341 15.49 3.92 -43.69
CA VAL A 341 14.39 2.94 -43.42
C VAL A 341 14.66 1.65 -44.20
N THR A 342 14.32 0.52 -43.60
CA THR A 342 14.31 -0.82 -44.26
C THR A 342 13.17 -1.65 -43.66
N PHE A 343 12.77 -2.72 -44.36
CA PHE A 343 11.86 -3.76 -43.82
C PHE A 343 12.72 -4.85 -43.16
N LYS A 344 12.21 -5.39 -42.06
CA LYS A 344 12.75 -6.58 -41.36
C LYS A 344 11.58 -7.51 -41.09
N MET A 345 11.85 -8.81 -40.89
CA MET A 345 10.81 -9.78 -40.42
C MET A 345 11.37 -10.60 -39.26
N SER A 346 10.61 -10.66 -38.17
CA SER A 346 10.88 -11.53 -36.99
C SER A 346 10.12 -12.84 -37.19
N GLU A 347 10.86 -13.95 -37.34
CA GLU A 347 10.31 -15.32 -37.53
C GLU A 347 10.34 -16.01 -36.16
N ILE A 348 9.16 -16.32 -35.60
CA ILE A 348 8.98 -16.79 -34.19
C ILE A 348 8.46 -18.23 -34.20
N MET A 349 9.36 -19.20 -33.98
CA MET A 349 9.03 -20.66 -33.93
C MET A 349 8.47 -21.00 -32.55
N ILE A 350 7.20 -21.43 -32.50
CA ILE A 350 6.46 -21.87 -31.27
C ILE A 350 6.21 -23.39 -31.39
N ASP A 351 6.37 -24.13 -30.29
CA ASP A 351 6.13 -25.60 -30.23
C ASP A 351 4.63 -25.85 -29.98
N ALA A 352 4.21 -27.12 -30.01
CA ALA A 352 2.80 -27.56 -29.91
C ALA A 352 2.19 -27.14 -28.58
N GLU A 353 3.02 -26.90 -27.56
CA GLU A 353 2.58 -26.55 -26.17
C GLU A 353 2.52 -25.02 -26.01
N GLY A 354 3.03 -24.26 -26.99
CA GLY A 354 2.92 -22.78 -27.03
C GLY A 354 4.13 -22.08 -26.43
N ARG A 355 5.26 -22.79 -26.30
CA ARG A 355 6.54 -22.24 -25.79
C ARG A 355 7.43 -21.86 -26.98
N ILE A 356 8.21 -20.80 -26.86
CA ILE A 356 9.14 -20.32 -27.92
C ILE A 356 10.28 -21.33 -28.07
N ILE A 357 10.45 -21.88 -29.28
CA ILE A 357 11.61 -22.73 -29.68
C ILE A 357 12.79 -21.82 -29.94
N ASP A 358 12.64 -20.90 -30.92
CA ASP A 358 13.71 -19.98 -31.37
C ASP A 358 13.07 -18.73 -31.98
N VAL A 359 13.84 -17.65 -32.11
CA VAL A 359 13.46 -16.38 -32.80
C VAL A 359 14.58 -16.03 -33.79
N ILE A 360 14.25 -16.00 -35.09
CA ILE A 360 15.20 -15.65 -36.17
C ILE A 360 14.80 -14.27 -36.71
N ASP A 361 15.65 -13.26 -36.49
CA ASP A 361 15.51 -11.92 -37.11
C ASP A 361 16.05 -12.01 -38.54
N LYS A 362 15.30 -11.48 -39.52
CA LYS A 362 15.61 -11.59 -40.96
C LYS A 362 15.62 -10.18 -41.58
N GLU A 363 16.55 -9.92 -42.50
CA GLU A 363 16.65 -8.65 -43.28
C GLU A 363 16.33 -8.95 -44.75
N LEU A 364 16.18 -7.89 -45.56
CA LEU A 364 15.92 -8.02 -47.02
C LEU A 364 17.15 -8.62 -47.70
N ILE A 365 16.95 -9.50 -48.68
CA ILE A 365 18.01 -10.22 -49.43
C ILE A 365 18.97 -9.20 -50.07
N GLN A 366 18.44 -8.07 -50.54
CA GLN A 366 19.20 -6.92 -51.09
C GLN A 366 18.81 -5.66 -50.32
N PRO A 367 19.66 -4.60 -50.32
CA PRO A 367 19.32 -3.34 -49.65
C PRO A 367 17.96 -2.75 -50.10
N PHE A 368 17.26 -2.09 -49.18
CA PHE A 368 15.95 -1.42 -49.40
C PHE A 368 16.05 -0.47 -50.60
N GLU A 369 17.16 0.26 -50.69
CA GLU A 369 17.43 1.30 -51.73
C GLU A 369 17.48 0.65 -53.12
N ILE A 370 17.97 -0.60 -53.21
CA ILE A 370 18.10 -1.36 -54.48
C ILE A 370 16.73 -1.91 -54.89
N LEU A 371 16.04 -2.59 -53.97
CA LEU A 371 14.74 -3.28 -54.22
C LEU A 371 13.63 -2.26 -54.46
N PHE A 372 13.64 -1.13 -53.74
CA PHE A 372 12.59 -0.08 -53.81
C PHE A 372 13.24 1.24 -54.24
N GLU A 373 13.82 1.25 -55.45
CA GLU A 373 14.47 2.42 -56.09
C GLU A 373 13.62 3.68 -55.86
N GLY A 374 14.24 4.76 -55.36
CA GLY A 374 13.67 6.11 -55.30
C GLY A 374 12.56 6.24 -54.27
N VAL A 375 12.45 5.31 -53.32
CA VAL A 375 11.44 5.34 -52.22
C VAL A 375 12.07 6.00 -50.99
N GLU A 376 11.44 7.06 -50.47
CA GLU A 376 11.89 7.81 -49.26
C GLU A 376 11.04 7.43 -48.05
N TYR A 377 9.74 7.27 -48.23
CA TYR A 377 8.75 7.08 -47.12
C TYR A 377 8.01 5.75 -47.28
N ILE A 378 7.94 5.00 -46.17
CA ILE A 378 6.96 3.89 -45.98
C ILE A 378 5.70 4.53 -45.37
N ALA A 379 4.72 4.89 -46.21
CA ALA A 379 3.50 5.61 -45.83
C ALA A 379 2.55 4.68 -45.06
N ARG A 380 2.39 3.45 -45.56
CA ARG A 380 1.45 2.43 -45.01
C ARG A 380 2.04 1.04 -45.26
N ALA A 381 1.69 0.06 -44.43
CA ALA A 381 2.10 -1.35 -44.59
C ALA A 381 1.09 -2.27 -43.89
N GLY A 382 1.11 -3.56 -44.25
CA GLY A 382 0.20 -4.58 -43.71
C GLY A 382 0.43 -5.92 -44.36
N TRP A 383 -0.59 -6.78 -44.32
CA TRP A 383 -0.58 -8.15 -44.90
C TRP A 383 -1.84 -8.37 -45.75
N THR A 384 -1.74 -9.23 -46.76
CA THR A 384 -2.92 -9.77 -47.49
C THR A 384 -3.70 -10.64 -46.51
N PRO A 385 -5.04 -10.81 -46.68
CA PRO A 385 -5.84 -11.56 -45.72
C PRO A 385 -5.30 -12.96 -45.38
N GLU A 386 -4.72 -13.66 -46.36
CA GLU A 386 -4.14 -15.03 -46.21
C GLU A 386 -2.75 -14.93 -45.56
N GLY A 387 -2.15 -13.74 -45.55
CA GLY A 387 -0.80 -13.50 -45.00
C GLY A 387 0.28 -14.09 -45.88
N LYS A 388 -0.03 -14.35 -47.16
CA LYS A 388 0.94 -14.91 -48.14
C LYS A 388 1.95 -13.82 -48.51
N TYR A 389 1.47 -12.59 -48.70
CA TYR A 389 2.28 -11.39 -49.02
C TYR A 389 2.10 -10.33 -47.94
N ALA A 390 3.20 -9.66 -47.58
CA ALA A 390 3.20 -8.33 -46.92
C ALA A 390 3.03 -7.27 -48.02
N TRP A 391 2.21 -6.25 -47.79
CA TRP A 391 2.02 -5.12 -48.73
C TRP A 391 2.54 -3.83 -48.09
N SER A 392 2.82 -2.82 -48.92
CA SER A 392 3.27 -1.47 -48.49
C SER A 392 2.90 -0.44 -49.57
N ILE A 393 2.45 0.75 -49.13
CA ILE A 393 2.28 1.95 -49.98
C ILE A 393 3.53 2.82 -49.81
N LEU A 394 4.37 2.88 -50.84
CA LEU A 394 5.71 3.54 -50.82
C LEU A 394 5.66 4.86 -51.59
N LEU A 395 6.42 5.86 -51.13
CA LEU A 395 6.47 7.23 -51.71
C LEU A 395 7.91 7.61 -52.06
N ASP A 396 8.08 8.36 -53.15
CA ASP A 396 9.35 9.03 -53.52
C ASP A 396 9.44 10.35 -52.74
N ARG A 397 10.64 10.95 -52.69
CA ARG A 397 10.92 12.17 -51.89
C ARG A 397 9.97 13.32 -52.28
N SER A 398 9.71 13.48 -53.59
CA SER A 398 8.87 14.57 -54.15
C SER A 398 7.40 14.35 -53.81
N GLN A 399 7.03 13.11 -53.45
CA GLN A 399 5.66 12.69 -53.06
C GLN A 399 4.73 12.89 -54.26
N THR A 400 5.25 12.61 -55.46
CA THR A 400 4.52 12.67 -56.76
C THR A 400 4.38 11.27 -57.36
N ARG A 401 5.11 10.28 -56.84
CA ARG A 401 5.00 8.85 -57.25
C ARG A 401 4.63 7.98 -56.05
N LEU A 402 3.44 7.37 -56.09
CA LEU A 402 2.98 6.33 -55.12
C LEU A 402 3.15 4.95 -55.78
N GLN A 403 3.62 3.97 -55.01
CA GLN A 403 3.71 2.55 -55.42
C GLN A 403 3.02 1.68 -54.36
N ILE A 404 2.24 0.69 -54.79
CA ILE A 404 1.73 -0.41 -53.92
C ILE A 404 2.55 -1.66 -54.25
N VAL A 405 3.29 -2.19 -53.28
CA VAL A 405 4.27 -3.29 -53.48
C VAL A 405 3.90 -4.47 -52.57
N LEU A 406 3.76 -5.66 -53.16
CA LEU A 406 3.68 -6.95 -52.42
C LEU A 406 5.10 -7.42 -52.14
N ILE A 407 5.39 -7.78 -50.88
CA ILE A 407 6.72 -8.26 -50.40
C ILE A 407 6.53 -9.66 -49.85
N SER A 408 7.07 -10.68 -50.54
CA SER A 408 7.06 -12.09 -50.10
C SER A 408 7.92 -12.22 -48.84
N PRO A 409 7.51 -13.01 -47.82
CA PRO A 409 8.39 -13.36 -46.71
C PRO A 409 9.71 -14.01 -47.19
N GLU A 410 9.69 -14.66 -48.36
CA GLU A 410 10.85 -15.36 -48.97
C GLU A 410 11.99 -14.38 -49.28
N LEU A 411 11.68 -13.08 -49.45
CA LEU A 411 12.69 -12.01 -49.70
C LEU A 411 13.60 -11.81 -48.48
N PHE A 412 13.19 -12.29 -47.30
CA PHE A 412 13.91 -12.09 -46.02
C PHE A 412 14.78 -13.31 -45.69
N ILE A 413 16.06 -13.06 -45.37
CA ILE A 413 17.05 -14.10 -44.97
C ILE A 413 17.58 -13.75 -43.58
N PRO A 414 18.02 -14.74 -42.77
CA PRO A 414 18.57 -14.46 -41.44
C PRO A 414 19.70 -13.42 -41.49
N VAL A 415 19.81 -12.61 -40.44
CA VAL A 415 20.91 -11.61 -40.26
C VAL A 415 22.19 -12.39 -39.95
N GLU A 416 23.24 -12.20 -40.75
CA GLU A 416 24.55 -12.89 -40.60
C GLU A 416 25.69 -11.86 -40.74
N ASP A 417 26.62 -11.84 -39.79
CA ASP A 417 27.85 -11.02 -39.82
C ASP A 417 28.85 -11.69 -40.78
N ASP A 418 28.96 -13.02 -40.71
CA ASP A 418 29.86 -13.85 -41.55
C ASP A 418 29.42 -13.73 -43.01
N VAL A 419 30.23 -13.06 -43.84
CA VAL A 419 29.96 -12.80 -45.29
C VAL A 419 29.94 -14.13 -46.06
N MET A 420 30.70 -15.13 -45.59
CA MET A 420 30.74 -16.51 -46.16
C MET A 420 29.35 -17.14 -46.06
N GLU A 421 28.81 -17.26 -44.83
CA GLU A 421 27.48 -17.85 -44.53
C GLU A 421 26.39 -16.99 -45.15
N ARG A 422 26.58 -15.67 -45.17
CA ARG A 422 25.59 -14.67 -45.70
C ARG A 422 25.40 -14.87 -47.21
N GLN A 423 26.51 -15.05 -47.94
CA GLN A 423 26.51 -15.23 -49.42
C GLN A 423 25.82 -16.55 -49.77
N ARG A 424 25.89 -17.55 -48.89
CA ARG A 424 25.20 -18.86 -49.05
C ARG A 424 23.68 -18.65 -49.01
N LEU A 425 23.20 -17.85 -48.05
CA LEU A 425 21.75 -17.58 -47.82
C LEU A 425 21.16 -16.84 -49.03
N ILE A 426 21.88 -15.86 -49.58
CA ILE A 426 21.45 -15.06 -50.77
C ILE A 426 21.17 -16.02 -51.92
N GLU A 427 22.11 -16.94 -52.19
CA GLU A 427 22.07 -17.89 -53.34
C GLU A 427 20.99 -18.95 -53.13
N SER A 428 20.65 -19.28 -51.88
CA SER A 428 19.66 -20.32 -51.50
C SER A 428 18.24 -19.84 -51.81
N VAL A 429 18.04 -18.53 -52.02
CA VAL A 429 16.73 -17.92 -52.40
C VAL A 429 16.64 -17.86 -53.92
N PRO A 430 15.53 -18.35 -54.54
CA PRO A 430 15.35 -18.26 -55.99
C PRO A 430 15.36 -16.83 -56.55
N ASP A 431 15.52 -16.69 -57.87
CA ASP A 431 15.51 -15.39 -58.60
C ASP A 431 14.06 -14.94 -58.86
N SER A 432 13.13 -15.91 -58.97
CA SER A 432 11.67 -15.66 -59.17
C SER A 432 11.10 -14.84 -58.01
N VAL A 433 11.54 -15.13 -56.78
CA VAL A 433 11.17 -14.40 -55.54
C VAL A 433 11.69 -12.96 -55.66
N THR A 434 10.79 -11.99 -55.75
CA THR A 434 11.11 -10.58 -56.13
C THR A 434 9.97 -9.66 -55.66
N PRO A 435 10.26 -8.37 -55.35
CA PRO A 435 9.20 -7.41 -55.02
C PRO A 435 8.25 -7.22 -56.21
N LEU A 436 6.94 -7.13 -55.94
CA LEU A 436 5.87 -7.07 -56.97
C LEU A 436 5.10 -5.75 -56.84
N ILE A 437 5.40 -4.78 -57.71
CA ILE A 437 4.72 -3.45 -57.75
C ILE A 437 3.38 -3.65 -58.47
N ILE A 438 2.31 -3.90 -57.70
CA ILE A 438 0.94 -4.22 -58.20
C ILE A 438 0.23 -2.93 -58.65
N TYR A 439 0.81 -1.75 -58.40
CA TYR A 439 0.22 -0.44 -58.76
C TYR A 439 1.28 0.66 -58.67
N GLU A 440 1.23 1.62 -59.59
CA GLU A 440 2.13 2.80 -59.66
C GLU A 440 1.39 3.96 -60.34
N GLU A 441 1.24 5.08 -59.64
CA GLU A 441 0.58 6.31 -60.16
C GLU A 441 1.52 7.50 -59.96
N THR A 442 1.29 8.59 -60.70
CA THR A 442 2.04 9.87 -60.59
C THR A 442 1.06 11.05 -60.67
N THR A 443 1.54 12.24 -60.35
CA THR A 443 0.76 13.51 -60.37
C THR A 443 1.74 14.68 -60.42
N ASP A 444 1.36 15.77 -61.07
CA ASP A 444 2.16 17.02 -61.17
C ASP A 444 1.87 17.90 -59.96
N ILE A 445 0.92 17.50 -59.10
CA ILE A 445 0.55 18.23 -57.85
C ILE A 445 1.21 17.51 -56.67
N TRP A 446 0.54 16.51 -56.06
CA TRP A 446 1.10 15.67 -54.97
C TRP A 446 0.17 14.50 -54.64
N ILE A 447 0.74 13.40 -54.14
CA ILE A 447 0.01 12.23 -53.58
C ILE A 447 -0.49 12.60 -52.17
N ASN A 448 -1.81 12.56 -51.97
CA ASN A 448 -2.45 12.66 -50.62
C ASN A 448 -2.70 11.24 -50.11
N ILE A 449 -1.88 10.80 -49.14
CA ILE A 449 -1.97 9.45 -48.49
C ILE A 449 -3.29 9.33 -47.73
N HIS A 450 -3.95 8.19 -47.86
CA HIS A 450 -5.26 7.85 -47.23
C HIS A 450 -5.21 6.42 -46.67
N ASP A 451 -6.30 5.97 -46.04
CA ASP A 451 -6.35 4.68 -45.28
C ASP A 451 -7.18 3.65 -46.05
N ILE A 452 -7.63 3.98 -47.26
CA ILE A 452 -8.44 3.07 -48.14
C ILE A 452 -7.47 2.15 -48.89
N PHE A 453 -7.65 0.84 -48.74
CA PHE A 453 -6.94 -0.24 -49.47
C PHE A 453 -7.48 -1.59 -49.04
N HIS A 454 -8.45 -2.12 -49.78
CA HIS A 454 -9.11 -3.43 -49.53
C HIS A 454 -8.59 -4.48 -50.52
N VAL A 455 -7.95 -5.53 -50.01
CA VAL A 455 -7.41 -6.68 -50.80
C VAL A 455 -8.41 -7.84 -50.71
N PHE A 456 -8.90 -8.32 -51.85
CA PHE A 456 -9.87 -9.44 -51.95
C PHE A 456 -9.15 -10.77 -51.76
N PRO A 457 -9.87 -11.84 -51.35
CA PRO A 457 -9.28 -13.17 -51.28
C PRO A 457 -8.65 -13.56 -52.63
N GLN A 458 -7.43 -14.07 -52.60
CA GLN A 458 -6.62 -14.44 -53.80
C GLN A 458 -7.20 -15.73 -54.40
N SER A 459 -7.99 -15.61 -55.48
CA SER A 459 -8.64 -16.75 -56.18
C SER A 459 -7.61 -17.41 -57.11
N HIS A 460 -7.17 -16.71 -58.16
CA HIS A 460 -6.11 -17.16 -59.11
C HIS A 460 -4.74 -17.00 -58.43
N GLU A 461 -3.77 -17.85 -58.80
CA GLU A 461 -2.42 -17.90 -58.19
C GLU A 461 -1.62 -16.65 -58.57
N GLU A 462 -1.63 -16.27 -59.85
CA GLU A 462 -0.79 -15.18 -60.43
C GLU A 462 -1.65 -13.93 -60.67
N GLU A 463 -2.61 -13.64 -59.79
CA GLU A 463 -3.45 -12.42 -59.85
C GLU A 463 -3.79 -11.97 -58.42
N ILE A 464 -3.78 -10.65 -58.18
CA ILE A 464 -4.31 -10.02 -56.92
C ILE A 464 -5.32 -8.95 -57.30
N GLU A 465 -6.45 -8.94 -56.59
CA GLU A 465 -7.66 -8.12 -56.84
C GLU A 465 -7.85 -7.21 -55.62
N PHE A 466 -7.96 -5.89 -55.82
CA PHE A 466 -8.06 -4.91 -54.70
C PHE A 466 -8.81 -3.65 -55.13
N ILE A 467 -9.43 -2.99 -54.14
CA ILE A 467 -9.98 -1.61 -54.25
C ILE A 467 -8.93 -0.65 -53.67
N PHE A 468 -8.80 0.52 -54.27
CA PHE A 468 -7.85 1.60 -53.86
C PHE A 468 -8.40 2.93 -54.37
N ALA A 469 -8.19 4.00 -53.60
CA ALA A 469 -8.63 5.38 -53.93
C ALA A 469 -7.46 6.15 -54.54
N SER A 470 -7.74 7.10 -55.43
CA SER A 470 -6.71 7.92 -56.14
C SER A 470 -7.32 9.22 -56.67
N GLU A 471 -6.56 10.30 -56.61
CA GLU A 471 -6.87 11.64 -57.21
C GLU A 471 -6.18 11.76 -58.57
N CYS A 472 -5.25 10.84 -58.88
CA CYS A 472 -4.25 10.96 -59.98
C CYS A 472 -4.92 10.97 -61.37
N LYS A 473 -6.02 10.24 -61.56
CA LYS A 473 -6.70 10.11 -62.88
C LYS A 473 -7.45 11.40 -63.21
N THR A 474 -8.43 11.78 -62.38
CA THR A 474 -9.44 12.84 -62.69
C THR A 474 -9.24 14.10 -61.83
N GLY A 475 -8.30 14.09 -60.89
CA GLY A 475 -8.05 15.21 -59.96
C GLY A 475 -9.05 15.24 -58.81
N PHE A 476 -9.81 14.16 -58.63
CA PHE A 476 -10.72 13.93 -57.48
C PHE A 476 -10.52 12.48 -56.99
N ARG A 477 -10.55 12.27 -55.67
CA ARG A 477 -10.34 10.93 -55.05
C ARG A 477 -11.55 10.05 -55.37
N HIS A 478 -11.34 8.99 -56.14
CA HIS A 478 -12.39 8.02 -56.54
C HIS A 478 -11.89 6.60 -56.30
N LEU A 479 -12.82 5.68 -56.05
CA LEU A 479 -12.54 4.24 -55.81
C LEU A 479 -12.32 3.57 -57.17
N TYR A 480 -11.29 2.72 -57.26
CA TYR A 480 -10.91 1.96 -58.47
C TYR A 480 -10.70 0.49 -58.07
N LYS A 481 -11.46 -0.43 -58.67
CA LYS A 481 -11.20 -1.90 -58.55
C LYS A 481 -10.12 -2.26 -59.57
N ILE A 482 -8.97 -2.76 -59.10
CA ILE A 482 -7.80 -3.10 -59.94
C ILE A 482 -7.48 -4.58 -59.74
N THR A 483 -7.18 -5.27 -60.85
CA THR A 483 -6.62 -6.65 -60.90
C THR A 483 -5.21 -6.53 -61.49
N SER A 484 -4.21 -7.12 -60.84
CA SER A 484 -2.78 -7.04 -61.23
C SER A 484 -2.20 -8.44 -61.40
N ILE A 485 -1.48 -8.67 -62.51
CA ILE A 485 -0.86 -9.98 -62.87
C ILE A 485 0.50 -10.06 -62.17
N LEU A 486 0.70 -11.07 -61.33
CA LEU A 486 1.97 -11.29 -60.58
C LEU A 486 2.96 -12.02 -61.48
N LYS A 487 3.55 -11.30 -62.44
CA LYS A 487 4.54 -11.80 -63.42
C LYS A 487 5.85 -12.12 -62.69
N GLU A 488 6.53 -13.20 -63.10
CA GLU A 488 7.96 -13.45 -62.75
C GLU A 488 8.77 -12.33 -63.40
N SER A 489 9.62 -11.65 -62.61
CA SER A 489 10.39 -10.45 -63.03
C SER A 489 11.44 -10.83 -64.07
N LYS A 490 11.68 -9.95 -65.05
CA LYS A 490 12.71 -10.10 -66.11
C LYS A 490 14.10 -10.00 -65.47
N TYR A 491 14.21 -9.29 -64.35
CA TYR A 491 15.44 -9.15 -63.53
C TYR A 491 15.77 -10.49 -62.87
N LYS A 492 17.01 -10.96 -63.07
CA LYS A 492 17.58 -12.16 -62.41
C LYS A 492 18.69 -11.70 -61.46
N ARG A 493 18.55 -12.02 -60.16
CA ARG A 493 19.47 -11.56 -59.07
C ARG A 493 20.82 -12.27 -59.20
N SER A 494 20.83 -13.49 -59.73
CA SER A 494 22.04 -14.35 -59.92
C SER A 494 23.02 -13.69 -60.89
N SER A 495 22.52 -13.04 -61.95
CA SER A 495 23.31 -12.34 -63.00
C SER A 495 24.37 -11.43 -62.34
N GLY A 496 23.98 -10.66 -61.31
CA GLY A 496 24.89 -9.84 -60.50
C GLY A 496 24.62 -8.34 -60.66
N GLY A 497 23.91 -7.95 -61.72
CA GLY A 497 23.57 -6.54 -62.00
C GLY A 497 22.49 -6.01 -61.08
N LEU A 498 22.35 -4.68 -61.00
CA LEU A 498 21.27 -4.00 -60.23
C LEU A 498 20.03 -3.92 -61.13
N PRO A 499 18.80 -3.88 -60.57
CA PRO A 499 17.59 -3.89 -61.39
C PRO A 499 17.30 -2.52 -62.03
N ALA A 500 16.67 -2.54 -63.21
CA ALA A 500 16.21 -1.36 -63.96
C ALA A 500 15.01 -0.74 -63.24
N PRO A 501 14.76 0.59 -63.41
CA PRO A 501 13.69 1.28 -62.69
C PRO A 501 12.35 0.53 -62.56
N SER A 502 11.93 -0.20 -63.61
CA SER A 502 10.61 -0.86 -63.70
C SER A 502 10.76 -2.32 -64.16
N ASP A 503 11.52 -3.13 -63.41
CA ASP A 503 11.65 -4.60 -63.61
C ASP A 503 10.67 -5.35 -62.69
N PHE A 504 10.15 -4.68 -61.65
CA PHE A 504 9.24 -5.26 -60.64
C PHE A 504 7.78 -4.88 -60.93
N LYS A 505 7.56 -3.95 -61.87
CA LYS A 505 6.21 -3.45 -62.24
C LYS A 505 5.35 -4.62 -62.75
N CYS A 506 4.15 -4.79 -62.18
CA CYS A 506 3.15 -5.81 -62.57
C CYS A 506 2.18 -5.20 -63.58
N PRO A 507 1.88 -5.89 -64.70
CA PRO A 507 0.90 -5.39 -65.67
C PRO A 507 -0.50 -5.29 -65.04
N ILE A 508 -1.26 -4.26 -65.42
CA ILE A 508 -2.65 -4.00 -64.94
C ILE A 508 -3.63 -4.68 -65.91
N LYS A 509 -4.17 -5.83 -65.51
CA LYS A 509 -5.14 -6.61 -66.33
C LYS A 509 -6.46 -5.85 -66.45
N GLU A 510 -6.84 -5.10 -65.40
CA GLU A 510 -8.17 -4.49 -65.23
C GLU A 510 -8.06 -3.30 -64.27
N GLU A 511 -8.77 -2.20 -64.57
CA GLU A 511 -8.85 -0.98 -63.70
C GLU A 511 -10.21 -0.32 -63.90
N ILE A 512 -11.25 -0.85 -63.24
CA ILE A 512 -12.65 -0.34 -63.29
C ILE A 512 -12.77 0.84 -62.32
N ALA A 513 -13.25 1.99 -62.82
CA ALA A 513 -13.65 3.15 -61.99
C ALA A 513 -15.00 2.83 -61.34
N ILE A 514 -15.05 2.81 -60.00
CA ILE A 514 -16.27 2.48 -59.20
C ILE A 514 -17.06 3.78 -58.97
N THR A 515 -16.36 4.90 -58.77
CA THR A 515 -16.95 6.25 -58.60
C THR A 515 -16.31 7.21 -59.61
N SER A 516 -16.98 8.34 -59.89
CA SER A 516 -16.50 9.42 -60.78
C SER A 516 -17.34 10.68 -60.56
N GLY A 517 -16.76 11.86 -60.84
CA GLY A 517 -17.46 13.15 -60.79
C GLY A 517 -16.63 14.25 -60.15
N GLU A 518 -17.26 15.43 -60.00
CA GLU A 518 -16.64 16.67 -59.44
C GLU A 518 -16.87 16.69 -57.91
N TRP A 519 -16.37 15.65 -57.24
CA TRP A 519 -16.56 15.36 -55.80
C TRP A 519 -15.63 14.22 -55.41
N GLU A 520 -15.20 14.14 -54.14
CA GLU A 520 -14.15 13.19 -53.70
C GLU A 520 -14.72 12.17 -52.71
N VAL A 521 -14.16 10.96 -52.73
CA VAL A 521 -14.31 9.92 -51.67
C VAL A 521 -13.36 10.29 -50.53
N LEU A 522 -13.79 10.08 -49.29
CA LEU A 522 -13.05 10.44 -48.06
C LEU A 522 -12.32 9.20 -47.53
N GLY A 523 -11.00 9.32 -47.27
CA GLY A 523 -10.12 8.21 -46.85
C GLY A 523 -9.10 8.63 -45.79
N ARG A 524 -9.35 9.72 -45.07
CA ARG A 524 -8.42 10.27 -44.04
C ARG A 524 -9.17 10.51 -42.74
N HIS A 525 -8.45 10.45 -41.61
CA HIS A 525 -8.89 10.92 -40.27
C HIS A 525 -10.19 10.23 -39.86
N GLY A 526 -10.32 8.92 -40.14
CA GLY A 526 -11.47 8.09 -39.72
C GLY A 526 -12.31 7.62 -40.90
N SER A 527 -12.36 8.40 -41.98
CA SER A 527 -13.10 8.07 -43.23
C SER A 527 -12.42 6.89 -43.91
N ASN A 528 -13.19 5.87 -44.28
CA ASN A 528 -12.69 4.64 -44.96
C ASN A 528 -13.89 4.00 -45.67
N ILE A 529 -13.70 2.79 -46.19
CA ILE A 529 -14.74 2.00 -46.92
C ILE A 529 -15.05 0.73 -46.14
N GLN A 530 -16.25 0.19 -46.32
CA GLN A 530 -16.64 -1.18 -45.92
C GLN A 530 -17.05 -1.94 -47.17
N VAL A 531 -16.34 -3.03 -47.51
CA VAL A 531 -16.64 -3.87 -48.70
C VAL A 531 -17.50 -5.06 -48.27
N ASP A 532 -18.75 -5.12 -48.76
CA ASP A 532 -19.66 -6.29 -48.67
C ASP A 532 -19.29 -7.27 -49.80
N GLU A 533 -18.43 -8.26 -49.51
CA GLU A 533 -17.94 -9.25 -50.51
C GLU A 533 -19.06 -10.20 -50.93
N VAL A 534 -20.12 -10.32 -50.12
CA VAL A 534 -21.31 -11.18 -50.41
C VAL A 534 -22.15 -10.51 -51.50
N ARG A 535 -22.81 -9.39 -51.18
CA ARG A 535 -23.70 -8.63 -52.11
C ARG A 535 -22.85 -7.85 -53.13
N ARG A 536 -21.51 -7.87 -52.98
CA ARG A 536 -20.54 -7.24 -53.91
C ARG A 536 -20.82 -5.74 -54.03
N LEU A 537 -20.90 -5.07 -52.86
CA LEU A 537 -21.08 -3.61 -52.72
C LEU A 537 -19.84 -3.01 -52.05
N VAL A 538 -19.72 -1.67 -52.07
CA VAL A 538 -18.74 -0.91 -51.24
C VAL A 538 -19.47 0.31 -50.66
N TYR A 539 -19.49 0.41 -49.33
CA TYR A 539 -19.96 1.60 -48.58
C TYR A 539 -18.76 2.55 -48.45
N PHE A 540 -18.98 3.87 -48.62
CA PHE A 540 -17.91 4.89 -48.61
C PHE A 540 -18.51 6.25 -48.25
N GLU A 541 -17.71 7.15 -47.68
CA GLU A 541 -18.08 8.56 -47.40
C GLU A 541 -17.60 9.43 -48.57
N GLY A 542 -18.34 10.49 -48.90
CA GLY A 542 -18.03 11.38 -50.04
C GLY A 542 -18.76 12.71 -49.94
N THR A 543 -18.46 13.62 -50.88
CA THR A 543 -18.96 15.02 -50.93
C THR A 543 -19.84 15.25 -52.17
N LYS A 544 -20.42 14.18 -52.73
CA LYS A 544 -21.19 14.21 -54.00
C LYS A 544 -22.35 15.21 -53.91
N ASP A 545 -23.11 15.18 -52.81
CA ASP A 545 -24.33 16.02 -52.63
C ASP A 545 -23.93 17.47 -52.31
N SER A 546 -22.80 17.68 -51.63
CA SER A 546 -22.28 19.02 -51.26
C SER A 546 -20.86 18.89 -50.70
N PRO A 547 -19.97 19.88 -50.98
CA PRO A 547 -18.66 19.93 -50.32
C PRO A 547 -18.73 20.49 -48.88
N LEU A 548 -19.92 20.91 -48.42
CA LEU A 548 -20.19 21.37 -47.03
C LEU A 548 -20.77 20.24 -46.17
N GLU A 549 -20.98 19.05 -46.74
CA GLU A 549 -21.60 17.89 -46.04
C GLU A 549 -20.89 16.61 -46.47
N HIS A 550 -20.42 15.82 -45.50
CA HIS A 550 -19.98 14.40 -45.69
C HIS A 550 -21.22 13.50 -45.65
N HIS A 551 -21.34 12.54 -46.59
CA HIS A 551 -22.49 11.62 -46.70
C HIS A 551 -22.02 10.19 -46.94
N LEU A 552 -22.80 9.21 -46.46
CA LEU A 552 -22.55 7.76 -46.67
C LEU A 552 -23.24 7.32 -47.97
N TYR A 553 -22.49 6.70 -48.87
CA TYR A 553 -22.97 6.19 -50.17
C TYR A 553 -22.68 4.68 -50.25
N VAL A 554 -23.45 3.97 -51.08
CA VAL A 554 -23.22 2.54 -51.43
C VAL A 554 -23.27 2.42 -52.96
N VAL A 555 -22.53 1.46 -53.51
CA VAL A 555 -22.43 1.23 -54.98
C VAL A 555 -21.81 -0.15 -55.22
N SER A 556 -22.28 -0.86 -56.27
CA SER A 556 -21.66 -2.11 -56.77
C SER A 556 -20.24 -1.81 -57.27
N TYR A 557 -19.32 -2.76 -57.10
CA TYR A 557 -17.91 -2.66 -57.60
C TYR A 557 -17.68 -3.67 -58.73
N VAL A 558 -18.70 -4.46 -59.09
CA VAL A 558 -18.69 -5.39 -60.26
C VAL A 558 -19.24 -4.64 -61.47
N ASN A 559 -20.49 -4.19 -61.39
CA ASN A 559 -21.17 -3.34 -62.42
C ASN A 559 -21.46 -1.99 -61.79
N PRO A 560 -20.43 -1.13 -61.59
CA PRO A 560 -20.63 0.16 -60.93
C PRO A 560 -21.57 1.05 -61.75
N GLY A 561 -22.67 1.48 -61.13
CA GLY A 561 -23.71 2.31 -61.76
C GLY A 561 -24.10 3.47 -60.85
N GLU A 562 -25.40 3.58 -60.55
CA GLU A 562 -25.99 4.67 -59.74
C GLU A 562 -25.45 4.57 -58.31
N VAL A 563 -24.98 5.70 -57.76
CA VAL A 563 -24.43 5.82 -56.37
C VAL A 563 -25.57 6.28 -55.46
N THR A 564 -25.88 5.50 -54.42
CA THR A 564 -27.06 5.68 -53.52
C THR A 564 -26.62 6.30 -52.19
N ARG A 565 -27.03 7.54 -51.92
CA ARG A 565 -26.81 8.23 -50.62
C ARG A 565 -27.70 7.56 -49.55
N LEU A 566 -27.11 7.23 -48.38
CA LEU A 566 -27.80 6.52 -47.27
C LEU A 566 -28.05 7.47 -46.09
N THR A 567 -27.51 8.68 -46.12
CA THR A 567 -27.58 9.65 -44.97
C THR A 567 -28.45 10.85 -45.36
N ASP A 568 -29.22 11.38 -44.39
CA ASP A 568 -30.18 12.49 -44.58
C ASP A 568 -29.42 13.81 -44.83
N ARG A 569 -29.77 14.50 -45.92
CA ARG A 569 -29.24 15.86 -46.25
C ARG A 569 -29.64 16.84 -45.14
N GLY A 570 -28.89 17.95 -45.00
CA GLY A 570 -29.09 18.97 -43.95
C GLY A 570 -28.18 18.72 -42.75
N TYR A 571 -27.36 17.66 -42.81
CA TYR A 571 -26.32 17.32 -41.81
C TYR A 571 -25.04 16.87 -42.54
N SER A 572 -23.89 17.04 -41.89
CA SER A 572 -22.61 16.35 -42.24
C SER A 572 -22.48 15.11 -41.36
N HIS A 573 -22.00 14.01 -41.94
CA HIS A 573 -22.02 12.65 -41.34
C HIS A 573 -20.60 12.06 -41.27
N SER A 574 -20.20 11.57 -40.11
CA SER A 574 -19.08 10.60 -39.91
C SER A 574 -19.68 9.23 -39.60
N CYS A 575 -19.38 8.21 -40.41
CA CYS A 575 -20.13 6.92 -40.39
C CYS A 575 -19.17 5.74 -40.19
N CYS A 576 -19.64 4.75 -39.41
CA CYS A 576 -19.07 3.38 -39.28
C CYS A 576 -20.10 2.38 -39.81
N ILE A 577 -19.67 1.41 -40.62
CA ILE A 577 -20.56 0.34 -41.17
C ILE A 577 -20.15 -0.98 -40.52
N SER A 578 -21.12 -1.69 -39.92
CA SER A 578 -20.95 -3.06 -39.36
C SER A 578 -20.20 -3.94 -40.37
N GLN A 579 -19.32 -4.81 -39.88
CA GLN A 579 -18.57 -5.81 -40.69
C GLN A 579 -19.56 -6.70 -41.45
N HIS A 580 -20.79 -6.87 -40.94
CA HIS A 580 -21.85 -7.74 -41.52
C HIS A 580 -22.66 -6.98 -42.59
N CYS A 581 -22.51 -5.65 -42.66
CA CYS A 581 -23.06 -4.77 -43.72
C CYS A 581 -24.59 -4.78 -43.70
N ASP A 582 -25.20 -4.94 -42.52
CA ASP A 582 -26.67 -4.90 -42.31
C ASP A 582 -27.02 -3.75 -41.35
N PHE A 583 -26.00 -3.00 -40.90
CA PHE A 583 -26.15 -1.83 -40.01
C PHE A 583 -25.05 -0.80 -40.33
N PHE A 584 -25.28 0.46 -39.97
CA PHE A 584 -24.27 1.54 -39.97
C PHE A 584 -24.65 2.56 -38.90
N ILE A 585 -23.63 3.11 -38.23
CA ILE A 585 -23.78 4.21 -37.23
C ILE A 585 -23.33 5.51 -37.91
N SER A 586 -24.01 6.61 -37.58
CA SER A 586 -23.66 7.98 -38.07
C SER A 586 -23.49 8.92 -36.87
N LYS A 587 -22.33 9.55 -36.78
CA LYS A 587 -22.04 10.74 -35.94
C LYS A 587 -22.26 11.97 -36.84
N TYR A 588 -23.36 12.70 -36.62
CA TYR A 588 -23.82 13.77 -37.53
C TYR A 588 -24.15 15.04 -36.74
N SER A 589 -23.90 16.19 -37.36
CA SER A 589 -24.23 17.54 -36.85
C SER A 589 -24.57 18.47 -38.02
N ASN A 590 -25.13 19.64 -37.71
CA ASN A 590 -25.22 20.79 -38.66
C ASN A 590 -24.95 22.07 -37.84
N GLN A 591 -24.98 23.22 -38.50
CA GLN A 591 -24.56 24.53 -37.93
C GLN A 591 -25.37 24.83 -36.66
N LYS A 592 -26.64 24.41 -36.60
CA LYS A 592 -27.59 24.74 -35.49
C LYS A 592 -27.56 23.67 -34.39
N ASN A 593 -27.36 22.39 -34.74
CA ASN A 593 -27.58 21.22 -33.85
C ASN A 593 -26.26 20.53 -33.49
N PRO A 594 -25.90 20.47 -32.18
CA PRO A 594 -24.73 19.71 -31.73
C PRO A 594 -24.68 18.25 -32.21
N HIS A 595 -23.48 17.66 -32.18
CA HIS A 595 -23.19 16.28 -32.66
C HIS A 595 -24.18 15.29 -32.03
N CYS A 596 -24.54 14.26 -32.80
CA CYS A 596 -25.55 13.22 -32.46
C CYS A 596 -25.07 11.88 -33.04
N VAL A 597 -25.29 10.77 -32.33
CA VAL A 597 -24.89 9.41 -32.80
C VAL A 597 -26.13 8.51 -32.82
N SER A 598 -26.51 8.04 -34.00
CA SER A 598 -27.71 7.21 -34.25
C SER A 598 -27.31 5.93 -35.00
N LEU A 599 -28.05 4.85 -34.77
CA LEU A 599 -27.89 3.54 -35.48
C LEU A 599 -28.98 3.41 -36.53
N TYR A 600 -28.61 2.89 -37.71
CA TYR A 600 -29.51 2.70 -38.89
C TYR A 600 -29.37 1.26 -39.39
N LYS A 601 -30.49 0.57 -39.56
CA LYS A 601 -30.54 -0.80 -40.15
C LYS A 601 -30.64 -0.66 -41.68
N LEU A 602 -29.87 -1.47 -42.41
CA LEU A 602 -29.89 -1.54 -43.89
C LEU A 602 -30.77 -2.72 -44.33
N SER A 603 -31.53 -2.53 -45.41
CA SER A 603 -32.26 -3.62 -46.11
C SER A 603 -32.57 -3.19 -47.55
N SER A 604 -33.18 -4.10 -48.32
CA SER A 604 -33.59 -3.90 -49.73
C SER A 604 -35.10 -4.07 -49.85
N PRO A 605 -35.73 -3.52 -50.91
CA PRO A 605 -37.06 -3.97 -51.32
C PRO A 605 -37.00 -5.46 -51.72
N GLU A 606 -38.05 -6.22 -51.36
CA GLU A 606 -38.23 -7.66 -51.68
C GLU A 606 -37.80 -7.93 -53.14
N ASP A 607 -38.20 -7.05 -54.07
CA ASP A 607 -38.14 -7.28 -55.53
C ASP A 607 -36.76 -6.92 -56.12
N ASP A 608 -35.88 -6.23 -55.38
CA ASP A 608 -34.60 -5.70 -55.92
C ASP A 608 -33.55 -5.59 -54.82
N PRO A 609 -32.70 -6.64 -54.61
CA PRO A 609 -31.60 -6.57 -53.65
C PRO A 609 -30.50 -5.54 -53.97
N THR A 610 -30.44 -5.07 -55.22
CA THR A 610 -29.50 -4.01 -55.69
C THR A 610 -29.83 -2.68 -54.99
N CYS A 611 -31.12 -2.32 -54.94
CA CYS A 611 -31.64 -1.09 -54.30
C CYS A 611 -31.46 -1.20 -52.78
N LYS A 612 -30.69 -0.29 -52.17
CA LYS A 612 -30.39 -0.27 -50.72
C LYS A 612 -31.12 0.91 -50.08
N THR A 613 -31.82 0.64 -48.97
CA THR A 613 -32.55 1.64 -48.15
C THR A 613 -32.05 1.55 -46.71
N LYS A 614 -32.32 2.58 -45.90
CA LYS A 614 -31.96 2.64 -44.46
C LYS A 614 -33.22 2.90 -43.64
N GLU A 615 -33.25 2.44 -42.40
CA GLU A 615 -34.31 2.74 -41.41
C GLU A 615 -33.65 3.07 -40.06
N PHE A 616 -34.00 4.21 -39.47
CA PHE A 616 -33.57 4.62 -38.11
C PHE A 616 -33.96 3.52 -37.13
N TRP A 617 -32.97 2.95 -36.42
CA TRP A 617 -33.14 1.81 -35.48
C TRP A 617 -33.17 2.31 -34.03
N ALA A 618 -32.14 3.06 -33.61
CA ALA A 618 -32.00 3.59 -32.23
C ALA A 618 -30.97 4.72 -32.18
N THR A 619 -31.06 5.55 -31.15
CA THR A 619 -30.08 6.62 -30.79
C THR A 619 -29.05 6.03 -29.81
N ILE A 620 -27.76 6.31 -30.04
CA ILE A 620 -26.64 5.91 -29.14
C ILE A 620 -26.33 7.09 -28.21
N LEU A 621 -25.96 8.24 -28.78
CA LEU A 621 -25.76 9.51 -28.03
C LEU A 621 -26.77 10.54 -28.54
N ASP A 622 -27.66 11.00 -27.65
CA ASP A 622 -28.68 12.05 -27.95
C ASP A 622 -27.96 13.39 -28.00
N SER A 623 -28.26 14.20 -29.03
CA SER A 623 -27.80 15.60 -29.19
C SER A 623 -28.20 16.40 -27.94
N ALA A 624 -27.32 17.30 -27.47
CA ALA A 624 -27.56 18.20 -26.33
C ALA A 624 -28.61 19.27 -26.70
N GLY A 625 -28.85 19.46 -28.00
CA GLY A 625 -29.85 20.41 -28.54
C GLY A 625 -29.30 21.83 -28.59
N PRO A 626 -29.99 22.78 -29.27
CA PRO A 626 -29.51 24.16 -29.36
C PRO A 626 -28.94 24.68 -28.03
N LEU A 627 -27.69 25.15 -28.06
CA LEU A 627 -26.93 25.60 -26.87
C LEU A 627 -27.32 27.05 -26.56
N PRO A 628 -27.64 27.40 -25.29
CA PRO A 628 -27.95 28.79 -24.93
C PRO A 628 -26.73 29.71 -24.99
N ASP A 629 -26.93 30.95 -25.43
CA ASP A 629 -25.89 32.01 -25.60
C ASP A 629 -24.89 31.59 -26.68
N TYR A 630 -25.35 30.82 -27.68
CA TYR A 630 -24.60 30.52 -28.94
C TYR A 630 -25.52 30.78 -30.13
N THR A 631 -25.16 31.74 -30.97
CA THR A 631 -25.79 32.03 -32.29
C THR A 631 -24.92 31.39 -33.38
N PRO A 632 -25.42 30.40 -34.14
CA PRO A 632 -24.67 29.84 -35.25
C PRO A 632 -24.35 30.88 -36.31
N PRO A 633 -23.23 30.73 -37.06
CA PRO A 633 -22.94 31.61 -38.19
C PRO A 633 -23.74 31.21 -39.44
N GLU A 634 -23.81 32.11 -40.42
CA GLU A 634 -24.43 31.85 -41.75
C GLU A 634 -23.33 31.43 -42.73
N ILE A 635 -23.49 30.27 -43.37
CA ILE A 635 -22.62 29.85 -44.50
C ILE A 635 -22.99 30.70 -45.72
N PHE A 636 -22.01 31.36 -46.34
CA PHE A 636 -22.16 32.15 -47.59
C PHE A 636 -21.17 31.61 -48.63
N SER A 637 -21.28 32.09 -49.87
CA SER A 637 -20.38 31.76 -51.00
C SER A 637 -20.35 32.93 -51.98
N PHE A 638 -19.33 32.97 -52.83
CA PHE A 638 -19.11 34.04 -53.84
C PHE A 638 -18.29 33.46 -55.00
N GLU A 639 -18.62 33.85 -56.23
CA GLU A 639 -17.92 33.41 -57.46
C GLU A 639 -16.61 34.19 -57.57
N SER A 640 -15.49 33.56 -57.23
CA SER A 640 -14.14 34.16 -57.23
C SER A 640 -13.68 34.41 -58.66
N THR A 641 -12.97 35.51 -58.89
CA THR A 641 -12.32 35.87 -60.19
C THR A 641 -11.25 34.83 -60.54
N THR A 642 -11.03 33.84 -59.67
CA THR A 642 -10.11 32.69 -59.86
C THR A 642 -10.82 31.55 -60.60
N GLY A 643 -12.15 31.65 -60.77
CA GLY A 643 -12.99 30.68 -61.50
C GLY A 643 -13.53 29.57 -60.59
N PHE A 644 -13.39 29.73 -59.26
CA PHE A 644 -13.87 28.76 -58.23
C PHE A 644 -14.94 29.43 -57.36
N THR A 645 -15.90 28.65 -56.88
CA THR A 645 -16.79 29.05 -55.74
C THR A 645 -15.98 28.89 -54.45
N LEU A 646 -15.81 29.98 -53.69
CA LEU A 646 -15.19 29.97 -52.34
C LEU A 646 -16.29 30.11 -51.30
N TYR A 647 -16.29 29.22 -50.30
CA TYR A 647 -17.28 29.20 -49.19
C TYR A 647 -16.70 29.92 -47.98
N GLY A 648 -17.58 30.38 -47.09
CA GLY A 648 -17.21 31.16 -45.89
C GLY A 648 -18.29 31.10 -44.84
N MET A 649 -17.95 31.46 -43.59
CA MET A 649 -18.91 31.59 -42.46
C MET A 649 -18.91 33.05 -42.00
N LEU A 650 -20.09 33.60 -41.71
CA LEU A 650 -20.30 34.99 -41.25
C LEU A 650 -21.00 34.96 -39.88
N TYR A 651 -20.37 35.55 -38.87
CA TYR A 651 -20.95 35.79 -37.52
C TYR A 651 -21.38 37.26 -37.45
N LYS A 652 -22.68 37.54 -37.62
CA LYS A 652 -23.24 38.90 -37.47
C LYS A 652 -23.07 39.33 -36.02
N PRO A 653 -22.69 40.59 -35.74
CA PRO A 653 -22.67 41.10 -34.37
C PRO A 653 -24.03 40.91 -33.69
N HIS A 654 -24.02 40.39 -32.46
CA HIS A 654 -25.23 40.16 -31.63
C HIS A 654 -25.88 41.51 -31.34
N ASP A 655 -27.22 41.56 -31.26
CA ASP A 655 -28.00 42.80 -31.01
C ASP A 655 -27.60 43.83 -32.06
N LEU A 656 -27.64 43.44 -33.34
CA LEU A 656 -27.14 44.25 -34.49
C LEU A 656 -27.91 45.57 -34.54
N GLN A 657 -27.22 46.68 -34.28
CA GLN A 657 -27.78 48.06 -34.33
C GLN A 657 -27.92 48.49 -35.79
N PRO A 658 -28.98 49.23 -36.14
CA PRO A 658 -29.17 49.69 -37.52
C PRO A 658 -28.29 50.92 -37.82
N GLY A 659 -27.83 51.04 -39.08
CA GLY A 659 -27.01 52.17 -39.55
C GLY A 659 -25.76 52.38 -38.72
N LYS A 660 -25.07 51.28 -38.37
CA LYS A 660 -23.78 51.29 -37.62
C LYS A 660 -22.84 50.22 -38.20
N LYS A 661 -21.58 50.60 -38.47
CA LYS A 661 -20.54 49.69 -39.00
C LYS A 661 -19.68 49.18 -37.83
N TYR A 662 -19.37 47.88 -37.83
CA TYR A 662 -18.74 47.13 -36.70
C TYR A 662 -17.32 46.71 -37.08
N PRO A 663 -16.41 46.55 -36.09
CA PRO A 663 -15.04 46.06 -36.35
C PRO A 663 -15.07 44.57 -36.69
N THR A 664 -14.17 44.12 -37.58
CA THR A 664 -14.21 42.78 -38.23
C THR A 664 -12.95 41.98 -37.90
N VAL A 665 -13.11 40.85 -37.19
CA VAL A 665 -12.02 39.86 -36.97
C VAL A 665 -12.17 38.75 -38.01
N LEU A 666 -11.17 38.60 -38.88
CA LEU A 666 -11.06 37.47 -39.84
C LEU A 666 -10.27 36.34 -39.17
N PHE A 667 -10.96 35.28 -38.73
CA PHE A 667 -10.32 34.03 -38.25
C PHE A 667 -9.92 33.20 -39.48
N ILE A 668 -8.68 32.69 -39.50
CA ILE A 668 -8.07 32.05 -40.70
C ILE A 668 -7.24 30.83 -40.28
N TYR A 669 -7.27 29.78 -41.10
CA TYR A 669 -6.24 28.71 -41.15
C TYR A 669 -5.61 28.75 -42.55
N GLY A 670 -6.38 28.38 -43.58
CA GLY A 670 -6.06 28.66 -45.00
C GLY A 670 -4.98 27.75 -45.57
N GLY A 671 -4.41 26.86 -44.76
CA GLY A 671 -3.41 25.86 -45.19
C GLY A 671 -4.08 24.61 -45.75
N PRO A 672 -3.30 23.67 -46.33
CA PRO A 672 -3.85 22.44 -46.88
C PRO A 672 -4.32 21.43 -45.81
N GLN A 673 -5.15 20.47 -46.24
CA GLN A 673 -5.62 19.30 -45.46
C GLN A 673 -6.66 19.73 -44.41
N VAL A 674 -7.22 20.94 -44.52
CA VAL A 674 -8.21 21.50 -43.55
C VAL A 674 -9.30 22.26 -44.31
N GLN A 675 -10.55 22.01 -43.93
CA GLN A 675 -11.76 22.79 -44.32
C GLN A 675 -12.40 23.29 -43.03
N LEU A 676 -12.48 24.62 -42.85
CA LEU A 676 -13.10 25.25 -41.66
C LEU A 676 -14.61 25.44 -41.90
N VAL A 677 -15.02 25.59 -43.17
CA VAL A 677 -16.40 25.98 -43.57
C VAL A 677 -17.12 24.75 -44.11
N ASN A 678 -18.15 24.31 -43.39
CA ASN A 678 -18.99 23.13 -43.71
C ASN A 678 -20.21 23.14 -42.78
N ASN A 679 -21.17 22.25 -43.03
CA ASN A 679 -22.45 22.18 -42.27
C ASN A 679 -22.24 21.25 -41.07
N ARG A 680 -21.34 21.66 -40.16
CA ARG A 680 -21.05 20.98 -38.87
C ARG A 680 -21.29 21.97 -37.73
N PHE A 681 -21.56 21.49 -36.53
CA PHE A 681 -21.71 22.33 -35.31
C PHE A 681 -20.33 22.91 -34.95
N LYS A 682 -20.25 24.24 -34.82
CA LYS A 682 -19.00 25.00 -34.54
C LYS A 682 -19.06 25.63 -33.15
N GLY A 683 -20.11 25.34 -32.37
CA GLY A 683 -20.37 25.96 -31.06
C GLY A 683 -19.53 25.37 -29.93
N VAL A 684 -18.74 24.32 -30.21
CA VAL A 684 -17.82 23.69 -29.23
C VAL A 684 -16.38 24.13 -29.56
N LYS A 685 -15.86 23.77 -30.74
CA LYS A 685 -14.45 24.03 -31.15
C LYS A 685 -14.22 25.53 -31.36
N TYR A 686 -15.14 26.21 -32.05
CA TYR A 686 -15.03 27.65 -32.42
C TYR A 686 -16.09 28.47 -31.66
N PHE A 687 -16.25 28.19 -30.37
CA PHE A 687 -17.23 28.86 -29.47
C PHE A 687 -16.83 30.33 -29.24
N ARG A 688 -15.53 30.65 -29.31
CA ARG A 688 -15.02 32.01 -28.96
C ARG A 688 -15.23 32.97 -30.15
N LEU A 689 -15.38 32.45 -31.37
CA LEU A 689 -15.80 33.26 -32.54
C LEU A 689 -17.20 33.83 -32.26
N ASN A 690 -18.03 33.07 -31.53
CA ASN A 690 -19.38 33.50 -31.08
C ASN A 690 -19.24 34.56 -29.98
N THR A 691 -18.32 34.37 -29.03
CA THR A 691 -18.05 35.32 -27.92
C THR A 691 -17.62 36.67 -28.49
N LEU A 692 -16.77 36.66 -29.53
CA LEU A 692 -16.34 37.89 -30.26
C LEU A 692 -17.59 38.62 -30.76
N ALA A 693 -18.46 37.90 -31.48
CA ALA A 693 -19.74 38.40 -32.03
C ALA A 693 -20.57 39.06 -30.91
N SER A 694 -20.64 38.44 -29.73
CA SER A 694 -21.46 38.91 -28.57
C SER A 694 -20.92 40.25 -28.05
N LEU A 695 -19.61 40.51 -28.16
CA LEU A 695 -18.95 41.76 -27.72
C LEU A 695 -19.09 42.85 -28.78
N GLY A 696 -19.56 42.49 -29.99
CA GLY A 696 -19.81 43.44 -31.09
C GLY A 696 -18.70 43.42 -32.12
N TYR A 697 -18.29 42.23 -32.56
CA TYR A 697 -17.33 42.02 -33.68
C TYR A 697 -18.04 41.24 -34.80
N VAL A 698 -17.89 41.69 -36.05
CA VAL A 698 -18.12 40.83 -37.24
C VAL A 698 -16.99 39.81 -37.24
N VAL A 699 -17.31 38.52 -37.35
CA VAL A 699 -16.28 37.44 -37.46
C VAL A 699 -16.46 36.74 -38.81
N VAL A 700 -15.38 36.63 -39.58
CA VAL A 700 -15.39 36.04 -40.95
C VAL A 700 -14.41 34.86 -40.96
N VAL A 701 -14.77 33.80 -41.69
CA VAL A 701 -13.92 32.61 -41.97
C VAL A 701 -14.12 32.28 -43.46
N ILE A 702 -13.02 32.11 -44.20
CA ILE A 702 -13.06 31.83 -45.68
C ILE A 702 -12.09 30.69 -45.99
N ASP A 703 -12.60 29.59 -46.55
CA ASP A 703 -11.76 28.49 -47.11
C ASP A 703 -11.22 28.95 -48.46
N ASN A 704 -10.01 29.54 -48.44
CA ASN A 704 -9.29 30.00 -49.66
C ASN A 704 -8.83 28.79 -50.47
N ARG A 705 -8.31 29.04 -51.68
CA ARG A 705 -7.68 28.00 -52.54
C ARG A 705 -6.56 27.33 -51.73
N GLY A 706 -6.42 26.01 -51.85
CA GLY A 706 -5.50 25.20 -51.04
C GLY A 706 -6.24 24.35 -50.01
N SER A 707 -7.44 24.79 -49.60
CA SER A 707 -8.33 24.10 -48.62
C SER A 707 -8.65 22.67 -49.09
N CYS A 708 -9.24 21.89 -48.18
CA CYS A 708 -9.55 20.45 -48.33
C CYS A 708 -10.95 20.26 -48.91
N HIS A 709 -11.23 19.07 -49.47
CA HIS A 709 -12.56 18.56 -49.87
C HIS A 709 -13.08 19.26 -51.13
N ARG A 710 -12.19 19.77 -51.99
CA ARG A 710 -12.56 20.48 -53.25
C ARG A 710 -11.82 19.91 -54.46
N GLY A 711 -11.01 18.86 -54.27
CA GLY A 711 -10.25 18.20 -55.35
C GLY A 711 -8.80 18.66 -55.39
N LEU A 712 -7.95 17.91 -56.08
CA LEU A 712 -6.47 18.08 -56.07
C LEU A 712 -6.07 19.39 -56.77
N LYS A 713 -6.83 19.83 -57.78
CA LYS A 713 -6.54 21.05 -58.57
C LYS A 713 -6.74 22.29 -57.69
N PHE A 714 -7.90 22.39 -57.02
CA PHE A 714 -8.22 23.46 -56.04
C PHE A 714 -7.18 23.50 -54.92
N GLU A 715 -6.69 22.32 -54.51
CA GLU A 715 -5.68 22.16 -53.43
C GLU A 715 -4.31 22.58 -53.96
N GLY A 716 -3.95 22.16 -55.18
CA GLY A 716 -2.64 22.38 -55.81
C GLY A 716 -2.43 23.81 -56.27
N ALA A 717 -3.43 24.67 -56.08
CA ALA A 717 -3.44 26.10 -56.49
C ALA A 717 -2.15 26.80 -56.04
N PHE A 718 -1.64 26.50 -54.84
CA PHE A 718 -0.47 27.19 -54.25
C PHE A 718 0.78 26.32 -54.26
N LYS A 719 0.87 25.30 -55.12
CA LYS A 719 2.12 24.47 -55.20
C LYS A 719 3.29 25.39 -55.59
N TYR A 720 4.35 25.40 -54.78
CA TYR A 720 5.59 26.20 -54.95
C TYR A 720 5.35 27.67 -54.60
N LYS A 721 4.13 28.05 -54.21
CA LYS A 721 3.69 29.48 -54.13
C LYS A 721 2.97 29.75 -52.80
N MET A 722 3.29 29.01 -51.74
CA MET A 722 2.62 29.17 -50.41
C MET A 722 2.85 30.60 -49.93
N GLY A 723 1.77 31.25 -49.46
CA GLY A 723 1.78 32.65 -48.97
C GLY A 723 1.33 33.65 -50.03
N GLN A 724 1.34 33.28 -51.31
CA GLN A 724 1.26 34.23 -52.46
C GLN A 724 -0.17 34.37 -53.01
N ILE A 725 -1.10 33.48 -52.67
CA ILE A 725 -2.48 33.47 -53.26
C ILE A 725 -3.58 33.50 -52.18
N GLU A 726 -3.26 33.13 -50.93
CA GLU A 726 -4.28 32.88 -49.87
C GLU A 726 -5.00 34.18 -49.48
N ILE A 727 -4.26 35.28 -49.33
CA ILE A 727 -4.79 36.57 -48.77
C ILE A 727 -5.64 37.27 -49.83
N ASP A 728 -5.32 37.10 -51.11
CA ASP A 728 -6.18 37.58 -52.24
C ASP A 728 -7.61 37.03 -52.06
N ASP A 729 -7.73 35.71 -51.88
CA ASP A 729 -9.02 34.99 -51.70
C ASP A 729 -9.73 35.48 -50.44
N GLN A 730 -8.96 35.78 -49.38
CA GLN A 730 -9.51 36.24 -48.07
C GLN A 730 -10.05 37.67 -48.22
N VAL A 731 -9.31 38.54 -48.90
CA VAL A 731 -9.70 39.95 -49.18
C VAL A 731 -10.91 39.93 -50.14
N GLU A 732 -10.83 39.14 -51.22
CA GLU A 732 -11.91 39.01 -52.24
C GLU A 732 -13.23 38.65 -51.56
N GLY A 733 -13.20 37.68 -50.64
CA GLY A 733 -14.37 37.27 -49.84
C GLY A 733 -14.77 38.33 -48.84
N LEU A 734 -13.80 39.04 -48.27
CA LEU A 734 -14.01 40.11 -47.26
C LEU A 734 -14.67 41.31 -47.93
N GLN A 735 -14.35 41.56 -49.20
CA GLN A 735 -14.86 42.73 -49.99
C GLN A 735 -16.25 42.39 -50.57
N TYR A 736 -16.51 41.11 -50.88
CA TYR A 736 -17.86 40.60 -51.25
C TYR A 736 -18.84 40.90 -50.11
N LEU A 737 -18.47 40.52 -48.87
CA LEU A 737 -19.32 40.68 -47.65
C LEU A 737 -19.58 42.17 -47.40
N ALA A 738 -18.58 43.03 -47.64
CA ALA A 738 -18.62 44.48 -47.33
C ALA A 738 -19.62 45.19 -48.26
N SER A 739 -19.65 44.82 -49.54
CA SER A 739 -20.58 45.37 -50.56
C SER A 739 -22.01 44.88 -50.27
N ARG A 740 -22.14 43.64 -49.78
CA ARG A 740 -23.43 42.96 -49.52
C ARG A 740 -24.04 43.45 -48.20
N TYR A 741 -23.20 43.64 -47.16
CA TYR A 741 -23.60 44.07 -45.80
C TYR A 741 -22.90 45.37 -45.43
N ASP A 742 -23.66 46.36 -44.94
CA ASP A 742 -23.18 47.74 -44.68
C ASP A 742 -22.57 47.84 -43.27
N PHE A 743 -22.79 46.82 -42.42
CA PHE A 743 -22.36 46.83 -40.99
C PHE A 743 -20.90 46.38 -40.84
N ILE A 744 -20.23 46.02 -41.94
CA ILE A 744 -18.79 45.61 -41.95
C ILE A 744 -17.93 46.86 -42.13
N ASP A 745 -17.18 47.26 -41.09
CA ASP A 745 -16.24 48.41 -41.11
C ASP A 745 -14.87 47.93 -41.59
N LEU A 746 -14.52 48.20 -42.85
CA LEU A 746 -13.24 47.77 -43.48
C LEU A 746 -12.07 48.61 -42.95
N ASP A 747 -12.34 49.72 -42.24
CA ASP A 747 -11.29 50.57 -41.61
C ASP A 747 -10.65 49.80 -40.44
N ARG A 748 -11.40 48.90 -39.79
CA ARG A 748 -10.98 48.19 -38.56
C ARG A 748 -11.14 46.67 -38.75
N VAL A 749 -10.29 46.08 -39.61
CA VAL A 749 -10.24 44.61 -39.85
C VAL A 749 -9.05 44.01 -39.10
N GLY A 750 -9.30 43.03 -38.23
CA GLY A 750 -8.27 42.20 -37.58
C GLY A 750 -8.18 40.83 -38.23
N ILE A 751 -7.03 40.17 -38.15
CA ILE A 751 -6.80 38.79 -38.67
C ILE A 751 -6.07 37.97 -37.61
N HIS A 752 -6.51 36.73 -37.39
CA HIS A 752 -5.96 35.83 -36.32
C HIS A 752 -6.06 34.37 -36.76
N GLY A 753 -4.98 33.62 -36.52
CA GLY A 753 -4.89 32.18 -36.83
C GLY A 753 -3.73 31.53 -36.10
N TRP A 754 -3.67 30.19 -36.12
CA TRP A 754 -2.59 29.37 -35.53
C TRP A 754 -1.94 28.52 -36.61
N SER A 755 -0.67 28.15 -36.44
CA SER A 755 0.08 27.28 -37.36
C SER A 755 0.12 27.97 -38.74
N TYR A 756 -0.55 27.42 -39.76
CA TYR A 756 -0.66 28.05 -41.11
C TYR A 756 -1.51 29.33 -40.99
N GLY A 757 -2.44 29.37 -40.05
CA GLY A 757 -3.28 30.55 -39.76
C GLY A 757 -2.44 31.72 -39.27
N GLY A 758 -1.52 31.46 -38.33
CA GLY A 758 -0.57 32.45 -37.80
C GLY A 758 0.38 32.93 -38.88
N TYR A 759 0.81 32.02 -39.77
CA TYR A 759 1.65 32.30 -40.96
C TYR A 759 0.94 33.28 -41.89
N LEU A 760 -0.30 32.96 -42.29
CA LEU A 760 -1.12 33.80 -43.20
C LEU A 760 -1.49 35.13 -42.51
N SER A 761 -1.63 35.12 -41.19
CA SER A 761 -1.91 36.34 -40.38
C SER A 761 -0.75 37.34 -40.53
N LEU A 762 0.49 36.84 -40.60
CA LEU A 762 1.70 37.68 -40.80
C LEU A 762 1.78 38.12 -42.27
N MET A 763 1.59 37.18 -43.19
CA MET A 763 1.56 37.44 -44.65
C MET A 763 0.53 38.54 -44.97
N ALA A 764 -0.61 38.55 -44.26
CA ALA A 764 -1.73 39.49 -44.46
C ALA A 764 -1.29 40.92 -44.11
N LEU A 765 -0.69 41.10 -42.92
CA LEU A 765 -0.20 42.42 -42.43
C LEU A 765 0.95 42.91 -43.32
N MET A 766 1.71 41.96 -43.87
CA MET A 766 2.91 42.22 -44.73
C MET A 766 2.44 42.66 -46.13
N GLN A 767 1.48 41.94 -46.71
CA GLN A 767 1.04 42.11 -48.12
C GLN A 767 -0.07 43.17 -48.22
N ARG A 768 -1.01 43.19 -47.27
CA ARG A 768 -2.25 44.01 -47.33
C ARG A 768 -2.46 44.75 -46.00
N SER A 769 -1.53 45.63 -45.63
CA SER A 769 -1.63 46.54 -44.45
C SER A 769 -2.72 47.58 -44.68
N ASP A 770 -3.15 47.77 -45.94
CA ASP A 770 -4.27 48.69 -46.31
C ASP A 770 -5.61 48.08 -45.86
N ILE A 771 -5.69 46.75 -45.75
CA ILE A 771 -6.92 46.00 -45.38
C ILE A 771 -6.90 45.69 -43.87
N PHE A 772 -5.78 45.14 -43.38
CA PHE A 772 -5.65 44.55 -42.02
C PHE A 772 -4.94 45.52 -41.08
N ARG A 773 -5.66 46.03 -40.09
CA ARG A 773 -5.15 46.93 -39.03
C ARG A 773 -4.22 46.15 -38.09
N VAL A 774 -4.68 45.00 -37.57
CA VAL A 774 -3.94 44.19 -36.58
C VAL A 774 -3.86 42.74 -37.06
N ALA A 775 -2.79 42.04 -36.65
CA ALA A 775 -2.53 40.61 -36.97
C ALA A 775 -2.02 39.90 -35.71
N ILE A 776 -2.78 38.94 -35.19
CA ILE A 776 -2.36 38.06 -34.06
C ILE A 776 -1.94 36.71 -34.64
N ALA A 777 -0.64 36.44 -34.69
CA ALA A 777 -0.04 35.22 -35.29
C ALA A 777 0.34 34.23 -34.18
N GLY A 778 -0.34 33.08 -34.13
CA GLY A 778 -0.06 31.97 -33.20
C GLY A 778 0.78 30.89 -33.83
N ALA A 779 1.87 30.50 -33.17
CA ALA A 779 2.80 29.44 -33.61
C ALA A 779 2.99 29.50 -35.13
N PRO A 780 3.38 30.66 -35.71
CA PRO A 780 3.46 30.80 -37.15
C PRO A 780 4.73 30.16 -37.73
N VAL A 781 4.62 29.54 -38.91
CA VAL A 781 5.79 29.22 -39.77
C VAL A 781 6.27 30.53 -40.38
N THR A 782 7.51 30.93 -40.07
CA THR A 782 8.13 32.19 -40.55
C THR A 782 9.23 31.91 -41.59
N LEU A 783 9.63 30.66 -41.78
CA LEU A 783 10.84 30.29 -42.56
C LEU A 783 10.76 28.81 -42.97
N TRP A 784 10.44 28.55 -44.24
CA TRP A 784 10.06 27.20 -44.73
C TRP A 784 11.25 26.23 -44.71
N ILE A 785 12.49 26.72 -44.72
CA ILE A 785 13.72 25.85 -44.68
C ILE A 785 13.87 25.23 -43.28
N PHE A 786 13.20 25.76 -42.26
CA PHE A 786 13.23 25.27 -40.86
C PHE A 786 12.22 24.14 -40.66
N TYR A 787 11.14 24.11 -41.44
CA TYR A 787 10.05 23.11 -41.31
C TYR A 787 10.50 21.80 -41.95
N ASP A 788 9.76 20.71 -41.68
CA ASP A 788 10.21 19.31 -41.92
C ASP A 788 10.05 18.94 -43.40
N THR A 789 10.64 17.80 -43.77
CA THR A 789 10.71 17.23 -45.14
C THR A 789 9.32 16.87 -45.67
N GLY A 790 8.58 16.05 -44.91
CA GLY A 790 7.30 15.45 -45.34
C GLY A 790 6.28 16.49 -45.77
N TYR A 791 6.17 17.58 -45.03
CA TYR A 791 5.16 18.66 -45.26
C TYR A 791 5.68 19.63 -46.33
N THR A 792 6.86 20.22 -46.09
CA THR A 792 7.36 21.38 -46.88
C THR A 792 7.61 20.93 -48.34
N GLU A 793 8.37 19.85 -48.53
CA GLU A 793 8.77 19.36 -49.87
C GLU A 793 7.53 18.91 -50.65
N ARG A 794 6.50 18.41 -49.97
CA ARG A 794 5.21 17.97 -50.58
C ARG A 794 4.58 19.15 -51.34
N TYR A 795 4.50 20.32 -50.71
CA TYR A 795 3.77 21.52 -51.23
C TYR A 795 4.72 22.49 -51.96
N MET A 796 6.00 22.58 -51.57
CA MET A 796 6.95 23.62 -52.06
C MET A 796 8.15 22.99 -52.82
N GLY A 797 8.26 21.66 -52.86
CA GLY A 797 9.41 20.96 -53.47
C GLY A 797 10.70 21.18 -52.69
N HIS A 798 11.82 20.70 -53.23
CA HIS A 798 13.20 20.87 -52.68
C HIS A 798 13.58 22.35 -52.73
N PRO A 799 14.24 22.90 -51.69
CA PRO A 799 14.67 24.31 -51.68
C PRO A 799 15.46 24.79 -52.91
N ASP A 800 16.25 23.91 -53.53
CA ASP A 800 17.13 24.21 -54.70
C ASP A 800 16.26 24.50 -55.94
N GLN A 801 15.17 23.74 -56.11
CA GLN A 801 14.28 23.81 -57.30
C GLN A 801 13.11 24.78 -57.05
N ASN A 802 13.17 25.58 -55.97
CA ASN A 802 12.15 26.61 -55.68
C ASN A 802 12.75 27.69 -54.78
N GLU A 803 13.89 28.27 -55.18
CA GLU A 803 14.60 29.32 -54.41
C GLU A 803 13.65 30.49 -54.12
N GLN A 804 12.90 30.95 -55.14
CA GLN A 804 12.06 32.17 -55.06
C GLN A 804 10.77 31.87 -54.30
N GLY A 805 10.19 30.69 -54.47
CA GLY A 805 9.00 30.23 -53.72
C GLY A 805 9.25 30.23 -52.22
N TYR A 806 10.38 29.64 -51.81
CA TYR A 806 10.83 29.56 -50.40
C TYR A 806 11.06 30.97 -49.83
N TYR A 807 11.75 31.84 -50.58
CA TYR A 807 12.11 33.21 -50.14
C TYR A 807 10.83 34.03 -49.93
N LEU A 808 10.00 34.15 -50.97
CA LEU A 808 8.75 34.95 -50.95
C LEU A 808 7.76 34.34 -49.95
N GLY A 809 7.80 33.03 -49.76
CA GLY A 809 6.90 32.28 -48.85
C GLY A 809 7.28 32.43 -47.38
N SER A 810 8.49 32.89 -47.08
CA SER A 810 9.05 33.03 -45.70
C SER A 810 8.91 34.48 -45.23
N VAL A 811 8.11 34.73 -44.18
CA VAL A 811 7.86 36.11 -43.65
C VAL A 811 9.15 36.66 -43.03
N ALA A 812 9.99 35.80 -42.45
CA ALA A 812 11.23 36.18 -41.73
C ALA A 812 12.18 36.91 -42.70
N MET A 813 12.16 36.54 -43.98
CA MET A 813 13.05 37.09 -45.05
C MET A 813 12.51 38.43 -45.57
N GLN A 814 11.35 38.89 -45.08
CA GLN A 814 10.66 40.11 -45.59
C GLN A 814 10.21 40.97 -44.40
N ALA A 815 11.02 41.04 -43.35
CA ALA A 815 10.77 41.81 -42.11
C ALA A 815 10.55 43.29 -42.44
N GLU A 816 11.34 43.82 -43.39
CA GLU A 816 11.32 45.24 -43.82
C GLU A 816 9.91 45.63 -44.32
N LYS A 817 9.08 44.66 -44.73
CA LYS A 817 7.73 44.90 -45.33
C LYS A 817 6.65 44.99 -44.25
N PHE A 818 6.97 44.75 -42.98
CA PHE A 818 6.02 44.87 -41.84
C PHE A 818 5.77 46.35 -41.56
N PRO A 819 4.64 46.72 -40.91
CA PRO A 819 4.33 48.11 -40.61
C PRO A 819 5.33 48.75 -39.63
N SER A 820 5.57 50.06 -39.77
CA SER A 820 6.39 50.88 -38.84
C SER A 820 5.51 51.46 -37.73
N GLU A 821 4.22 51.12 -37.70
CA GLU A 821 3.28 51.44 -36.58
C GLU A 821 3.27 50.27 -35.60
N PRO A 822 3.36 50.53 -34.28
CA PRO A 822 3.14 49.50 -33.27
C PRO A 822 1.64 49.21 -33.07
N ASN A 823 1.31 48.18 -32.27
CA ASN A 823 -0.06 47.79 -31.88
C ASN A 823 -0.82 47.21 -33.09
N ARG A 824 -0.09 46.68 -34.08
CA ARG A 824 -0.66 46.04 -35.30
C ARG A 824 -0.22 44.57 -35.37
N LEU A 825 0.98 44.25 -34.86
CA LEU A 825 1.58 42.90 -34.91
C LEU A 825 1.65 42.31 -33.50
N LEU A 826 1.11 41.11 -33.31
CA LEU A 826 1.18 40.34 -32.04
C LEU A 826 1.54 38.88 -32.35
N LEU A 827 2.64 38.40 -31.76
CA LEU A 827 3.12 37.01 -31.94
C LEU A 827 2.80 36.21 -30.67
N LEU A 828 2.13 35.07 -30.82
CA LEU A 828 1.86 34.08 -29.74
C LEU A 828 2.59 32.78 -30.11
N HIS A 829 3.30 32.17 -29.16
CA HIS A 829 4.00 30.88 -29.39
C HIS A 829 4.15 30.13 -28.07
N GLY A 830 3.85 28.83 -28.08
CA GLY A 830 4.27 27.89 -27.02
C GLY A 830 5.77 27.68 -27.07
N PHE A 831 6.44 27.78 -25.94
CA PHE A 831 7.93 27.78 -25.84
C PHE A 831 8.48 26.38 -26.15
N LEU A 832 7.69 25.32 -25.89
CA LEU A 832 8.14 23.91 -25.98
C LEU A 832 7.59 23.24 -27.25
N ASP A 833 7.10 24.04 -28.22
CA ASP A 833 6.48 23.54 -29.48
C ASP A 833 7.46 22.64 -30.23
N GLU A 834 7.05 21.40 -30.52
CA GLU A 834 7.86 20.35 -31.19
C GLU A 834 7.65 20.38 -32.71
N ASN A 835 6.49 20.88 -33.17
CA ASN A 835 6.08 20.91 -34.60
C ASN A 835 6.63 22.20 -35.25
N VAL A 836 6.07 23.35 -34.88
CA VAL A 836 6.56 24.70 -35.27
C VAL A 836 7.42 25.24 -34.12
N HIS A 837 8.73 25.04 -34.20
CA HIS A 837 9.70 25.43 -33.14
C HIS A 837 9.61 26.92 -32.87
N PHE A 838 9.93 27.35 -31.65
CA PHE A 838 9.91 28.75 -31.20
C PHE A 838 10.89 29.58 -32.06
N ALA A 839 11.89 28.90 -32.65
CA ALA A 839 12.90 29.49 -33.56
C ALA A 839 12.23 30.34 -34.64
N HIS A 840 11.14 29.84 -35.24
CA HIS A 840 10.34 30.58 -36.25
C HIS A 840 10.08 31.99 -35.72
N THR A 841 9.58 32.11 -34.48
CA THR A 841 9.29 33.41 -33.82
C THR A 841 10.61 34.14 -33.56
N SER A 842 11.57 33.48 -32.91
CA SER A 842 12.84 34.11 -32.46
C SER A 842 13.63 34.65 -33.67
N ILE A 843 13.70 33.89 -34.78
CA ILE A 843 14.35 34.35 -36.04
C ILE A 843 13.58 35.57 -36.57
N LEU A 844 12.26 35.46 -36.71
CA LEU A 844 11.39 36.55 -37.20
C LEU A 844 11.65 37.82 -36.37
N LEU A 845 11.64 37.70 -35.05
CA LEU A 845 11.92 38.83 -34.11
C LEU A 845 13.32 39.40 -34.39
N SER A 846 14.31 38.53 -34.61
CA SER A 846 15.71 38.90 -34.91
C SER A 846 15.75 39.87 -36.09
N PHE A 847 15.00 39.56 -37.16
CA PHE A 847 14.95 40.36 -38.41
C PHE A 847 14.09 41.62 -38.21
N LEU A 848 13.04 41.55 -37.41
CA LEU A 848 12.18 42.71 -37.07
C LEU A 848 13.00 43.76 -36.32
N VAL A 849 13.88 43.32 -35.42
CA VAL A 849 14.79 44.21 -34.62
C VAL A 849 15.80 44.87 -35.57
N ARG A 850 16.35 44.13 -36.54
CA ARG A 850 17.30 44.67 -37.56
C ARG A 850 16.58 45.71 -38.42
N ALA A 851 15.36 45.42 -38.86
CA ALA A 851 14.53 46.27 -39.75
C ALA A 851 13.98 47.47 -38.96
N GLY A 852 14.10 47.46 -37.63
CA GLY A 852 13.63 48.54 -36.74
C GLY A 852 12.11 48.60 -36.68
N LYS A 853 11.45 47.44 -36.75
CA LYS A 853 9.96 47.32 -36.74
C LYS A 853 9.49 46.96 -35.33
N PRO A 854 8.32 47.48 -34.88
CA PRO A 854 7.77 47.11 -33.58
C PRO A 854 7.00 45.78 -33.66
N TYR A 855 6.75 45.16 -32.50
CA TYR A 855 6.00 43.89 -32.35
C TYR A 855 5.54 43.76 -30.91
N ASP A 856 4.47 42.99 -30.69
CA ASP A 856 4.02 42.54 -29.35
C ASP A 856 4.17 41.02 -29.31
N LEU A 857 4.46 40.46 -28.14
CA LEU A 857 4.82 39.03 -27.99
C LEU A 857 4.21 38.46 -26.70
N GLN A 858 3.60 37.29 -26.81
CA GLN A 858 3.19 36.44 -25.66
C GLN A 858 3.84 35.06 -25.84
N ILE A 859 4.47 34.54 -24.79
CA ILE A 859 5.02 33.16 -24.73
C ILE A 859 4.17 32.36 -23.74
N TYR A 860 3.98 31.07 -24.02
CA TYR A 860 3.36 30.06 -23.11
C TYR A 860 4.45 29.05 -22.77
N PRO A 861 5.24 29.30 -21.69
CA PRO A 861 6.47 28.56 -21.43
C PRO A 861 6.34 27.04 -21.25
N GLN A 862 5.15 26.54 -20.88
CA GLN A 862 4.92 25.11 -20.55
C GLN A 862 4.01 24.45 -21.59
N GLU A 863 3.86 25.05 -22.77
CA GLU A 863 2.95 24.56 -23.84
C GLU A 863 3.77 24.11 -25.05
N ARG A 864 3.29 23.04 -25.71
CA ARG A 864 3.77 22.59 -27.05
C ARG A 864 2.98 23.37 -28.10
N HIS A 865 2.71 22.77 -29.27
CA HIS A 865 1.90 23.40 -30.35
C HIS A 865 0.50 23.71 -29.82
N SER A 866 -0.26 22.67 -29.44
CA SER A 866 -1.65 22.75 -28.91
C SER A 866 -1.62 22.99 -27.40
N ILE A 867 -2.21 24.10 -26.96
CA ILE A 867 -2.26 24.54 -25.53
C ILE A 867 -3.16 23.56 -24.75
N ARG A 868 -2.61 22.90 -23.73
CA ARG A 868 -3.28 21.82 -22.94
C ARG A 868 -3.68 22.36 -21.57
N VAL A 869 -2.72 22.88 -20.80
CA VAL A 869 -2.92 23.36 -19.40
C VAL A 869 -3.93 24.50 -19.42
N PRO A 870 -5.12 24.33 -18.79
CA PRO A 870 -6.21 25.31 -18.87
C PRO A 870 -5.81 26.78 -18.64
N GLU A 871 -4.89 27.04 -17.71
CA GLU A 871 -4.45 28.40 -17.30
C GLU A 871 -3.92 29.15 -18.53
N SER A 872 -3.15 28.47 -19.37
CA SER A 872 -2.53 29.01 -20.61
C SER A 872 -3.63 29.38 -21.62
N GLY A 873 -4.62 28.49 -21.80
CA GLY A 873 -5.78 28.73 -22.69
C GLY A 873 -6.61 29.91 -22.22
N GLU A 874 -6.85 30.02 -20.91
CA GLU A 874 -7.60 31.13 -20.28
C GLU A 874 -6.86 32.45 -20.50
N HIS A 875 -5.54 32.46 -20.30
CA HIS A 875 -4.65 33.64 -20.46
C HIS A 875 -4.65 34.09 -21.92
N TYR A 876 -4.53 33.14 -22.86
CA TYR A 876 -4.54 33.38 -24.33
C TYR A 876 -5.86 34.05 -24.72
N GLU A 877 -6.99 33.43 -24.38
CA GLU A 877 -8.35 33.95 -24.67
C GLU A 877 -8.48 35.37 -24.10
N LEU A 878 -8.05 35.57 -22.84
CA LEU A 878 -8.13 36.87 -22.13
C LEU A 878 -7.31 37.93 -22.88
N HIS A 879 -6.05 37.63 -23.20
CA HIS A 879 -5.12 38.56 -23.88
C HIS A 879 -5.62 38.86 -25.30
N LEU A 880 -6.15 37.86 -26.01
CA LEU A 880 -6.64 38.00 -27.40
C LEU A 880 -7.77 39.03 -27.45
N LEU A 881 -8.79 38.87 -26.61
CA LEU A 881 -9.97 39.79 -26.55
C LEU A 881 -9.49 41.18 -26.16
N HIS A 882 -8.71 41.29 -25.07
CA HIS A 882 -8.15 42.56 -24.56
C HIS A 882 -7.37 43.29 -25.65
N TYR A 883 -6.57 42.57 -26.44
CA TYR A 883 -5.73 43.14 -27.53
C TYR A 883 -6.64 43.68 -28.64
N LEU A 884 -7.60 42.88 -29.09
CA LEU A 884 -8.60 43.29 -30.12
C LEU A 884 -9.38 44.50 -29.61
N GLN A 885 -9.87 44.44 -28.36
CA GLN A 885 -10.56 45.56 -27.67
C GLN A 885 -9.71 46.83 -27.78
N GLU A 886 -8.45 46.75 -27.33
CA GLU A 886 -7.55 47.92 -27.12
C GLU A 886 -6.98 48.44 -28.44
N ASN A 887 -6.89 47.60 -29.48
CA ASN A 887 -6.13 47.92 -30.71
C ASN A 887 -6.99 47.74 -31.98
N LEU A 888 -8.31 47.50 -31.83
CA LEU A 888 -9.24 47.34 -32.98
C LEU A 888 -10.67 47.77 -32.57
N GLY A 889 -11.25 47.09 -31.59
CA GLY A 889 -12.68 47.18 -31.25
C GLY A 889 -13.09 48.53 -30.71
N SER A 890 -12.51 48.95 -29.58
CA SER A 890 -12.95 50.13 -28.77
C SER A 890 -12.65 51.44 -29.50
N ARG A 891 -13.05 52.57 -28.90
CA ARG A 891 -12.82 53.94 -29.44
C ARG A 891 -11.43 54.42 -29.05
N ILE A 892 -10.89 53.93 -27.92
CA ILE A 892 -9.46 54.14 -27.52
C ILE A 892 -8.57 53.71 -28.68
N ALA A 893 -8.90 52.59 -29.34
CA ALA A 893 -8.17 52.02 -30.49
C ALA A 893 -8.18 53.01 -31.66
N ALA A 894 -9.31 53.69 -31.89
CA ALA A 894 -9.51 54.68 -32.98
C ALA A 894 -8.70 55.95 -32.67
N LEU A 895 -8.73 56.41 -31.40
CA LEU A 895 -7.99 57.61 -30.91
C LEU A 895 -6.48 57.37 -31.00
N LYS A 896 -6.05 56.11 -30.85
CA LYS A 896 -4.63 55.71 -30.67
C LYS A 896 -3.84 55.96 -31.97
N VAL A 897 -4.47 55.87 -33.14
CA VAL A 897 -3.79 56.03 -34.46
C VAL A 897 -3.29 57.47 -34.58
N LEU B 48 -38.91 -30.24 3.29
CA LEU B 48 -37.67 -30.45 4.10
C LEU B 48 -37.59 -29.40 5.21
N GLU B 49 -37.92 -29.79 6.45
CA GLU B 49 -37.87 -28.89 7.64
C GLU B 49 -36.42 -28.71 8.08
N PRO B 50 -36.00 -27.49 8.46
CA PRO B 50 -34.64 -27.26 8.92
C PRO B 50 -34.42 -27.79 10.35
N PHE B 51 -33.50 -28.75 10.52
CA PHE B 51 -33.03 -29.23 11.84
C PHE B 51 -32.22 -28.13 12.51
N TYR B 52 -32.52 -27.84 13.77
CA TYR B 52 -31.78 -26.87 14.62
C TYR B 52 -31.05 -27.64 15.72
N VAL B 53 -29.74 -27.40 15.85
CA VAL B 53 -28.87 -28.08 16.86
C VAL B 53 -29.32 -27.64 18.26
N GLU B 54 -29.24 -28.53 19.25
CA GLU B 54 -29.53 -28.22 20.67
C GLU B 54 -28.72 -26.98 21.05
N ARG B 55 -29.36 -26.00 21.70
CA ARG B 55 -28.73 -24.73 22.14
C ARG B 55 -28.20 -24.90 23.57
N TYR B 56 -27.01 -25.49 23.70
CA TYR B 56 -26.31 -25.70 24.99
C TYR B 56 -25.76 -24.36 25.49
N SER B 57 -25.73 -24.15 26.80
CA SER B 57 -25.06 -23.00 27.46
C SER B 57 -23.54 -23.18 27.32
N TRP B 58 -22.78 -22.10 27.46
CA TRP B 58 -21.29 -22.11 27.43
C TRP B 58 -20.77 -23.19 28.39
N SER B 59 -21.30 -23.22 29.62
CA SER B 59 -20.95 -24.18 30.70
C SER B 59 -21.24 -25.62 30.27
N GLN B 60 -22.35 -25.85 29.57
CA GLN B 60 -22.79 -27.20 29.08
C GLN B 60 -21.84 -27.68 27.97
N LEU B 61 -21.54 -26.82 26.98
CA LEU B 61 -20.60 -27.14 25.87
C LEU B 61 -19.22 -27.50 26.43
N LYS B 62 -18.75 -26.73 27.42
CA LYS B 62 -17.46 -26.96 28.11
C LYS B 62 -17.46 -28.38 28.71
N LYS B 63 -18.56 -28.76 29.37
CA LYS B 63 -18.78 -30.09 30.00
C LYS B 63 -18.73 -31.17 28.92
N LEU B 64 -19.53 -31.01 27.86
CA LEU B 64 -19.65 -31.99 26.74
C LEU B 64 -18.29 -32.26 26.11
N LEU B 65 -17.47 -31.22 25.92
CA LEU B 65 -16.12 -31.32 25.31
C LEU B 65 -15.17 -32.04 26.27
N ALA B 66 -15.23 -31.71 27.57
CA ALA B 66 -14.39 -32.30 28.63
C ALA B 66 -14.68 -33.80 28.78
N ASP B 67 -15.96 -34.19 28.67
CA ASP B 67 -16.43 -35.60 28.83
C ASP B 67 -15.96 -36.44 27.63
N THR B 68 -16.01 -35.88 26.42
CA THR B 68 -15.68 -36.59 25.15
C THR B 68 -14.17 -36.61 24.91
N ARG B 69 -13.39 -35.88 25.72
CA ARG B 69 -11.90 -35.82 25.64
C ARG B 69 -11.27 -36.52 26.85
N LYS B 70 -12.07 -37.05 27.78
CA LYS B 70 -11.60 -37.56 29.10
C LYS B 70 -10.69 -38.78 28.91
N TYR B 71 -11.03 -39.66 27.96
CA TYR B 71 -10.26 -40.89 27.63
C TYR B 71 -9.45 -40.68 26.34
N HIS B 72 -9.08 -39.43 26.05
CA HIS B 72 -8.29 -39.01 24.85
C HIS B 72 -6.96 -38.37 25.32
N GLY B 73 -6.26 -39.05 26.24
CA GLY B 73 -4.93 -38.67 26.74
C GLY B 73 -3.83 -39.47 26.05
N TYR B 74 -4.00 -40.79 25.97
CA TYR B 74 -3.07 -41.76 25.32
C TYR B 74 -2.92 -41.43 23.82
N MET B 75 -3.94 -40.80 23.22
CA MET B 75 -4.02 -40.49 21.78
C MET B 75 -2.92 -39.51 21.37
N MET B 76 -2.51 -38.63 22.30
CA MET B 76 -1.47 -37.60 22.08
C MET B 76 -0.10 -38.13 22.55
N ALA B 77 0.29 -39.33 22.08
CA ALA B 77 1.54 -40.03 22.43
C ALA B 77 2.27 -40.51 21.17
N LYS B 78 3.51 -40.06 20.98
CA LYS B 78 4.33 -40.32 19.75
C LYS B 78 4.48 -41.83 19.53
N ALA B 79 4.05 -42.33 18.36
CA ALA B 79 4.20 -43.73 17.93
C ALA B 79 5.68 -44.02 17.69
N PRO B 80 6.13 -45.29 17.84
CA PRO B 80 7.51 -45.66 17.55
C PRO B 80 8.04 -45.12 16.21
N HIS B 81 9.20 -44.45 16.22
CA HIS B 81 9.83 -43.82 15.03
C HIS B 81 11.37 -43.86 15.16
N ASP B 82 12.06 -43.43 14.09
CA ASP B 82 13.56 -43.45 13.99
C ASP B 82 14.04 -44.87 14.29
N PHE B 83 13.52 -45.85 13.55
CA PHE B 83 13.89 -47.28 13.70
C PHE B 83 15.32 -47.48 13.21
N MET B 84 16.04 -48.37 13.89
CA MET B 84 17.40 -48.85 13.52
C MET B 84 17.48 -50.33 13.89
N PHE B 85 17.95 -51.16 12.98
CA PHE B 85 18.12 -52.62 13.14
C PHE B 85 19.60 -52.92 13.36
N VAL B 86 19.94 -53.56 14.48
CA VAL B 86 21.31 -54.06 14.78
C VAL B 86 21.26 -55.58 14.89
N LYS B 87 22.11 -56.27 14.13
CA LYS B 87 22.23 -57.75 14.12
C LYS B 87 22.90 -58.22 15.42
N ARG B 88 22.39 -59.30 16.01
CA ARG B 88 22.91 -59.89 17.28
C ARG B 88 24.18 -60.71 16.99
N ASN B 89 24.24 -61.37 15.82
CA ASN B 89 25.36 -62.25 15.39
C ASN B 89 25.68 -63.26 16.50
N ASP B 90 24.64 -63.89 17.07
CA ASP B 90 24.72 -64.87 18.18
C ASP B 90 24.10 -66.18 17.73
N PRO B 91 24.87 -67.09 17.09
CA PRO B 91 24.35 -68.39 16.62
C PRO B 91 23.58 -69.23 17.65
N ASP B 92 23.97 -69.18 18.93
CA ASP B 92 23.37 -69.98 20.03
C ASP B 92 22.12 -69.29 20.57
N GLY B 93 21.92 -68.01 20.26
CA GLY B 93 20.84 -67.18 20.80
C GLY B 93 19.56 -67.22 19.97
N PRO B 94 18.40 -66.80 20.53
CA PRO B 94 17.11 -66.88 19.83
C PRO B 94 16.68 -65.63 19.04
N HIS B 95 17.50 -64.59 19.01
CA HIS B 95 17.17 -63.27 18.38
C HIS B 95 18.13 -62.98 17.22
N SER B 96 17.58 -62.63 16.04
CA SER B 96 18.36 -62.24 14.84
C SER B 96 18.81 -60.78 14.96
N ASP B 97 17.91 -59.91 15.44
CA ASP B 97 18.07 -58.44 15.45
C ASP B 97 17.63 -57.86 16.79
N ARG B 98 18.25 -56.75 17.19
CA ARG B 98 17.67 -55.78 18.15
C ARG B 98 17.26 -54.55 17.34
N ILE B 99 16.02 -54.08 17.52
CA ILE B 99 15.54 -52.80 16.93
C ILE B 99 15.52 -51.75 18.04
N TYR B 100 16.12 -50.59 17.76
CA TYR B 100 16.05 -49.37 18.60
C TYR B 100 15.13 -48.37 17.91
N TYR B 101 14.39 -47.60 18.70
CA TYR B 101 13.42 -46.58 18.23
C TYR B 101 13.13 -45.60 19.36
N LEU B 102 12.62 -44.41 18.99
CA LEU B 102 12.07 -43.39 19.92
C LEU B 102 10.55 -43.58 20.00
N ALA B 103 9.96 -43.33 21.18
CA ALA B 103 8.49 -43.36 21.42
C ALA B 103 8.20 -42.77 22.79
N MET B 104 6.92 -42.46 23.05
CA MET B 104 6.35 -42.20 24.39
C MET B 104 5.63 -43.46 24.88
N SER B 105 6.02 -43.96 26.06
CA SER B 105 5.46 -45.19 26.69
C SER B 105 3.95 -45.05 26.84
N GLY B 106 3.49 -43.87 27.29
CA GLY B 106 2.06 -43.51 27.41
C GLY B 106 1.87 -42.00 27.34
N GLU B 107 0.73 -41.51 27.84
CA GLU B 107 0.36 -40.06 27.84
C GLU B 107 1.18 -39.33 28.91
N ASN B 108 1.38 -38.02 28.72
CA ASN B 108 2.03 -37.09 29.70
C ASN B 108 3.48 -37.54 29.96
N ARG B 109 4.07 -38.36 29.08
CA ARG B 109 5.39 -39.00 29.29
C ARG B 109 6.37 -38.52 28.22
N GLU B 110 7.67 -38.55 28.53
CA GLU B 110 8.76 -37.95 27.71
C GLU B 110 9.18 -38.95 26.63
N ASN B 111 9.47 -38.44 25.42
CA ASN B 111 9.97 -39.21 24.26
C ASN B 111 11.39 -39.71 24.58
N THR B 112 11.63 -41.02 24.46
CA THR B 112 12.91 -41.66 24.86
C THR B 112 13.23 -42.88 23.97
N LEU B 113 14.47 -43.36 24.03
CA LEU B 113 14.98 -44.53 23.27
C LEU B 113 14.46 -45.82 23.92
N PHE B 114 13.91 -46.73 23.11
CA PHE B 114 13.49 -48.10 23.50
C PHE B 114 14.23 -49.10 22.61
N TYR B 115 14.21 -50.38 23.00
CA TYR B 115 14.67 -51.51 22.16
C TYR B 115 13.70 -52.69 22.32
N SER B 116 13.59 -53.50 21.27
CA SER B 116 12.80 -54.76 21.22
C SER B 116 13.64 -55.84 20.52
N GLU B 117 13.44 -57.11 20.90
CA GLU B 117 14.21 -58.27 20.40
C GLU B 117 13.41 -58.94 19.27
N ILE B 118 14.02 -59.08 18.08
CA ILE B 118 13.41 -59.77 16.90
C ILE B 118 13.78 -61.24 16.96
N PRO B 119 12.80 -62.16 17.14
CA PRO B 119 13.08 -63.59 17.16
C PRO B 119 13.56 -64.14 15.80
N LYS B 120 14.43 -65.17 15.84
CA LYS B 120 14.88 -65.92 14.64
C LYS B 120 13.71 -66.71 14.06
N THR B 121 12.76 -67.11 14.91
CA THR B 121 11.54 -67.89 14.52
C THR B 121 10.35 -67.45 15.39
N ILE B 122 9.13 -67.58 14.86
CA ILE B 122 7.86 -67.20 15.55
C ILE B 122 6.88 -68.37 15.49
N ASN B 123 6.02 -68.48 16.50
CA ASN B 123 4.85 -69.40 16.53
C ASN B 123 3.74 -68.77 15.67
N ARG B 124 3.56 -69.28 14.45
CA ARG B 124 2.67 -68.70 13.41
C ARG B 124 1.19 -68.95 13.75
N ALA B 125 0.91 -69.71 14.81
CA ALA B 125 -0.44 -69.94 15.37
C ALA B 125 -0.89 -68.74 16.20
N ALA B 126 0.06 -67.97 16.73
CA ALA B 126 -0.17 -66.82 17.63
C ALA B 126 0.33 -65.52 17.00
N VAL B 127 0.06 -64.39 17.65
CA VAL B 127 0.51 -63.03 17.24
C VAL B 127 1.46 -62.50 18.34
N LEU B 128 2.75 -62.45 18.03
CA LEU B 128 3.82 -61.97 18.95
C LEU B 128 3.73 -60.45 19.10
N MET B 129 3.49 -59.96 20.33
CA MET B 129 3.60 -58.53 20.70
C MET B 129 5.00 -58.33 21.33
N LEU B 130 5.89 -57.61 20.63
CA LEU B 130 7.23 -57.27 21.16
C LEU B 130 7.07 -56.37 22.39
N SER B 131 7.78 -56.67 23.48
CA SER B 131 7.84 -55.82 24.69
C SER B 131 8.83 -54.68 24.46
N TRP B 132 8.52 -53.49 24.97
CA TRP B 132 9.36 -52.26 24.89
C TRP B 132 10.33 -52.26 26.09
N LYS B 133 11.62 -52.48 25.84
CA LYS B 133 12.70 -52.41 26.85
C LYS B 133 13.28 -51.00 26.83
N PRO B 134 13.22 -50.23 27.94
CA PRO B 134 13.89 -48.92 28.01
C PRO B 134 15.41 -49.09 27.87
N LEU B 135 16.04 -48.28 27.00
CA LEU B 135 17.50 -48.29 26.78
C LEU B 135 18.20 -47.42 27.85
N LEU B 136 17.52 -46.40 28.36
CA LEU B 136 18.15 -45.35 29.22
C LEU B 136 17.48 -45.28 30.60
N ASP B 137 18.24 -44.77 31.58
CA ASP B 137 17.79 -44.42 32.95
C ASP B 137 18.38 -43.04 33.29
N LEU B 138 17.63 -41.97 33.01
CA LEU B 138 18.08 -40.56 33.20
C LEU B 138 17.92 -40.18 34.69
N PHE B 139 19.05 -39.93 35.38
CA PHE B 139 19.10 -39.61 36.83
C PHE B 139 19.38 -38.11 37.02
N VAL B 164 13.54 -33.84 29.95
CA VAL B 164 14.74 -34.42 29.25
C VAL B 164 14.27 -35.41 28.19
N GLY B 165 13.48 -34.92 27.22
CA GLY B 165 12.99 -35.70 26.06
C GLY B 165 14.03 -35.76 24.95
N ILE B 166 14.07 -36.88 24.21
CA ILE B 166 14.99 -37.10 23.05
C ILE B 166 14.17 -36.95 21.77
N ALA B 167 14.54 -36.01 20.90
CA ALA B 167 13.87 -35.72 19.62
C ALA B 167 14.52 -36.54 18.49
N SER B 168 15.83 -36.81 18.60
CA SER B 168 16.59 -37.66 17.64
C SER B 168 17.86 -38.17 18.31
N TYR B 169 18.50 -39.17 17.70
CA TYR B 169 19.76 -39.79 18.18
C TYR B 169 20.66 -40.08 16.98
N ASP B 170 21.97 -40.14 17.25
CA ASP B 170 23.02 -40.54 16.29
C ASP B 170 23.57 -41.89 16.76
N TYR B 171 24.21 -42.65 15.88
CA TYR B 171 24.76 -44.00 16.20
C TYR B 171 25.97 -44.26 15.30
N HIS B 172 26.99 -44.93 15.85
CA HIS B 172 28.19 -45.44 15.14
C HIS B 172 28.20 -46.96 15.26
N GLN B 173 27.88 -47.65 14.17
CA GLN B 173 27.71 -49.13 14.12
C GLN B 173 28.97 -49.80 14.70
N GLY B 174 30.15 -49.34 14.27
CA GLY B 174 31.46 -49.91 14.63
C GLY B 174 31.71 -49.95 16.12
N SER B 175 31.41 -48.86 16.83
CA SER B 175 31.68 -48.68 18.29
C SER B 175 30.44 -49.05 19.12
N GLY B 176 29.24 -48.95 18.53
CA GLY B 176 27.96 -49.11 19.25
C GLY B 176 27.61 -47.88 20.07
N THR B 177 28.14 -46.72 19.69
CA THR B 177 28.00 -45.45 20.44
C THR B 177 26.75 -44.70 19.99
N PHE B 178 25.76 -44.58 20.89
CA PHE B 178 24.64 -43.62 20.77
C PHE B 178 25.14 -42.23 21.19
N LEU B 179 24.75 -41.20 20.44
CA LEU B 179 24.91 -39.77 20.81
C LEU B 179 23.55 -39.08 20.62
N PHE B 180 23.05 -38.39 21.65
CA PHE B 180 21.70 -37.77 21.64
C PHE B 180 21.66 -36.60 22.65
N GLN B 181 20.98 -35.51 22.28
CA GLN B 181 20.62 -34.41 23.19
C GLN B 181 19.37 -34.85 23.98
N ALA B 182 19.37 -34.60 25.30
CA ALA B 182 18.26 -34.92 26.23
C ALA B 182 18.11 -33.78 27.24
N GLY B 183 17.22 -32.83 26.95
CA GLY B 183 17.14 -31.53 27.67
C GLY B 183 18.33 -30.66 27.31
N SER B 184 18.93 -29.99 28.29
CA SER B 184 20.08 -29.07 28.11
C SER B 184 21.38 -29.84 27.84
N GLY B 185 21.40 -31.15 28.13
CA GLY B 185 22.63 -31.98 28.10
C GLY B 185 22.76 -32.79 26.82
N ILE B 186 24.00 -33.10 26.43
CA ILE B 186 24.37 -34.05 25.34
C ILE B 186 25.02 -35.28 25.99
N TYR B 187 24.44 -36.46 25.79
CA TYR B 187 24.86 -37.72 26.45
C TYR B 187 25.33 -38.73 25.40
N HIS B 188 26.10 -39.73 25.84
CA HIS B 188 26.57 -40.88 25.03
C HIS B 188 26.52 -42.17 25.88
N VAL B 189 26.02 -43.26 25.28
CA VAL B 189 26.09 -44.65 25.83
C VAL B 189 26.53 -45.55 24.67
N LYS B 190 26.87 -46.80 24.98
CA LYS B 190 27.18 -47.85 23.97
C LYS B 190 26.17 -49.00 24.13
N ASP B 191 25.76 -49.58 23.00
CA ASP B 191 24.95 -50.83 22.97
C ASP B 191 25.02 -51.43 21.55
N GLY B 192 25.16 -52.75 21.47
CA GLY B 192 25.14 -53.53 20.22
C GLY B 192 26.38 -53.33 19.38
N GLY B 193 27.50 -52.93 20.00
CA GLY B 193 28.84 -52.91 19.38
C GLY B 193 29.69 -54.06 19.89
N PRO B 194 31.03 -53.98 19.77
CA PRO B 194 31.93 -54.94 20.40
C PRO B 194 31.60 -55.24 21.87
N GLN B 195 31.16 -54.24 22.64
CA GLN B 195 30.91 -54.35 24.10
C GLN B 195 29.62 -55.14 24.38
N GLY B 196 28.81 -55.43 23.36
CA GLY B 196 27.67 -56.35 23.44
C GLY B 196 26.36 -55.64 23.74
N PHE B 197 25.35 -56.39 24.19
CA PHE B 197 23.94 -55.95 24.31
C PHE B 197 23.50 -56.00 25.78
N THR B 198 23.03 -54.85 26.30
CA THR B 198 22.49 -54.70 27.68
C THR B 198 21.15 -55.44 27.80
N GLN B 199 20.85 -55.95 28.99
CA GLN B 199 19.54 -56.55 29.35
C GLN B 199 18.84 -55.67 30.39
N GLN B 200 19.28 -54.43 30.57
CA GLN B 200 18.66 -53.45 31.50
C GLN B 200 19.00 -52.03 31.05
N PRO B 201 18.21 -51.01 31.48
CA PRO B 201 18.48 -49.62 31.12
C PRO B 201 19.92 -49.17 31.40
N LEU B 202 20.47 -48.34 30.51
CA LEU B 202 21.82 -47.73 30.63
C LEU B 202 21.69 -46.32 31.22
N ARG B 203 22.40 -46.05 32.32
CA ARG B 203 22.68 -44.68 32.81
C ARG B 203 23.68 -44.06 31.85
N PRO B 204 23.32 -42.97 31.15
CA PRO B 204 24.19 -42.38 30.14
C PRO B 204 25.26 -41.44 30.71
N ASN B 205 26.31 -41.21 29.93
CA ASN B 205 27.49 -40.37 30.28
C ASN B 205 27.27 -38.97 29.72
N LEU B 206 27.25 -37.96 30.60
CA LEU B 206 27.13 -36.53 30.23
C LEU B 206 28.43 -36.09 29.54
N VAL B 207 28.33 -35.48 28.35
CA VAL B 207 29.48 -34.83 27.66
C VAL B 207 29.70 -33.46 28.32
N GLU B 208 30.82 -33.28 29.03
CA GLU B 208 31.10 -32.04 29.78
C GLU B 208 31.48 -30.94 28.78
N THR B 209 31.17 -29.69 29.11
CA THR B 209 31.42 -28.49 28.27
C THR B 209 31.82 -27.32 29.18
N SER B 210 32.56 -26.36 28.63
CA SER B 210 32.87 -25.04 29.25
C SER B 210 31.96 -23.96 28.65
N CYS B 211 31.05 -24.35 27.75
CA CYS B 211 30.10 -23.45 27.04
C CYS B 211 28.99 -23.01 28.00
N PRO B 212 28.64 -21.70 28.04
CA PRO B 212 27.58 -21.21 28.92
C PRO B 212 26.14 -21.47 28.45
N ASN B 213 25.94 -21.60 27.13
CA ASN B 213 24.59 -21.62 26.50
C ASN B 213 24.25 -23.04 26.02
N ILE B 214 22.96 -23.26 25.73
CA ILE B 214 22.41 -24.54 25.19
C ILE B 214 23.21 -24.96 23.95
N ARG B 215 23.62 -26.22 23.90
CA ARG B 215 24.26 -26.86 22.72
C ARG B 215 23.16 -27.55 21.90
N MET B 216 23.07 -27.24 20.60
CA MET B 216 22.07 -27.83 19.66
C MET B 216 22.79 -28.73 18.65
N ASP B 217 22.06 -29.68 18.07
CA ASP B 217 22.40 -30.40 16.82
C ASP B 217 23.71 -31.17 16.98
N PRO B 218 23.81 -32.08 17.98
CA PRO B 218 25.01 -32.90 18.14
C PRO B 218 25.07 -34.05 17.11
N LYS B 219 26.26 -34.31 16.56
CA LYS B 219 26.51 -35.41 15.60
C LYS B 219 27.86 -36.07 15.91
N LEU B 220 27.89 -37.41 15.92
CA LEU B 220 29.15 -38.21 15.95
C LEU B 220 29.87 -38.03 14.63
N CYS B 221 31.20 -37.99 14.66
CA CYS B 221 32.07 -38.12 13.46
C CYS B 221 32.01 -39.58 13.01
N PRO B 222 31.50 -39.89 11.80
CA PRO B 222 31.42 -41.28 11.34
C PRO B 222 32.79 -41.96 11.22
N ALA B 223 33.87 -41.18 11.07
CA ALA B 223 35.26 -41.66 10.88
C ALA B 223 35.93 -41.92 12.24
N ASP B 224 35.38 -41.38 13.33
CA ASP B 224 35.96 -41.47 14.70
C ASP B 224 34.89 -41.13 15.73
N PRO B 225 34.28 -42.13 16.41
CA PRO B 225 33.22 -41.86 17.39
C PRO B 225 33.68 -41.27 18.73
N ASP B 226 34.98 -40.96 18.88
CA ASP B 226 35.52 -40.21 20.04
C ASP B 226 35.17 -38.73 19.89
N TRP B 227 34.97 -38.25 18.64
CA TRP B 227 34.70 -36.83 18.30
C TRP B 227 33.21 -36.62 18.02
N ILE B 228 32.62 -35.62 18.69
CA ILE B 228 31.27 -35.06 18.37
C ILE B 228 31.47 -33.61 17.89
N ALA B 229 30.51 -33.12 17.11
CA ALA B 229 30.33 -31.69 16.80
C ALA B 229 28.97 -31.27 17.37
N PHE B 230 28.76 -29.96 17.53
CA PHE B 230 27.49 -29.35 18.01
C PHE B 230 27.54 -27.86 17.73
N ILE B 231 26.38 -27.21 17.75
CA ILE B 231 26.25 -25.74 17.57
C ILE B 231 26.11 -25.10 18.96
N HIS B 232 26.83 -24.00 19.17
CA HIS B 232 26.71 -23.13 20.37
C HIS B 232 26.74 -21.67 19.90
N SER B 233 25.73 -20.89 20.26
CA SER B 233 25.57 -19.47 19.86
C SER B 233 25.95 -19.29 18.38
N ASN B 234 25.31 -20.07 17.50
CA ASN B 234 25.39 -19.94 16.02
C ASN B 234 26.83 -20.16 15.52
N ASP B 235 27.67 -20.87 16.28
CA ASP B 235 29.05 -21.25 15.85
C ASP B 235 29.24 -22.76 16.05
N ILE B 236 30.04 -23.38 15.19
CA ILE B 236 30.33 -24.85 15.22
C ILE B 236 31.44 -25.09 16.24
N TRP B 237 31.19 -26.03 17.16
CA TRP B 237 32.19 -26.56 18.13
C TRP B 237 32.38 -28.06 17.85
N ILE B 238 33.49 -28.62 18.36
CA ILE B 238 33.72 -30.08 18.48
C ILE B 238 34.17 -30.38 19.91
N SER B 239 33.87 -31.59 20.38
CA SER B 239 34.26 -32.12 21.72
C SER B 239 34.66 -33.59 21.55
N ASN B 240 35.80 -33.97 22.11
CA ASN B 240 36.25 -35.40 22.22
C ASN B 240 35.62 -35.95 23.50
N ILE B 241 34.94 -37.10 23.41
CA ILE B 241 34.15 -37.67 24.54
C ILE B 241 35.04 -38.62 25.36
N VAL B 242 36.28 -38.87 24.91
CA VAL B 242 37.29 -39.71 25.61
C VAL B 242 38.31 -38.81 26.30
N THR B 243 39.03 -37.97 25.52
CA THR B 243 40.08 -37.05 26.03
C THR B 243 39.45 -35.79 26.63
N ARG B 244 38.16 -35.58 26.40
CA ARG B 244 37.33 -34.41 26.82
C ARG B 244 38.01 -33.09 26.44
N GLU B 245 38.71 -33.06 25.30
CA GLU B 245 39.18 -31.82 24.63
C GLU B 245 37.98 -31.15 23.93
N GLU B 246 37.78 -29.85 24.17
CA GLU B 246 36.70 -29.03 23.56
C GLU B 246 37.33 -27.87 22.79
N ARG B 247 36.88 -27.62 21.55
CA ARG B 247 37.53 -26.67 20.61
C ARG B 247 36.45 -25.99 19.73
N ARG B 248 36.39 -24.66 19.76
CA ARG B 248 35.53 -23.83 18.89
C ARG B 248 36.14 -23.77 17.48
N LEU B 249 35.36 -24.07 16.44
CA LEU B 249 35.82 -24.20 15.03
C LEU B 249 35.50 -22.93 14.21
N THR B 250 34.50 -22.14 14.62
CA THR B 250 34.05 -20.92 13.89
C THR B 250 33.89 -19.75 14.86
N TYR B 251 34.24 -18.54 14.39
CA TYR B 251 34.27 -17.27 15.16
C TYR B 251 33.49 -16.22 14.38
N VAL B 252 32.21 -16.54 14.12
CA VAL B 252 31.33 -15.84 13.15
C VAL B 252 30.26 -15.04 13.92
N HIS B 253 29.88 -15.49 15.11
CA HIS B 253 28.81 -14.87 15.94
C HIS B 253 29.38 -14.44 17.30
N ASN B 254 28.88 -13.32 17.83
CA ASN B 254 29.19 -12.80 19.18
C ASN B 254 27.87 -12.58 19.92
N GLU B 255 27.52 -13.48 20.84
CA GLU B 255 26.23 -13.50 21.60
C GLU B 255 26.01 -12.17 22.33
N LEU B 256 27.10 -11.53 22.79
CA LEU B 256 27.06 -10.29 23.62
C LEU B 256 26.59 -9.09 22.76
N ALA B 257 26.97 -9.04 21.48
CA ALA B 257 26.67 -7.95 20.54
C ALA B 257 25.18 -7.96 20.17
N ASN B 258 24.69 -6.86 19.58
CA ASN B 258 23.29 -6.68 19.11
C ASN B 258 23.12 -7.38 17.76
N MET B 259 21.92 -7.93 17.51
CA MET B 259 21.62 -8.78 16.32
C MET B 259 21.51 -7.92 15.05
N GLU B 260 21.24 -6.62 15.20
CA GLU B 260 21.20 -5.63 14.08
C GLU B 260 22.57 -5.58 13.38
N GLU B 261 23.66 -5.71 14.15
CA GLU B 261 25.06 -5.59 13.66
C GLU B 261 25.64 -6.99 13.38
N ASP B 262 25.44 -7.93 14.29
CA ASP B 262 25.96 -9.32 14.20
C ASP B 262 24.84 -10.26 13.73
N ALA B 263 24.75 -10.47 12.42
CA ALA B 263 23.70 -11.30 11.74
C ALA B 263 24.36 -12.44 10.96
N ARG B 264 25.51 -12.94 11.44
CA ARG B 264 26.24 -14.07 10.82
C ARG B 264 26.06 -15.33 11.69
N SER B 265 26.05 -16.49 11.06
CA SER B 265 25.88 -17.82 11.69
C SER B 265 26.57 -18.89 10.84
N ALA B 266 27.06 -19.96 11.47
CA ALA B 266 27.69 -21.12 10.80
C ALA B 266 27.08 -22.41 11.33
N GLY B 267 26.78 -23.36 10.43
CA GLY B 267 26.33 -24.73 10.76
C GLY B 267 24.86 -24.80 11.15
N VAL B 268 24.10 -23.72 10.93
CA VAL B 268 22.66 -23.61 11.30
C VAL B 268 21.88 -23.14 10.07
N ALA B 269 20.79 -23.83 9.75
CA ALA B 269 19.83 -23.45 8.69
C ALA B 269 19.06 -22.20 9.17
N THR B 270 18.93 -21.19 8.31
CA THR B 270 18.18 -19.94 8.59
C THR B 270 16.68 -20.26 8.55
N PHE B 271 15.84 -19.28 8.89
CA PHE B 271 14.38 -19.42 9.10
C PHE B 271 13.70 -20.13 7.92
N VAL B 272 13.86 -19.59 6.70
CA VAL B 272 13.11 -20.01 5.48
C VAL B 272 13.43 -21.48 5.18
N LEU B 273 14.65 -21.93 5.43
CA LEU B 273 15.08 -23.31 5.08
C LEU B 273 14.57 -24.30 6.13
N GLN B 274 14.41 -23.88 7.38
CA GLN B 274 13.77 -24.69 8.44
C GLN B 274 12.26 -24.79 8.17
N GLU B 275 11.60 -23.67 7.86
CA GLU B 275 10.12 -23.58 7.78
C GLU B 275 9.62 -24.02 6.40
N GLU B 276 10.35 -23.75 5.32
CA GLU B 276 9.84 -23.89 3.93
C GLU B 276 10.58 -24.98 3.14
N PHE B 277 11.72 -25.47 3.59
CA PHE B 277 12.50 -26.52 2.87
C PHE B 277 12.74 -27.74 3.77
N ASP B 278 12.32 -27.69 5.04
CA ASP B 278 12.38 -28.82 6.00
C ASP B 278 13.84 -29.29 6.14
N ARG B 279 14.79 -28.35 6.22
CA ARG B 279 16.22 -28.59 6.55
C ARG B 279 16.58 -27.79 7.81
N TYR B 280 17.19 -28.47 8.80
CA TYR B 280 17.46 -27.90 10.15
C TYR B 280 18.97 -27.84 10.39
N SER B 281 19.71 -28.89 10.03
CA SER B 281 21.18 -28.97 10.17
C SER B 281 21.84 -28.22 9.01
N GLY B 282 22.90 -27.45 9.31
CA GLY B 282 23.70 -26.70 8.33
C GLY B 282 25.18 -27.05 8.37
N TYR B 283 25.55 -28.20 8.95
CA TYR B 283 26.92 -28.77 8.92
C TYR B 283 26.82 -30.29 8.74
N TRP B 284 27.86 -30.89 8.16
CA TRP B 284 27.94 -32.33 7.80
C TRP B 284 29.36 -32.84 7.93
N TRP B 285 29.59 -33.79 8.84
CA TRP B 285 30.88 -34.53 8.96
C TRP B 285 31.23 -35.17 7.61
N CYS B 286 32.50 -35.12 7.22
CA CYS B 286 33.05 -35.99 6.16
C CYS B 286 33.10 -37.42 6.71
N PRO B 287 32.50 -38.41 6.02
CA PRO B 287 32.32 -39.74 6.59
C PRO B 287 33.63 -40.51 6.82
N LYS B 288 34.72 -40.11 6.16
CA LYS B 288 36.05 -40.77 6.24
C LYS B 288 37.11 -39.77 6.71
N ALA B 289 38.12 -40.27 7.41
CA ALA B 289 39.33 -39.52 7.85
C ALA B 289 40.45 -39.75 6.83
N GLU B 290 41.22 -38.70 6.53
CA GLU B 290 42.44 -38.75 5.68
C GLU B 290 43.65 -38.97 6.61
N THR B 291 44.42 -40.04 6.39
CA THR B 291 45.60 -40.42 7.22
C THR B 291 46.76 -39.46 6.93
N THR B 292 47.41 -38.95 7.97
CA THR B 292 48.55 -38.00 7.89
C THR B 292 49.87 -38.79 7.85
N PRO B 293 50.95 -38.21 7.27
CA PRO B 293 52.29 -38.80 7.38
C PRO B 293 52.74 -39.05 8.83
N SER B 294 52.30 -38.19 9.76
CA SER B 294 52.66 -38.22 11.20
C SER B 294 52.10 -39.46 11.91
N GLY B 295 51.13 -40.15 11.28
CA GLY B 295 50.41 -41.30 11.87
C GLY B 295 49.15 -40.85 12.60
N GLY B 296 48.72 -39.60 12.37
CA GLY B 296 47.43 -39.05 12.83
C GLY B 296 46.40 -39.09 11.71
N LYS B 297 45.48 -38.11 11.67
CA LYS B 297 44.43 -38.02 10.63
C LYS B 297 43.84 -36.60 10.54
N ILE B 298 43.25 -36.29 9.39
CA ILE B 298 42.48 -35.04 9.11
C ILE B 298 40.99 -35.39 9.08
N LEU B 299 40.21 -34.82 10.00
CA LEU B 299 38.71 -34.87 9.99
C LEU B 299 38.20 -33.57 9.36
N ARG B 300 37.19 -33.67 8.50
CA ARG B 300 36.62 -32.52 7.75
C ARG B 300 35.14 -32.34 8.11
N ILE B 301 34.71 -31.09 8.30
CA ILE B 301 33.29 -30.68 8.44
C ILE B 301 32.96 -29.67 7.32
N LEU B 302 32.12 -30.06 6.37
CA LEU B 302 31.42 -29.14 5.44
C LEU B 302 30.35 -28.39 6.25
N TYR B 303 30.24 -27.07 6.08
CA TYR B 303 29.21 -26.25 6.77
C TYR B 303 28.78 -25.08 5.89
N GLU B 304 27.50 -24.72 6.04
CA GLU B 304 26.87 -23.50 5.47
C GLU B 304 27.22 -22.32 6.40
N GLU B 305 27.70 -21.22 5.84
CA GLU B 305 27.86 -19.92 6.55
C GLU B 305 26.86 -18.92 5.94
N ASN B 306 26.02 -18.33 6.79
CA ASN B 306 24.94 -17.38 6.39
C ASN B 306 25.26 -15.99 6.95
N ASP B 307 24.98 -14.95 6.16
CA ASP B 307 24.99 -13.53 6.57
C ASP B 307 23.59 -12.97 6.31
N GLU B 308 22.86 -12.61 7.38
CA GLU B 308 21.46 -12.13 7.33
C GLU B 308 21.41 -10.60 7.48
N SER B 309 22.53 -9.90 7.24
CA SER B 309 22.68 -8.44 7.38
C SER B 309 21.61 -7.70 6.55
N GLU B 310 21.44 -8.09 5.28
CA GLU B 310 20.56 -7.38 4.31
C GLU B 310 19.13 -7.89 4.43
N VAL B 311 18.88 -8.94 5.22
CA VAL B 311 17.53 -9.53 5.44
C VAL B 311 16.74 -8.58 6.35
N GLU B 312 15.44 -8.41 6.08
CA GLU B 312 14.56 -7.51 6.86
C GLU B 312 14.39 -8.07 8.28
N ILE B 313 14.41 -7.17 9.27
CA ILE B 313 14.17 -7.48 10.71
C ILE B 313 12.69 -7.20 11.01
N ILE B 314 12.02 -8.12 11.69
CA ILE B 314 10.63 -7.93 12.20
C ILE B 314 10.63 -8.20 13.70
N HIS B 315 9.57 -7.77 14.39
CA HIS B 315 9.39 -7.86 15.86
C HIS B 315 8.11 -8.65 16.16
N VAL B 316 8.25 -9.77 16.87
CA VAL B 316 7.11 -10.57 17.42
C VAL B 316 7.16 -10.45 18.94
N THR B 317 5.99 -10.26 19.57
CA THR B 317 5.83 -10.11 21.05
C THR B 317 6.51 -11.29 21.74
N SER B 318 7.24 -11.03 22.83
CA SER B 318 7.91 -12.07 23.66
C SER B 318 6.85 -12.85 24.43
N PRO B 319 7.00 -14.19 24.58
CA PRO B 319 6.07 -14.98 25.39
C PRO B 319 5.97 -14.49 26.84
N MET B 320 7.07 -13.90 27.35
CA MET B 320 7.14 -13.23 28.67
C MET B 320 6.35 -11.91 28.59
N LEU B 321 5.02 -11.99 28.60
CA LEU B 321 4.11 -10.82 28.40
C LEU B 321 4.25 -9.82 29.55
N GLU B 322 4.80 -10.26 30.69
CA GLU B 322 5.20 -9.39 31.84
C GLU B 322 6.11 -8.26 31.33
N THR B 323 7.12 -8.59 30.53
CA THR B 323 8.18 -7.67 30.03
C THR B 323 7.58 -6.65 29.05
N ARG B 324 6.61 -7.06 28.24
CA ARG B 324 6.00 -6.25 27.15
C ARG B 324 7.12 -5.80 26.20
N ARG B 325 7.96 -6.76 25.80
CA ARG B 325 9.11 -6.57 24.87
C ARG B 325 8.83 -7.34 23.57
N ALA B 326 9.67 -7.14 22.56
CA ALA B 326 9.59 -7.81 21.24
C ALA B 326 10.95 -8.42 20.89
N ASP B 327 10.97 -9.71 20.54
CA ASP B 327 12.17 -10.45 20.07
C ASP B 327 12.36 -10.17 18.59
N SER B 328 13.47 -9.53 18.21
CA SER B 328 13.93 -9.33 16.81
C SER B 328 14.30 -10.69 16.20
N PHE B 329 13.98 -10.91 14.93
CA PHE B 329 14.54 -12.01 14.11
C PHE B 329 14.42 -11.67 12.62
N ARG B 330 15.20 -12.37 11.80
CA ARG B 330 15.39 -12.12 10.34
C ARG B 330 14.36 -12.90 9.55
N TYR B 331 13.43 -12.18 8.90
CA TYR B 331 12.32 -12.75 8.09
C TYR B 331 12.44 -12.23 6.67
N PRO B 332 12.92 -13.04 5.70
CA PRO B 332 12.97 -12.63 4.30
C PRO B 332 11.55 -12.59 3.71
N LYS B 333 10.89 -11.42 3.75
CA LYS B 333 9.53 -11.24 3.17
C LYS B 333 9.68 -11.29 1.65
N THR B 334 8.66 -11.81 0.97
CA THR B 334 8.65 -12.07 -0.51
C THR B 334 9.09 -10.81 -1.26
N GLY B 335 10.01 -10.96 -2.21
CA GLY B 335 10.53 -9.89 -3.07
C GLY B 335 11.79 -9.24 -2.53
N THR B 336 12.11 -9.45 -1.25
CA THR B 336 13.27 -8.84 -0.55
C THR B 336 14.42 -9.84 -0.49
N ALA B 337 15.50 -9.52 0.22
CA ALA B 337 16.77 -10.29 0.23
C ALA B 337 16.62 -11.54 1.09
N ASN B 338 17.08 -12.68 0.56
CA ASN B 338 17.39 -13.91 1.33
C ASN B 338 18.78 -13.73 1.94
N PRO B 339 19.18 -14.55 2.93
CA PRO B 339 20.54 -14.48 3.47
C PRO B 339 21.62 -14.64 2.39
N LYS B 340 22.79 -14.03 2.62
CA LYS B 340 24.00 -14.21 1.78
C LYS B 340 24.67 -15.50 2.22
N VAL B 341 24.49 -16.57 1.43
CA VAL B 341 24.92 -17.96 1.77
C VAL B 341 26.27 -18.24 1.08
N THR B 342 27.07 -19.13 1.67
CA THR B 342 28.27 -19.74 1.06
C THR B 342 28.57 -21.08 1.74
N PHE B 343 29.41 -21.90 1.10
CA PHE B 343 30.00 -23.12 1.69
C PHE B 343 31.34 -22.77 2.34
N LYS B 344 31.63 -23.42 3.47
CA LYS B 344 32.93 -23.38 4.17
C LYS B 344 33.31 -24.81 4.51
N MET B 345 34.58 -25.06 4.83
CA MET B 345 35.07 -26.37 5.33
C MET B 345 36.03 -26.15 6.50
N SER B 346 35.81 -26.86 7.60
CA SER B 346 36.72 -26.93 8.77
C SER B 346 37.61 -28.16 8.61
N GLU B 347 38.90 -27.95 8.32
CA GLU B 347 39.94 -29.01 8.21
C GLU B 347 40.62 -29.18 9.56
N ILE B 348 40.39 -30.30 10.25
CA ILE B 348 40.83 -30.54 11.65
C ILE B 348 41.93 -31.62 11.65
N MET B 349 43.18 -31.22 11.91
CA MET B 349 44.36 -32.13 12.02
C MET B 349 44.42 -32.67 13.46
N ILE B 350 44.30 -33.99 13.62
CA ILE B 350 44.41 -34.71 14.93
C ILE B 350 45.69 -35.55 14.93
N ASP B 351 46.41 -35.58 16.05
CA ASP B 351 47.70 -36.32 16.20
C ASP B 351 47.41 -37.80 16.47
N ALA B 352 48.46 -38.60 16.68
CA ALA B 352 48.43 -40.08 16.74
C ALA B 352 47.58 -40.59 17.92
N GLU B 353 47.39 -39.79 18.97
CA GLU B 353 46.59 -40.21 20.17
C GLU B 353 45.50 -39.17 20.46
N GLY B 354 44.81 -38.68 19.42
CA GLY B 354 43.50 -38.02 19.49
C GLY B 354 43.54 -36.65 20.13
N ARG B 355 44.53 -35.82 19.76
CA ARG B 355 44.69 -34.42 20.24
C ARG B 355 44.78 -33.50 19.04
N ILE B 356 44.12 -32.34 19.10
CA ILE B 356 44.05 -31.35 17.98
C ILE B 356 45.45 -30.73 17.82
N ILE B 357 46.12 -31.03 16.70
CA ILE B 357 47.36 -30.35 16.25
C ILE B 357 46.99 -28.91 15.88
N ASP B 358 46.11 -28.75 14.89
CA ASP B 358 45.69 -27.45 14.32
C ASP B 358 44.25 -27.56 13.79
N VAL B 359 43.58 -26.43 13.62
CA VAL B 359 42.28 -26.28 12.90
C VAL B 359 42.45 -25.21 11.83
N ILE B 360 42.33 -25.57 10.55
CA ILE B 360 42.36 -24.62 9.40
C ILE B 360 40.93 -24.43 8.88
N ASP B 361 40.36 -23.23 9.05
CA ASP B 361 39.07 -22.83 8.44
C ASP B 361 39.33 -22.48 6.97
N LYS B 362 38.58 -23.08 6.04
CA LYS B 362 38.79 -22.95 4.58
C LYS B 362 37.51 -22.44 3.91
N GLU B 363 37.64 -21.65 2.84
CA GLU B 363 36.53 -21.02 2.09
C GLU B 363 36.65 -21.36 0.61
N LEU B 364 35.60 -21.14 -0.17
CA LEU B 364 35.56 -21.44 -1.62
C LEU B 364 36.58 -20.55 -2.35
N ILE B 365 37.34 -21.14 -3.27
CA ILE B 365 38.41 -20.48 -4.08
C ILE B 365 37.85 -19.20 -4.74
N GLN B 366 36.62 -19.24 -5.23
CA GLN B 366 35.90 -18.07 -5.81
C GLN B 366 34.56 -17.93 -5.09
N PRO B 367 33.93 -16.73 -5.10
CA PRO B 367 32.64 -16.52 -4.43
C PRO B 367 31.57 -17.52 -4.87
N PHE B 368 30.67 -17.88 -3.95
CA PHE B 368 29.51 -18.79 -4.16
C PHE B 368 28.73 -18.35 -5.40
N GLU B 369 28.54 -17.03 -5.55
CA GLU B 369 27.75 -16.38 -6.63
C GLU B 369 28.38 -16.68 -8.00
N ILE B 370 29.71 -16.74 -8.07
CA ILE B 370 30.48 -16.99 -9.33
C ILE B 370 30.40 -18.48 -9.67
N LEU B 371 30.74 -19.36 -8.72
CA LEU B 371 30.81 -20.83 -8.92
C LEU B 371 29.40 -21.39 -9.15
N PHE B 372 28.41 -20.91 -8.40
CA PHE B 372 27.01 -21.42 -8.42
C PHE B 372 26.08 -20.29 -8.89
N GLU B 373 26.28 -19.87 -10.15
CA GLU B 373 25.47 -18.82 -10.83
C GLU B 373 23.98 -19.09 -10.59
N GLY B 374 23.25 -18.07 -10.13
CA GLY B 374 21.77 -18.04 -10.08
C GLY B 374 21.19 -18.79 -8.89
N VAL B 375 22.04 -19.43 -8.08
CA VAL B 375 21.63 -20.25 -6.91
C VAL B 375 21.27 -19.32 -5.76
N GLU B 376 20.04 -19.42 -5.24
CA GLU B 376 19.56 -18.70 -4.02
C GLU B 376 19.71 -19.59 -2.79
N TYR B 377 19.13 -20.79 -2.83
CA TYR B 377 18.95 -21.69 -1.65
C TYR B 377 19.81 -22.95 -1.79
N ILE B 378 20.50 -23.31 -0.71
CA ILE B 378 21.13 -24.65 -0.49
C ILE B 378 20.06 -25.55 0.14
N ALA B 379 19.33 -26.32 -0.68
CA ALA B 379 18.18 -27.16 -0.25
C ALA B 379 18.68 -28.30 0.62
N ARG B 380 19.66 -29.06 0.11
CA ARG B 380 20.24 -30.26 0.78
C ARG B 380 21.75 -30.28 0.53
N ALA B 381 22.49 -30.96 1.41
CA ALA B 381 23.97 -31.09 1.33
C ALA B 381 24.44 -32.29 2.14
N GLY B 382 25.52 -32.92 1.70
CA GLY B 382 26.15 -34.06 2.38
C GLY B 382 27.47 -34.45 1.73
N TRP B 383 27.84 -35.72 1.84
CA TRP B 383 29.08 -36.31 1.27
C TRP B 383 28.75 -37.57 0.49
N THR B 384 29.60 -37.94 -0.47
CA THR B 384 29.59 -39.27 -1.13
C THR B 384 30.01 -40.29 -0.08
N PRO B 385 29.55 -41.57 -0.17
CA PRO B 385 29.83 -42.56 0.87
C PRO B 385 31.31 -42.70 1.27
N GLU B 386 32.23 -42.47 0.31
CA GLU B 386 33.70 -42.57 0.51
C GLU B 386 34.27 -41.24 1.03
N GLY B 387 33.46 -40.19 1.10
CA GLY B 387 33.85 -38.86 1.58
C GLY B 387 34.77 -38.14 0.60
N LYS B 388 34.78 -38.57 -0.67
CA LYS B 388 35.68 -38.04 -1.73
C LYS B 388 35.18 -36.66 -2.16
N TYR B 389 33.87 -36.56 -2.43
CA TYR B 389 33.17 -35.29 -2.81
C TYR B 389 32.14 -34.93 -1.73
N ALA B 390 31.93 -33.62 -1.54
CA ALA B 390 30.74 -33.03 -0.89
C ALA B 390 29.69 -32.78 -1.97
N TRP B 391 28.42 -33.18 -1.74
CA TRP B 391 27.31 -32.92 -2.67
C TRP B 391 26.38 -31.87 -2.08
N SER B 392 25.49 -31.32 -2.91
CA SER B 392 24.44 -30.35 -2.53
C SER B 392 23.40 -30.25 -3.65
N ILE B 393 22.14 -30.13 -3.26
CA ILE B 393 20.99 -29.84 -4.18
C ILE B 393 20.70 -28.34 -4.08
N LEU B 394 20.92 -27.59 -5.16
CA LEU B 394 20.86 -26.11 -5.19
C LEU B 394 19.65 -25.68 -6.03
N LEU B 395 18.90 -24.67 -5.55
CA LEU B 395 17.72 -24.07 -6.23
C LEU B 395 18.05 -22.64 -6.66
N ASP B 396 17.46 -22.20 -7.78
CA ASP B 396 17.42 -20.77 -8.18
C ASP B 396 16.31 -20.10 -7.37
N ARG B 397 16.20 -18.76 -7.46
CA ARG B 397 15.23 -17.95 -6.68
C ARG B 397 13.78 -18.35 -7.04
N SER B 398 13.50 -18.57 -8.32
CA SER B 398 12.13 -18.85 -8.83
C SER B 398 11.71 -20.28 -8.45
N GLN B 399 12.67 -21.11 -8.03
CA GLN B 399 12.46 -22.50 -7.58
C GLN B 399 11.90 -23.32 -8.74
N THR B 400 12.40 -23.07 -9.95
CA THR B 400 12.04 -23.78 -11.21
C THR B 400 13.26 -24.47 -11.81
N ARG B 401 14.46 -24.20 -11.27
CA ARG B 401 15.73 -24.87 -11.67
C ARG B 401 16.39 -25.50 -10.43
N LEU B 402 16.54 -26.83 -10.43
CA LEU B 402 17.30 -27.60 -9.42
C LEU B 402 18.61 -28.10 -10.06
N GLN B 403 19.72 -28.03 -9.32
CA GLN B 403 21.04 -28.56 -9.73
C GLN B 403 21.60 -29.43 -8.59
N ILE B 404 21.99 -30.67 -8.89
CA ILE B 404 22.83 -31.52 -8.00
C ILE B 404 24.29 -31.28 -8.38
N VAL B 405 25.12 -30.91 -7.41
CA VAL B 405 26.53 -30.47 -7.64
C VAL B 405 27.48 -31.21 -6.68
N LEU B 406 28.47 -31.91 -7.21
CA LEU B 406 29.62 -32.43 -6.43
C LEU B 406 30.64 -31.29 -6.26
N ILE B 407 31.19 -31.16 -5.05
CA ILE B 407 32.16 -30.10 -4.65
C ILE B 407 33.36 -30.80 -4.00
N SER B 408 34.51 -30.81 -4.69
CA SER B 408 35.80 -31.37 -4.19
C SER B 408 36.27 -30.55 -3.00
N PRO B 409 36.80 -31.19 -1.93
CA PRO B 409 37.47 -30.46 -0.85
C PRO B 409 38.60 -29.54 -1.31
N GLU B 410 39.16 -29.78 -2.51
CA GLU B 410 40.28 -29.00 -3.09
C GLU B 410 39.79 -27.64 -3.61
N LEU B 411 38.46 -27.46 -3.77
CA LEU B 411 37.84 -26.16 -4.15
C LEU B 411 37.98 -25.15 -3.00
N PHE B 412 38.27 -25.62 -1.79
CA PHE B 412 38.41 -24.79 -0.57
C PHE B 412 39.89 -24.48 -0.32
N ILE B 413 40.19 -23.21 -0.05
CA ILE B 413 41.54 -22.71 0.33
C ILE B 413 41.44 -22.10 1.73
N PRO B 414 42.53 -22.06 2.52
CA PRO B 414 42.51 -21.38 3.82
C PRO B 414 42.03 -19.92 3.71
N VAL B 415 41.32 -19.45 4.74
CA VAL B 415 40.81 -18.04 4.83
C VAL B 415 42.00 -17.14 5.14
N GLU B 416 42.39 -16.28 4.18
CA GLU B 416 43.49 -15.30 4.33
C GLU B 416 42.95 -13.89 4.09
N ASP B 417 43.07 -13.01 5.10
CA ASP B 417 42.70 -11.58 5.03
C ASP B 417 43.81 -10.80 4.32
N ASP B 418 45.06 -11.32 4.37
CA ASP B 418 46.23 -10.77 3.62
C ASP B 418 46.02 -11.02 2.13
N VAL B 419 46.04 -9.96 1.31
CA VAL B 419 45.64 -9.98 -0.13
C VAL B 419 46.70 -10.72 -0.95
N MET B 420 47.98 -10.64 -0.57
CA MET B 420 49.11 -11.25 -1.32
C MET B 420 49.06 -12.78 -1.18
N GLU B 421 49.01 -13.28 0.06
CA GLU B 421 49.05 -14.73 0.39
C GLU B 421 47.78 -15.41 -0.14
N ARG B 422 46.65 -14.69 -0.19
CA ARG B 422 45.34 -15.19 -0.70
C ARG B 422 45.47 -15.52 -2.19
N GLN B 423 46.07 -14.62 -2.97
CA GLN B 423 46.24 -14.75 -4.45
C GLN B 423 47.20 -15.91 -4.75
N ARG B 424 48.17 -16.17 -3.87
CA ARG B 424 49.15 -17.29 -4.01
C ARG B 424 48.42 -18.64 -3.85
N LEU B 425 47.50 -18.72 -2.88
CA LEU B 425 46.74 -19.95 -2.55
C LEU B 425 45.75 -20.29 -3.67
N ILE B 426 45.20 -19.27 -4.34
CA ILE B 426 44.28 -19.43 -5.51
C ILE B 426 45.06 -20.09 -6.66
N GLU B 427 46.32 -19.69 -6.86
CA GLU B 427 47.22 -20.21 -7.93
C GLU B 427 47.66 -21.64 -7.59
N SER B 428 47.79 -21.97 -6.30
CA SER B 428 48.21 -23.31 -5.79
C SER B 428 47.18 -24.38 -6.18
N VAL B 429 45.91 -24.00 -6.36
CA VAL B 429 44.79 -24.90 -6.76
C VAL B 429 44.81 -25.04 -8.28
N PRO B 430 44.94 -26.28 -8.82
CA PRO B 430 44.84 -26.51 -10.26
C PRO B 430 43.53 -25.98 -10.86
N ASP B 431 43.53 -25.71 -12.17
CA ASP B 431 42.33 -25.25 -12.93
C ASP B 431 41.36 -26.42 -13.14
N SER B 432 41.85 -27.66 -13.05
CA SER B 432 41.08 -28.91 -13.23
C SER B 432 40.04 -29.06 -12.11
N VAL B 433 40.40 -28.70 -10.87
CA VAL B 433 39.50 -28.71 -9.67
C VAL B 433 38.41 -27.66 -9.89
N THR B 434 37.18 -28.12 -10.10
CA THR B 434 36.02 -27.31 -10.54
C THR B 434 34.73 -27.90 -9.95
N PRO B 435 33.67 -27.10 -9.72
CA PRO B 435 32.37 -27.65 -9.35
C PRO B 435 31.84 -28.57 -10.46
N LEU B 436 31.22 -29.69 -10.09
CA LEU B 436 30.72 -30.72 -11.04
C LEU B 436 29.20 -30.81 -10.93
N ILE B 437 28.48 -30.14 -11.83
CA ILE B 437 26.99 -30.19 -11.93
C ILE B 437 26.61 -31.53 -12.59
N ILE B 438 26.30 -32.53 -11.77
CA ILE B 438 26.06 -33.95 -12.19
C ILE B 438 24.60 -34.13 -12.62
N TYR B 439 23.74 -33.14 -12.39
CA TYR B 439 22.30 -33.19 -12.75
C TYR B 439 21.69 -31.77 -12.70
N GLU B 440 20.89 -31.43 -13.71
CA GLU B 440 20.13 -30.16 -13.79
C GLU B 440 18.74 -30.47 -14.37
N GLU B 441 17.69 -29.88 -13.79
CA GLU B 441 16.28 -30.03 -14.26
C GLU B 441 15.57 -28.68 -14.13
N THR B 442 14.53 -28.47 -14.93
CA THR B 442 13.68 -27.25 -14.91
C THR B 442 12.20 -27.65 -15.01
N THR B 443 11.30 -26.73 -14.69
CA THR B 443 9.84 -26.92 -14.77
C THR B 443 9.15 -25.55 -14.92
N ASP B 444 8.01 -25.52 -15.61
CA ASP B 444 7.18 -24.29 -15.78
C ASP B 444 6.34 -24.07 -14.52
N ILE B 445 6.27 -25.08 -13.64
CA ILE B 445 5.49 -25.04 -12.37
C ILE B 445 6.46 -24.70 -11.22
N TRP B 446 6.97 -25.70 -10.48
CA TRP B 446 7.96 -25.49 -9.38
C TRP B 446 8.64 -26.81 -9.03
N ILE B 447 9.87 -26.74 -8.52
CA ILE B 447 10.61 -27.88 -7.92
C ILE B 447 10.06 -28.13 -6.52
N ASN B 448 9.71 -29.38 -6.22
CA ASN B 448 9.38 -29.86 -4.85
C ASN B 448 10.62 -30.59 -4.29
N ILE B 449 11.30 -29.97 -3.32
CA ILE B 449 12.48 -30.57 -2.64
C ILE B 449 12.01 -31.80 -1.88
N HIS B 450 12.80 -32.87 -1.94
CA HIS B 450 12.55 -34.17 -1.26
C HIS B 450 13.87 -34.69 -0.67
N ASP B 451 13.80 -35.82 0.04
CA ASP B 451 14.94 -36.38 0.82
C ASP B 451 15.53 -37.60 0.12
N ILE B 452 15.09 -37.90 -1.10
CA ILE B 452 15.59 -39.03 -1.93
C ILE B 452 16.86 -38.57 -2.67
N PHE B 453 17.98 -39.26 -2.42
CA PHE B 453 19.27 -39.09 -3.12
C PHE B 453 20.26 -40.14 -2.60
N HIS B 454 20.43 -41.23 -3.37
CA HIS B 454 21.33 -42.36 -3.04
C HIS B 454 22.50 -42.39 -4.02
N VAL B 455 23.72 -42.15 -3.53
CA VAL B 455 24.99 -42.22 -4.30
C VAL B 455 25.55 -43.65 -4.17
N PHE B 456 25.85 -44.30 -5.29
CA PHE B 456 26.44 -45.66 -5.33
C PHE B 456 27.94 -45.56 -5.09
N PRO B 457 28.59 -46.62 -4.55
CA PRO B 457 30.05 -46.65 -4.43
C PRO B 457 30.69 -46.38 -5.80
N GLN B 458 31.74 -45.56 -5.82
CA GLN B 458 32.41 -45.09 -7.07
C GLN B 458 33.34 -46.19 -7.58
N SER B 459 33.03 -46.77 -8.74
CA SER B 459 33.83 -47.83 -9.42
C SER B 459 34.88 -47.18 -10.32
N HIS B 460 34.44 -46.37 -11.29
CA HIS B 460 35.31 -45.61 -12.24
C HIS B 460 35.62 -44.22 -11.65
N GLU B 461 36.82 -43.71 -11.91
CA GLU B 461 37.34 -42.42 -11.38
C GLU B 461 36.53 -41.25 -11.98
N GLU B 462 36.16 -41.36 -13.25
CA GLU B 462 35.58 -40.25 -14.07
C GLU B 462 34.06 -40.45 -14.23
N GLU B 463 33.43 -41.20 -13.34
CA GLU B 463 31.96 -41.45 -13.33
C GLU B 463 31.42 -41.33 -11.90
N ILE B 464 30.15 -40.96 -11.76
CA ILE B 464 29.35 -41.18 -10.51
C ILE B 464 27.96 -41.69 -10.90
N GLU B 465 27.46 -42.67 -10.14
CA GLU B 465 26.17 -43.36 -10.33
C GLU B 465 25.30 -43.07 -9.09
N PHE B 466 24.02 -42.73 -9.29
CA PHE B 466 23.09 -42.35 -8.19
C PHE B 466 21.63 -42.55 -8.59
N ILE B 467 20.75 -42.69 -7.59
CA ILE B 467 19.26 -42.65 -7.74
C ILE B 467 18.78 -41.30 -7.25
N PHE B 468 17.89 -40.67 -8.00
CA PHE B 468 17.23 -39.37 -7.70
C PHE B 468 15.76 -39.49 -8.10
N ALA B 469 14.91 -38.64 -7.52
CA ALA B 469 13.46 -38.56 -7.84
C ALA B 469 13.19 -37.21 -8.52
N SER B 470 12.23 -37.16 -9.45
CA SER B 470 11.88 -35.94 -10.21
C SER B 470 10.43 -36.00 -10.73
N GLU B 471 9.72 -34.86 -10.64
CA GLU B 471 8.40 -34.62 -11.27
C GLU B 471 8.57 -33.94 -12.63
N CYS B 472 9.81 -33.57 -13.00
CA CYS B 472 10.12 -32.62 -14.11
C CYS B 472 9.96 -33.28 -15.48
N LYS B 473 10.01 -34.61 -15.58
CA LYS B 473 9.93 -35.35 -16.87
C LYS B 473 8.46 -35.61 -17.24
N THR B 474 7.67 -36.18 -16.32
CA THR B 474 6.31 -36.70 -16.60
C THR B 474 5.22 -35.89 -15.86
N GLY B 475 5.59 -35.11 -14.84
CA GLY B 475 4.63 -34.38 -13.98
C GLY B 475 4.20 -35.21 -12.77
N PHE B 476 4.81 -36.38 -12.58
CA PHE B 476 4.67 -37.27 -11.39
C PHE B 476 6.08 -37.66 -10.92
N ARG B 477 6.29 -37.74 -9.60
CA ARG B 477 7.61 -38.01 -8.99
C ARG B 477 7.96 -39.50 -9.17
N HIS B 478 9.09 -39.78 -9.80
CA HIS B 478 9.57 -41.15 -10.12
C HIS B 478 11.07 -41.26 -9.87
N LEU B 479 11.54 -42.47 -9.55
CA LEU B 479 12.97 -42.79 -9.29
C LEU B 479 13.68 -42.97 -10.64
N TYR B 480 14.84 -42.33 -10.80
CA TYR B 480 15.69 -42.41 -12.01
C TYR B 480 17.11 -42.81 -11.59
N LYS B 481 17.66 -43.86 -12.22
CA LYS B 481 19.08 -44.25 -12.08
C LYS B 481 19.88 -43.45 -13.11
N ILE B 482 20.81 -42.61 -12.63
CA ILE B 482 21.58 -41.64 -13.46
C ILE B 482 23.08 -41.95 -13.29
N THR B 483 23.82 -41.99 -14.40
CA THR B 483 25.31 -42.05 -14.44
C THR B 483 25.81 -40.79 -15.14
N SER B 484 26.65 -40.01 -14.46
CA SER B 484 27.19 -38.72 -14.94
C SER B 484 28.71 -38.81 -15.09
N ILE B 485 29.24 -38.31 -16.21
CA ILE B 485 30.70 -38.30 -16.54
C ILE B 485 31.31 -37.02 -15.92
N LEU B 486 32.33 -37.19 -15.09
CA LEU B 486 33.02 -36.07 -14.38
C LEU B 486 34.07 -35.46 -15.31
N LYS B 487 33.62 -34.67 -16.29
CA LYS B 487 34.48 -33.96 -17.28
C LYS B 487 35.35 -32.94 -16.55
N GLU B 488 36.59 -32.73 -17.03
CA GLU B 488 37.40 -31.53 -16.75
C GLU B 488 36.70 -30.36 -17.46
N SER B 489 36.54 -29.22 -16.78
CA SER B 489 35.70 -28.08 -17.24
C SER B 489 36.39 -27.33 -18.38
N LYS B 490 35.60 -26.90 -19.38
CA LYS B 490 36.01 -25.94 -20.45
C LYS B 490 36.64 -24.70 -19.81
N TYR B 491 36.00 -24.17 -18.76
CA TYR B 491 36.42 -22.97 -18.00
C TYR B 491 37.80 -23.22 -17.35
N LYS B 492 38.67 -22.21 -17.42
CA LYS B 492 40.02 -22.21 -16.80
C LYS B 492 40.19 -20.91 -16.01
N ARG B 493 40.59 -21.02 -14.74
CA ARG B 493 40.62 -19.92 -13.73
C ARG B 493 41.86 -19.04 -13.96
N SER B 494 42.95 -19.63 -14.48
CA SER B 494 44.23 -18.95 -14.83
C SER B 494 43.97 -17.69 -15.66
N SER B 495 43.09 -17.80 -16.67
CA SER B 495 42.67 -16.71 -17.59
C SER B 495 42.20 -15.48 -16.79
N GLY B 496 41.48 -15.70 -15.70
CA GLY B 496 40.95 -14.63 -14.82
C GLY B 496 39.66 -14.03 -15.38
N GLY B 497 38.81 -14.87 -15.99
CA GLY B 497 37.45 -14.51 -16.46
C GLY B 497 36.39 -15.24 -15.66
N LEU B 498 35.12 -14.90 -15.87
CA LEU B 498 33.96 -15.55 -15.20
C LEU B 498 33.50 -16.74 -16.03
N PRO B 499 32.99 -17.82 -15.39
CA PRO B 499 32.49 -18.99 -16.12
C PRO B 499 31.08 -18.80 -16.69
N ALA B 500 30.84 -19.33 -17.90
CA ALA B 500 29.53 -19.35 -18.58
C ALA B 500 28.58 -20.27 -17.80
N PRO B 501 27.24 -20.09 -17.93
CA PRO B 501 26.28 -20.88 -17.16
C PRO B 501 26.51 -22.40 -17.22
N SER B 502 26.73 -22.94 -18.42
CA SER B 502 26.82 -24.41 -18.69
C SER B 502 28.28 -24.85 -18.85
N ASP B 503 29.20 -24.27 -18.08
CA ASP B 503 30.65 -24.60 -18.10
C ASP B 503 30.94 -25.77 -17.15
N PHE B 504 30.20 -25.87 -16.04
CA PHE B 504 30.39 -26.88 -14.98
C PHE B 504 29.46 -28.09 -15.18
N LYS B 505 28.54 -28.02 -16.15
CA LYS B 505 27.56 -29.09 -16.46
C LYS B 505 28.31 -30.34 -16.94
N CYS B 506 27.95 -31.51 -16.41
CA CYS B 506 28.50 -32.83 -16.77
C CYS B 506 27.57 -33.50 -17.78
N PRO B 507 28.09 -34.19 -18.82
CA PRO B 507 27.24 -34.96 -19.72
C PRO B 507 26.57 -36.12 -18.98
N ILE B 508 25.32 -36.46 -19.35
CA ILE B 508 24.55 -37.59 -18.80
C ILE B 508 24.81 -38.82 -19.68
N LYS B 509 25.60 -39.78 -19.19
CA LYS B 509 25.94 -41.04 -19.91
C LYS B 509 24.72 -41.96 -19.96
N GLU B 510 23.86 -41.88 -18.95
CA GLU B 510 22.74 -42.83 -18.70
C GLU B 510 21.70 -42.16 -17.79
N GLU B 511 20.41 -42.29 -18.13
CA GLU B 511 19.26 -41.79 -17.33
C GLU B 511 18.08 -42.76 -17.50
N ILE B 512 18.03 -43.81 -16.69
CA ILE B 512 17.00 -44.89 -16.74
C ILE B 512 15.87 -44.53 -15.77
N ALA B 513 14.62 -44.70 -16.20
CA ALA B 513 13.41 -44.59 -15.34
C ALA B 513 13.17 -45.91 -14.63
N ILE B 514 13.33 -45.93 -13.30
CA ILE B 514 13.10 -47.13 -12.42
C ILE B 514 11.59 -47.29 -12.26
N THR B 515 10.85 -46.19 -12.18
CA THR B 515 9.38 -46.14 -12.02
C THR B 515 8.78 -45.19 -13.06
N SER B 516 7.49 -45.37 -13.36
CA SER B 516 6.69 -44.56 -14.31
C SER B 516 5.20 -44.84 -14.07
N GLY B 517 4.33 -43.91 -14.48
CA GLY B 517 2.86 -44.04 -14.38
C GLY B 517 2.21 -42.76 -13.89
N GLU B 518 0.89 -42.79 -13.74
CA GLU B 518 0.05 -41.63 -13.30
C GLU B 518 -0.11 -41.74 -11.77
N TRP B 519 1.01 -41.79 -11.07
CA TRP B 519 1.14 -41.93 -9.58
C TRP B 519 2.55 -41.49 -9.19
N GLU B 520 2.78 -41.14 -7.91
CA GLU B 520 4.07 -40.56 -7.47
C GLU B 520 4.74 -41.44 -6.42
N VAL B 521 6.08 -41.47 -6.46
CA VAL B 521 6.97 -41.94 -5.37
C VAL B 521 7.01 -40.84 -4.32
N LEU B 522 6.92 -41.21 -3.03
CA LEU B 522 6.92 -40.26 -1.89
C LEU B 522 8.37 -40.04 -1.43
N GLY B 523 8.73 -38.79 -1.12
CA GLY B 523 10.10 -38.41 -0.72
C GLY B 523 10.15 -37.29 0.32
N ARG B 524 9.04 -37.02 1.02
CA ARG B 524 8.93 -35.90 1.98
C ARG B 524 8.38 -36.39 3.32
N HIS B 525 8.69 -35.66 4.40
CA HIS B 525 8.12 -35.79 5.76
C HIS B 525 8.32 -37.20 6.31
N GLY B 526 9.46 -37.83 6.00
CA GLY B 526 9.84 -39.16 6.52
C GLY B 526 9.92 -40.21 5.42
N SER B 527 9.21 -40.01 4.30
CA SER B 527 9.20 -40.93 3.14
C SER B 527 10.55 -40.85 2.42
N ASN B 528 11.19 -42.00 2.18
CA ASN B 528 12.50 -42.12 1.51
C ASN B 528 12.60 -43.49 0.86
N ILE B 529 13.75 -43.81 0.28
CA ILE B 529 14.04 -45.13 -0.35
C ILE B 529 15.07 -45.86 0.51
N GLN B 530 15.02 -47.20 0.50
CA GLN B 530 16.10 -48.10 0.96
C GLN B 530 16.60 -48.89 -0.25
N VAL B 531 17.92 -48.87 -0.49
CA VAL B 531 18.57 -49.54 -1.64
C VAL B 531 19.28 -50.80 -1.15
N ASP B 532 19.00 -51.94 -1.80
CA ASP B 532 19.62 -53.26 -1.56
C ASP B 532 20.68 -53.48 -2.65
N GLU B 533 21.94 -53.12 -2.38
CA GLU B 533 23.04 -53.12 -3.39
C GLU B 533 23.44 -54.56 -3.74
N VAL B 534 23.13 -55.54 -2.86
CA VAL B 534 23.40 -56.99 -3.08
C VAL B 534 22.44 -57.49 -4.18
N ARG B 535 21.13 -57.40 -3.93
CA ARG B 535 20.06 -57.92 -4.82
C ARG B 535 19.69 -56.87 -5.87
N ARG B 536 20.28 -55.68 -5.80
CA ARG B 536 20.11 -54.56 -6.78
C ARG B 536 18.63 -54.19 -6.88
N LEU B 537 17.96 -54.08 -5.72
CA LEU B 537 16.54 -53.65 -5.57
C LEU B 537 16.51 -52.28 -4.88
N VAL B 538 15.44 -51.51 -5.11
CA VAL B 538 15.14 -50.25 -4.37
C VAL B 538 13.72 -50.36 -3.79
N TYR B 539 13.60 -50.17 -2.48
CA TYR B 539 12.30 -50.09 -1.74
C TYR B 539 11.88 -48.62 -1.73
N PHE B 540 10.58 -48.35 -1.92
CA PHE B 540 10.03 -46.97 -2.04
C PHE B 540 8.54 -46.99 -1.69
N GLU B 541 8.04 -45.88 -1.13
CA GLU B 541 6.60 -45.66 -0.86
C GLU B 541 6.00 -44.93 -2.07
N GLY B 542 4.73 -45.19 -2.39
CA GLY B 542 4.07 -44.62 -3.58
C GLY B 542 2.55 -44.65 -3.49
N THR B 543 1.88 -44.06 -4.49
CA THR B 543 0.41 -43.92 -4.61
C THR B 543 -0.11 -44.76 -5.79
N LYS B 544 0.66 -45.75 -6.24
CA LYS B 544 0.37 -46.55 -7.47
C LYS B 544 -1.02 -47.20 -7.36
N ASP B 545 -1.35 -47.76 -6.20
CA ASP B 545 -2.61 -48.54 -6.02
C ASP B 545 -3.78 -47.56 -5.85
N SER B 546 -3.54 -46.39 -5.24
CA SER B 546 -4.58 -45.36 -4.97
C SER B 546 -3.94 -44.08 -4.47
N PRO B 547 -4.47 -42.90 -4.87
CA PRO B 547 -4.02 -41.62 -4.29
C PRO B 547 -4.51 -41.39 -2.85
N LEU B 548 -5.31 -42.32 -2.31
CA LEU B 548 -5.84 -42.26 -0.93
C LEU B 548 -5.07 -43.22 -0.01
N GLU B 549 -4.06 -43.92 -0.53
CA GLU B 549 -3.27 -44.92 0.25
C GLU B 549 -1.79 -44.87 -0.14
N HIS B 550 -0.92 -44.60 0.84
CA HIS B 550 0.54 -44.82 0.74
C HIS B 550 0.83 -46.32 0.93
N HIS B 551 1.62 -46.91 0.03
CA HIS B 551 2.03 -48.35 0.08
C HIS B 551 3.53 -48.47 -0.16
N LEU B 552 4.13 -49.49 0.43
CA LEU B 552 5.54 -49.89 0.18
C LEU B 552 5.57 -50.71 -1.11
N TYR B 553 6.49 -50.38 -2.02
CA TYR B 553 6.78 -51.15 -3.26
C TYR B 553 8.27 -51.49 -3.30
N VAL B 554 8.63 -52.53 -4.04
CA VAL B 554 10.04 -52.88 -4.36
C VAL B 554 10.14 -53.08 -5.87
N VAL B 555 11.30 -52.77 -6.44
CA VAL B 555 11.57 -52.85 -7.91
C VAL B 555 13.09 -52.89 -8.11
N SER B 556 13.54 -53.61 -9.14
CA SER B 556 14.95 -53.64 -9.61
C SER B 556 15.28 -52.29 -10.24
N TYR B 557 16.49 -51.77 -10.00
CA TYR B 557 17.00 -50.50 -10.61
C TYR B 557 17.98 -50.83 -11.75
N VAL B 558 18.25 -52.12 -12.00
CA VAL B 558 19.14 -52.60 -13.11
C VAL B 558 18.28 -52.85 -14.35
N ASN B 559 17.32 -53.78 -14.24
CA ASN B 559 16.31 -54.09 -15.29
C ASN B 559 14.93 -53.77 -14.73
N PRO B 560 14.54 -52.49 -14.66
CA PRO B 560 13.30 -52.11 -14.00
C PRO B 560 12.11 -52.61 -14.81
N GLY B 561 11.17 -53.30 -14.14
CA GLY B 561 9.93 -53.79 -14.75
C GLY B 561 8.81 -53.87 -13.73
N GLU B 562 8.38 -55.09 -13.38
CA GLU B 562 7.32 -55.36 -12.37
C GLU B 562 7.64 -54.61 -11.07
N VAL B 563 6.69 -53.83 -10.57
CA VAL B 563 6.74 -53.15 -9.24
C VAL B 563 5.88 -53.97 -8.27
N THR B 564 6.52 -54.66 -7.31
CA THR B 564 5.86 -55.53 -6.31
C THR B 564 5.44 -54.69 -5.10
N ARG B 565 4.13 -54.59 -4.83
CA ARG B 565 3.58 -53.98 -3.60
C ARG B 565 3.83 -54.93 -2.42
N LEU B 566 4.29 -54.39 -1.29
CA LEU B 566 4.69 -55.19 -0.10
C LEU B 566 3.72 -54.95 1.07
N THR B 567 2.77 -54.04 0.95
CA THR B 567 1.77 -53.72 2.01
C THR B 567 0.36 -54.10 1.53
N ASP B 568 -0.55 -54.34 2.48
CA ASP B 568 -1.94 -54.80 2.22
C ASP B 568 -2.84 -53.60 1.92
N ARG B 569 -3.60 -53.67 0.82
CA ARG B 569 -4.63 -52.67 0.45
C ARG B 569 -5.66 -52.57 1.58
N GLY B 570 -6.39 -51.45 1.64
CA GLY B 570 -7.39 -51.16 2.69
C GLY B 570 -6.79 -50.40 3.87
N TYR B 571 -5.47 -50.15 3.84
CA TYR B 571 -4.71 -49.31 4.80
C TYR B 571 -3.76 -48.39 4.04
N SER B 572 -3.55 -47.17 4.54
CA SER B 572 -2.41 -46.30 4.16
C SER B 572 -1.25 -46.60 5.12
N HIS B 573 -0.03 -46.74 4.59
CA HIS B 573 1.16 -47.21 5.33
C HIS B 573 2.24 -46.12 5.33
N SER B 574 2.95 -45.99 6.45
CA SER B 574 4.23 -45.25 6.59
C SER B 574 5.30 -46.25 7.02
N CYS B 575 6.32 -46.47 6.19
CA CYS B 575 7.24 -47.65 6.28
C CYS B 575 8.70 -47.23 6.50
N CYS B 576 9.38 -47.99 7.35
CA CYS B 576 10.85 -48.00 7.55
C CYS B 576 11.38 -49.36 7.11
N ILE B 577 12.42 -49.39 6.28
CA ILE B 577 13.10 -50.64 5.83
C ILE B 577 14.42 -50.78 6.61
N SER B 578 14.66 -51.94 7.21
CA SER B 578 15.94 -52.31 7.86
C SER B 578 17.10 -52.03 6.90
N GLN B 579 18.24 -51.56 7.42
CA GLN B 579 19.48 -51.32 6.63
C GLN B 579 19.93 -52.62 5.96
N HIS B 580 19.51 -53.78 6.48
CA HIS B 580 19.90 -55.13 5.98
C HIS B 580 18.88 -55.64 4.94
N CYS B 581 17.76 -54.94 4.77
CA CYS B 581 16.74 -55.18 3.71
C CYS B 581 16.15 -56.59 3.85
N ASP B 582 16.05 -57.11 5.07
CA ASP B 582 15.46 -58.44 5.38
C ASP B 582 14.23 -58.25 6.29
N PHE B 583 13.94 -57.02 6.70
CA PHE B 583 12.77 -56.63 7.53
C PHE B 583 12.31 -55.23 7.12
N PHE B 584 11.02 -54.95 7.26
CA PHE B 584 10.46 -53.58 7.21
C PHE B 584 9.36 -53.46 8.26
N ILE B 585 9.24 -52.25 8.84
CA ILE B 585 8.15 -51.88 9.77
C ILE B 585 7.15 -51.04 8.97
N SER B 586 5.86 -51.24 9.24
CA SER B 586 4.76 -50.43 8.65
C SER B 586 3.94 -49.82 9.79
N LYS B 587 3.65 -48.53 9.64
CA LYS B 587 2.80 -47.71 10.53
C LYS B 587 1.55 -47.34 9.75
N TYR B 588 0.44 -48.06 9.97
CA TYR B 588 -0.74 -48.09 9.07
C TYR B 588 -2.03 -47.83 9.84
N SER B 589 -3.07 -47.43 9.12
CA SER B 589 -4.43 -47.13 9.63
C SER B 589 -5.40 -47.02 8.45
N ASN B 590 -6.70 -46.93 8.76
CA ASN B 590 -7.75 -46.54 7.78
C ASN B 590 -8.85 -45.82 8.56
N GLN B 591 -9.91 -45.38 7.87
CA GLN B 591 -10.97 -44.51 8.46
C GLN B 591 -11.56 -45.19 9.70
N LYS B 592 -11.68 -46.53 9.72
CA LYS B 592 -12.29 -47.33 10.81
C LYS B 592 -11.29 -47.60 11.94
N ASN B 593 -10.04 -47.95 11.60
CA ASN B 593 -9.04 -48.55 12.53
C ASN B 593 -7.95 -47.55 12.89
N PRO B 594 -7.74 -47.24 14.19
CA PRO B 594 -6.61 -46.42 14.63
C PRO B 594 -5.24 -47.02 14.25
N HIS B 595 -4.18 -46.20 14.34
CA HIS B 595 -2.83 -46.52 13.82
C HIS B 595 -2.25 -47.74 14.55
N CYS B 596 -1.54 -48.58 13.81
CA CYS B 596 -0.77 -49.76 14.29
C CYS B 596 0.65 -49.68 13.73
N VAL B 597 1.65 -50.16 14.49
CA VAL B 597 3.04 -50.35 13.98
C VAL B 597 3.34 -51.85 14.06
N SER B 598 3.52 -52.50 12.91
CA SER B 598 3.80 -53.95 12.78
C SER B 598 5.13 -54.15 12.07
N LEU B 599 5.79 -55.29 12.38
CA LEU B 599 7.07 -55.72 11.77
C LEU B 599 6.81 -56.84 10.77
N TYR B 600 7.40 -56.75 9.58
CA TYR B 600 7.24 -57.73 8.48
C TYR B 600 8.63 -58.22 8.04
N LYS B 601 8.84 -59.53 8.05
CA LYS B 601 10.08 -60.17 7.54
C LYS B 601 9.98 -60.30 6.03
N LEU B 602 11.03 -59.89 5.31
CA LEU B 602 11.19 -60.05 3.83
C LEU B 602 11.95 -61.35 3.55
N SER B 603 11.56 -62.05 2.49
CA SER B 603 12.21 -63.31 2.02
C SER B 603 11.98 -63.48 0.52
N SER B 604 12.77 -64.34 -0.11
CA SER B 604 12.75 -64.65 -1.57
C SER B 604 12.43 -66.12 -1.78
N PRO B 605 11.75 -66.49 -2.89
CA PRO B 605 11.72 -67.89 -3.34
C PRO B 605 13.14 -68.33 -3.71
N GLU B 606 13.51 -69.56 -3.34
CA GLU B 606 14.86 -70.16 -3.58
C GLU B 606 15.26 -69.99 -5.05
N ASP B 607 14.30 -70.02 -5.98
CA ASP B 607 14.54 -70.04 -7.44
C ASP B 607 14.79 -68.63 -8.00
N ASP B 608 14.48 -67.56 -7.24
CA ASP B 608 14.50 -66.16 -7.76
C ASP B 608 14.68 -65.16 -6.62
N PRO B 609 15.94 -64.72 -6.35
CA PRO B 609 16.19 -63.66 -5.37
C PRO B 609 15.51 -62.32 -5.66
N THR B 610 15.24 -62.00 -6.94
CA THR B 610 14.58 -60.75 -7.40
C THR B 610 13.20 -60.62 -6.77
N CYS B 611 12.45 -61.73 -6.72
CA CYS B 611 11.05 -61.79 -6.22
C CYS B 611 11.06 -61.67 -4.69
N LYS B 612 10.36 -60.67 -4.15
CA LYS B 612 10.36 -60.36 -2.70
C LYS B 612 8.96 -60.57 -2.13
N THR B 613 8.84 -61.41 -1.10
CA THR B 613 7.56 -61.70 -0.40
C THR B 613 7.64 -61.09 1.00
N LYS B 614 6.47 -60.79 1.58
CA LYS B 614 6.30 -60.28 2.96
C LYS B 614 5.78 -61.43 3.83
N GLU B 615 6.03 -61.37 5.14
CA GLU B 615 5.35 -62.21 6.17
C GLU B 615 5.26 -61.40 7.46
N PHE B 616 4.09 -61.36 8.09
CA PHE B 616 3.88 -60.72 9.40
C PHE B 616 4.73 -61.45 10.44
N TRP B 617 5.56 -60.72 11.17
CA TRP B 617 6.47 -61.27 12.20
C TRP B 617 5.92 -61.00 13.60
N ALA B 618 5.68 -59.72 13.94
CA ALA B 618 5.29 -59.28 15.28
C ALA B 618 4.70 -57.87 15.24
N THR B 619 3.85 -57.55 16.23
CA THR B 619 3.29 -56.20 16.49
C THR B 619 4.24 -55.45 17.43
N ILE B 620 4.51 -54.18 17.13
CA ILE B 620 5.29 -53.25 18.00
C ILE B 620 4.29 -52.38 18.76
N LEU B 621 3.29 -51.84 18.07
CA LEU B 621 2.18 -51.04 18.68
C LEU B 621 0.84 -51.55 18.16
N ASP B 622 0.02 -52.13 19.04
CA ASP B 622 -1.36 -52.60 18.72
C ASP B 622 -2.29 -51.39 18.70
N SER B 623 -3.30 -51.42 17.83
CA SER B 623 -4.41 -50.42 17.78
C SER B 623 -5.19 -50.47 19.09
N ALA B 624 -5.66 -49.31 19.57
CA ALA B 624 -6.59 -49.18 20.70
C ALA B 624 -7.91 -49.87 20.35
N GLY B 625 -8.19 -50.03 19.04
CA GLY B 625 -9.44 -50.60 18.50
C GLY B 625 -10.41 -49.47 18.15
N PRO B 626 -11.41 -49.71 17.25
CA PRO B 626 -12.40 -48.68 16.91
C PRO B 626 -12.90 -47.97 18.17
N LEU B 627 -12.77 -46.64 18.23
CA LEU B 627 -12.96 -45.82 19.45
C LEU B 627 -14.42 -45.87 19.90
N PRO B 628 -14.70 -45.58 21.19
CA PRO B 628 -16.06 -45.30 21.64
C PRO B 628 -16.48 -43.88 21.21
N ASP B 629 -17.71 -43.75 20.70
CA ASP B 629 -18.34 -42.47 20.33
C ASP B 629 -17.51 -41.77 19.24
N TYR B 630 -17.10 -42.51 18.21
CA TYR B 630 -16.50 -41.98 16.96
C TYR B 630 -17.07 -42.72 15.75
N THR B 631 -17.65 -41.97 14.81
CA THR B 631 -18.17 -42.47 13.51
C THR B 631 -17.30 -41.89 12.39
N PRO B 632 -16.48 -42.73 11.71
CA PRO B 632 -15.68 -42.27 10.58
C PRO B 632 -16.50 -41.59 9.50
N PRO B 633 -15.91 -40.66 8.72
CA PRO B 633 -16.56 -40.12 7.53
C PRO B 633 -16.56 -41.15 6.39
N GLU B 634 -17.43 -40.96 5.39
CA GLU B 634 -17.41 -41.69 4.10
C GLU B 634 -16.54 -40.89 3.13
N ILE B 635 -15.60 -41.56 2.47
CA ILE B 635 -14.83 -40.96 1.34
C ILE B 635 -15.71 -41.01 0.09
N PHE B 636 -15.98 -39.86 -0.52
CA PHE B 636 -16.69 -39.73 -1.81
C PHE B 636 -15.74 -39.14 -2.85
N SER B 637 -16.19 -39.04 -4.10
CA SER B 637 -15.50 -38.35 -5.21
C SER B 637 -16.51 -37.92 -6.29
N PHE B 638 -16.15 -36.90 -7.07
CA PHE B 638 -16.98 -36.34 -8.16
C PHE B 638 -16.06 -35.93 -9.32
N GLU B 639 -16.52 -36.14 -10.56
CA GLU B 639 -15.81 -35.74 -11.81
C GLU B 639 -16.04 -34.24 -12.02
N SER B 640 -15.05 -33.42 -11.70
CA SER B 640 -15.12 -31.93 -11.72
C SER B 640 -15.15 -31.44 -13.18
N THR B 641 -15.83 -30.31 -13.42
CA THR B 641 -15.85 -29.58 -14.71
C THR B 641 -14.42 -29.17 -15.10
N THR B 642 -13.48 -29.23 -14.16
CA THR B 642 -12.04 -28.93 -14.34
C THR B 642 -11.33 -30.09 -15.06
N GLY B 643 -12.01 -31.23 -15.21
CA GLY B 643 -11.45 -32.44 -15.85
C GLY B 643 -10.48 -33.16 -14.92
N PHE B 644 -10.81 -33.20 -13.62
CA PHE B 644 -10.07 -33.91 -12.54
C PHE B 644 -11.08 -34.57 -11.60
N THR B 645 -10.77 -35.76 -11.11
CA THR B 645 -11.48 -36.42 -9.98
C THR B 645 -11.06 -35.72 -8.68
N LEU B 646 -12.01 -35.11 -7.96
CA LEU B 646 -11.75 -34.52 -6.63
C LEU B 646 -12.33 -35.45 -5.56
N TYR B 647 -11.55 -35.73 -4.51
CA TYR B 647 -11.94 -36.61 -3.38
C TYR B 647 -12.34 -35.74 -2.19
N GLY B 648 -13.37 -36.18 -1.46
CA GLY B 648 -13.89 -35.50 -0.25
C GLY B 648 -14.13 -36.48 0.88
N MET B 649 -14.46 -35.96 2.06
CA MET B 649 -14.93 -36.73 3.24
C MET B 649 -16.27 -36.15 3.69
N LEU B 650 -17.26 -37.01 3.96
CA LEU B 650 -18.61 -36.63 4.42
C LEU B 650 -18.87 -37.24 5.80
N TYR B 651 -19.01 -36.39 6.82
CA TYR B 651 -19.53 -36.75 8.17
C TYR B 651 -21.05 -36.52 8.16
N LYS B 652 -21.83 -37.59 8.01
CA LYS B 652 -23.31 -37.56 8.15
C LYS B 652 -23.65 -37.21 9.60
N PRO B 653 -24.71 -36.42 9.85
CA PRO B 653 -25.15 -36.16 11.23
C PRO B 653 -25.51 -37.45 11.96
N HIS B 654 -25.08 -37.58 13.21
CA HIS B 654 -25.44 -38.69 14.13
C HIS B 654 -26.95 -38.65 14.39
N ASP B 655 -27.64 -39.79 14.27
CA ASP B 655 -29.10 -39.92 14.52
C ASP B 655 -29.85 -39.11 13.45
N LEU B 656 -29.65 -39.45 12.18
CA LEU B 656 -30.22 -38.73 11.00
C LEU B 656 -31.74 -38.87 11.00
N GLN B 657 -32.47 -37.77 10.82
CA GLN B 657 -33.95 -37.72 10.68
C GLN B 657 -34.29 -37.66 9.18
N PRO B 658 -35.09 -38.61 8.64
CA PRO B 658 -35.59 -38.50 7.27
C PRO B 658 -36.48 -37.25 7.09
N GLY B 659 -36.39 -36.61 5.93
CA GLY B 659 -37.18 -35.42 5.55
C GLY B 659 -36.79 -34.17 6.32
N LYS B 660 -35.56 -34.12 6.86
CA LYS B 660 -35.00 -32.96 7.61
C LYS B 660 -33.61 -32.60 7.04
N LYS B 661 -33.34 -31.31 6.87
CA LYS B 661 -32.06 -30.78 6.31
C LYS B 661 -31.28 -30.10 7.43
N TYR B 662 -29.95 -30.27 7.43
CA TYR B 662 -29.04 -29.97 8.57
C TYR B 662 -28.06 -28.86 8.18
N PRO B 663 -27.56 -28.08 9.18
CA PRO B 663 -26.58 -27.02 8.93
C PRO B 663 -25.20 -27.66 8.65
N THR B 664 -24.50 -27.16 7.62
CA THR B 664 -23.29 -27.80 7.05
C THR B 664 -22.04 -26.96 7.33
N VAL B 665 -21.08 -27.53 8.08
CA VAL B 665 -19.72 -26.94 8.30
C VAL B 665 -18.74 -27.56 7.29
N LEU B 666 -18.17 -26.73 6.42
CA LEU B 666 -17.07 -27.11 5.51
C LEU B 666 -15.73 -26.82 6.20
N PHE B 667 -15.03 -27.85 6.67
CA PHE B 667 -13.63 -27.75 7.18
C PHE B 667 -12.68 -27.82 5.98
N ILE B 668 -11.77 -26.85 5.87
CA ILE B 668 -10.91 -26.66 4.67
C ILE B 668 -9.45 -26.43 5.09
N TYR B 669 -8.52 -26.89 4.26
CA TYR B 669 -7.11 -26.41 4.22
C TYR B 669 -6.86 -25.81 2.83
N GLY B 670 -6.74 -26.65 1.80
CA GLY B 670 -6.80 -26.25 0.38
C GLY B 670 -5.47 -25.75 -0.17
N GLY B 671 -4.45 -25.65 0.68
CA GLY B 671 -3.10 -25.18 0.31
C GLY B 671 -2.25 -26.31 -0.25
N PRO B 672 -1.08 -26.00 -0.82
CA PRO B 672 -0.17 -27.03 -1.34
C PRO B 672 0.54 -27.79 -0.21
N GLN B 673 1.10 -28.96 -0.56
CA GLN B 673 1.95 -29.82 0.31
C GLN B 673 1.09 -30.57 1.34
N VAL B 674 -0.24 -30.61 1.16
CA VAL B 674 -1.19 -31.22 2.13
C VAL B 674 -2.32 -31.94 1.39
N GLN B 675 -2.72 -33.11 1.91
CA GLN B 675 -3.92 -33.88 1.51
C GLN B 675 -4.69 -34.25 2.78
N LEU B 676 -5.94 -33.80 2.92
CA LEU B 676 -6.81 -34.08 4.09
C LEU B 676 -7.61 -35.36 3.83
N VAL B 677 -7.95 -35.66 2.57
CA VAL B 677 -8.82 -36.80 2.18
C VAL B 677 -7.92 -37.96 1.74
N ASN B 678 -7.84 -38.99 2.58
CA ASN B 678 -7.12 -40.26 2.32
C ASN B 678 -7.68 -41.32 3.27
N ASN B 679 -7.30 -42.59 3.06
CA ASN B 679 -7.78 -43.74 3.87
C ASN B 679 -6.84 -43.90 5.07
N ARG B 680 -6.85 -42.90 5.97
CA ARG B 680 -6.12 -42.90 7.26
C ARG B 680 -7.14 -42.60 8.36
N PHE B 681 -6.83 -42.97 9.60
CA PHE B 681 -7.70 -42.72 10.78
C PHE B 681 -7.69 -41.22 11.11
N LYS B 682 -8.88 -40.61 11.19
CA LYS B 682 -9.07 -39.16 11.40
C LYS B 682 -9.64 -38.89 12.81
N GLY B 683 -9.77 -39.93 13.63
CA GLY B 683 -10.44 -39.86 14.95
C GLY B 683 -9.54 -39.28 16.04
N VAL B 684 -8.29 -38.96 15.72
CA VAL B 684 -7.33 -38.30 16.66
C VAL B 684 -7.27 -36.80 16.33
N LYS B 685 -6.74 -36.46 15.15
CA LYS B 685 -6.48 -35.06 14.74
C LYS B 685 -7.80 -34.33 14.47
N TYR B 686 -8.71 -34.98 13.74
CA TYR B 686 -10.01 -34.40 13.27
C TYR B 686 -11.17 -35.04 14.03
N PHE B 687 -10.97 -35.31 15.33
CA PHE B 687 -11.98 -35.90 16.23
C PHE B 687 -13.18 -34.96 16.35
N ARG B 688 -12.94 -33.64 16.34
CA ARG B 688 -13.98 -32.61 16.60
C ARG B 688 -14.88 -32.41 15.36
N LEU B 689 -14.50 -32.98 14.20
CA LEU B 689 -15.42 -33.08 13.04
C LEU B 689 -16.51 -34.11 13.35
N ASN B 690 -16.16 -35.16 14.10
CA ASN B 690 -17.11 -36.19 14.62
C ASN B 690 -18.02 -35.54 15.66
N THR B 691 -17.49 -34.68 16.52
CA THR B 691 -18.22 -33.98 17.62
C THR B 691 -19.29 -33.07 17.01
N LEU B 692 -18.95 -32.35 15.93
CA LEU B 692 -19.90 -31.46 15.21
C LEU B 692 -21.05 -32.31 14.66
N ALA B 693 -20.73 -33.42 14.00
CA ALA B 693 -21.70 -34.40 13.45
C ALA B 693 -22.64 -34.88 14.56
N SER B 694 -22.13 -35.07 15.77
CA SER B 694 -22.89 -35.56 16.95
C SER B 694 -23.89 -34.50 17.44
N LEU B 695 -23.65 -33.21 17.13
CA LEU B 695 -24.50 -32.07 17.56
C LEU B 695 -25.55 -31.74 16.49
N GLY B 696 -25.41 -32.30 15.28
CA GLY B 696 -26.39 -32.17 14.18
C GLY B 696 -25.84 -31.49 12.95
N TYR B 697 -24.55 -31.10 12.94
CA TYR B 697 -23.90 -30.44 11.78
C TYR B 697 -23.47 -31.49 10.76
N VAL B 698 -23.65 -31.21 9.46
CA VAL B 698 -22.99 -31.94 8.36
C VAL B 698 -21.58 -31.35 8.24
N VAL B 699 -20.54 -32.18 8.33
CA VAL B 699 -19.13 -31.75 8.15
C VAL B 699 -18.62 -32.29 6.81
N VAL B 700 -18.05 -31.41 5.99
CA VAL B 700 -17.52 -31.74 4.64
C VAL B 700 -16.05 -31.30 4.59
N VAL B 701 -15.19 -32.15 4.02
CA VAL B 701 -13.77 -31.84 3.67
C VAL B 701 -13.59 -32.20 2.20
N ILE B 702 -13.04 -31.30 1.40
CA ILE B 702 -12.76 -31.52 -0.05
C ILE B 702 -11.31 -31.12 -0.34
N ASP B 703 -10.56 -31.98 -1.02
CA ASP B 703 -9.17 -31.72 -1.48
C ASP B 703 -9.24 -31.05 -2.86
N ASN B 704 -9.31 -29.72 -2.88
CA ASN B 704 -9.37 -28.88 -4.10
C ASN B 704 -8.07 -29.03 -4.90
N ARG B 705 -8.05 -28.54 -6.14
CA ARG B 705 -6.83 -28.43 -6.97
C ARG B 705 -5.78 -27.65 -6.18
N GLY B 706 -4.52 -28.09 -6.22
CA GLY B 706 -3.41 -27.52 -5.42
C GLY B 706 -2.88 -28.49 -4.38
N SER B 707 -3.74 -29.42 -3.90
CA SER B 707 -3.40 -30.51 -2.94
C SER B 707 -2.30 -31.39 -3.54
N CYS B 708 -1.66 -32.23 -2.71
CA CYS B 708 -0.55 -33.13 -3.11
C CYS B 708 -1.05 -34.57 -3.28
N HIS B 709 -0.15 -35.46 -3.70
CA HIS B 709 -0.38 -36.91 -3.96
C HIS B 709 -1.26 -37.10 -5.20
N ARG B 710 -1.35 -36.09 -6.07
CA ARG B 710 -2.10 -36.14 -7.36
C ARG B 710 -1.20 -35.68 -8.52
N GLY B 711 0.08 -35.42 -8.28
CA GLY B 711 1.06 -35.01 -9.31
C GLY B 711 1.16 -33.50 -9.45
N LEU B 712 2.15 -33.03 -10.23
CA LEU B 712 2.59 -31.61 -10.26
C LEU B 712 1.61 -30.74 -11.08
N LYS B 713 0.99 -31.29 -12.13
CA LYS B 713 -0.01 -30.56 -12.96
C LYS B 713 -1.22 -30.20 -12.09
N PHE B 714 -1.71 -31.13 -11.28
CA PHE B 714 -2.83 -30.94 -10.32
C PHE B 714 -2.45 -29.90 -9.25
N GLU B 715 -1.21 -29.96 -8.77
CA GLU B 715 -0.68 -29.05 -7.73
C GLU B 715 -0.49 -27.64 -8.34
N GLY B 716 -0.08 -27.58 -9.60
CA GLY B 716 0.28 -26.34 -10.31
C GLY B 716 -0.92 -25.53 -10.76
N ALA B 717 -2.14 -26.04 -10.56
CA ALA B 717 -3.41 -25.41 -11.00
C ALA B 717 -3.44 -23.92 -10.62
N PHE B 718 -3.11 -23.58 -9.37
CA PHE B 718 -3.28 -22.21 -8.80
C PHE B 718 -1.96 -21.42 -8.87
N LYS B 719 -0.99 -21.80 -9.70
CA LYS B 719 0.28 -21.02 -9.81
C LYS B 719 -0.06 -19.59 -10.26
N TYR B 720 0.43 -18.60 -9.51
CA TYR B 720 0.21 -17.14 -9.71
C TYR B 720 -1.23 -16.74 -9.37
N LYS B 721 -2.10 -17.70 -9.07
CA LYS B 721 -3.58 -17.51 -9.00
C LYS B 721 -4.13 -17.98 -7.64
N MET B 722 -3.32 -17.95 -6.57
CA MET B 722 -3.71 -18.42 -5.23
C MET B 722 -4.94 -17.63 -4.75
N GLY B 723 -5.99 -18.34 -4.34
CA GLY B 723 -7.27 -17.79 -3.83
C GLY B 723 -8.35 -17.72 -4.89
N GLN B 724 -8.02 -17.92 -6.17
CA GLN B 724 -8.91 -17.61 -7.32
C GLN B 724 -9.59 -18.87 -7.88
N ILE B 725 -9.19 -20.08 -7.46
CA ILE B 725 -9.77 -21.36 -7.98
C ILE B 725 -10.30 -22.25 -6.84
N GLU B 726 -9.67 -22.22 -5.66
CA GLU B 726 -9.87 -23.23 -4.58
C GLU B 726 -11.35 -23.33 -4.22
N ILE B 727 -12.05 -22.20 -4.10
CA ILE B 727 -13.45 -22.14 -3.58
C ILE B 727 -14.43 -22.61 -4.66
N ASP B 728 -14.08 -22.51 -5.94
CA ASP B 728 -14.88 -23.14 -7.04
C ASP B 728 -15.02 -24.63 -6.75
N ASP B 729 -13.89 -25.33 -6.61
CA ASP B 729 -13.81 -26.78 -6.34
C ASP B 729 -14.63 -27.12 -5.08
N GLN B 730 -14.50 -26.32 -4.02
CA GLN B 730 -15.18 -26.54 -2.71
C GLN B 730 -16.69 -26.47 -2.93
N VAL B 731 -17.16 -25.41 -3.58
CA VAL B 731 -18.62 -25.17 -3.86
C VAL B 731 -19.14 -26.29 -4.77
N GLU B 732 -18.41 -26.60 -5.86
CA GLU B 732 -18.78 -27.68 -6.82
C GLU B 732 -19.03 -28.97 -6.04
N GLY B 733 -18.04 -29.41 -5.26
CA GLY B 733 -18.13 -30.61 -4.40
C GLY B 733 -19.27 -30.51 -3.41
N LEU B 734 -19.49 -29.30 -2.85
CA LEU B 734 -20.57 -29.04 -1.86
C LEU B 734 -21.93 -29.18 -2.55
N GLN B 735 -22.04 -28.74 -3.81
CA GLN B 735 -23.28 -28.81 -4.61
C GLN B 735 -23.52 -30.23 -5.11
N TYR B 736 -22.45 -30.97 -5.46
CA TYR B 736 -22.50 -32.41 -5.83
C TYR B 736 -23.15 -33.20 -4.67
N LEU B 737 -22.73 -32.92 -3.43
CA LEU B 737 -23.28 -33.57 -2.21
C LEU B 737 -24.75 -33.20 -2.03
N ALA B 738 -25.11 -31.92 -2.23
CA ALA B 738 -26.46 -31.36 -2.00
C ALA B 738 -27.46 -31.98 -2.98
N SER B 739 -27.09 -32.14 -4.24
CA SER B 739 -27.93 -32.73 -5.31
C SER B 739 -28.10 -34.24 -5.09
N ARG B 740 -27.18 -34.87 -4.36
CA ARG B 740 -27.17 -36.34 -4.09
C ARG B 740 -27.83 -36.61 -2.73
N TYR B 741 -27.51 -35.80 -1.72
CA TYR B 741 -28.03 -35.94 -0.32
C TYR B 741 -28.89 -34.71 0.02
N ASP B 742 -30.16 -34.94 0.34
CA ASP B 742 -31.17 -33.86 0.56
C ASP B 742 -31.06 -33.30 1.99
N PHE B 743 -30.30 -33.96 2.88
CA PHE B 743 -30.16 -33.58 4.32
C PHE B 743 -29.17 -32.43 4.48
N ILE B 744 -28.51 -31.98 3.41
CA ILE B 744 -27.58 -30.81 3.41
C ILE B 744 -28.41 -29.55 3.13
N ASP B 745 -28.39 -28.59 4.05
CA ASP B 745 -29.13 -27.29 3.95
C ASP B 745 -28.17 -26.21 3.46
N LEU B 746 -28.13 -25.97 2.14
CA LEU B 746 -27.19 -25.01 1.48
C LEU B 746 -27.46 -23.57 1.96
N ASP B 747 -28.55 -23.33 2.69
CA ASP B 747 -28.90 -21.99 3.25
C ASP B 747 -28.06 -21.72 4.51
N ARG B 748 -27.66 -22.76 5.24
CA ARG B 748 -26.87 -22.66 6.50
C ARG B 748 -25.55 -23.41 6.35
N VAL B 749 -24.62 -22.86 5.54
CA VAL B 749 -23.26 -23.43 5.32
C VAL B 749 -22.22 -22.51 5.99
N GLY B 750 -21.40 -23.09 6.89
CA GLY B 750 -20.23 -22.44 7.50
C GLY B 750 -18.93 -23.02 6.97
N ILE B 751 -17.86 -22.21 6.91
CA ILE B 751 -16.51 -22.67 6.48
C ILE B 751 -15.49 -22.33 7.57
N HIS B 752 -14.54 -23.24 7.84
CA HIS B 752 -13.52 -23.10 8.91
C HIS B 752 -12.21 -23.75 8.48
N GLY B 753 -11.09 -23.09 8.78
CA GLY B 753 -9.73 -23.58 8.45
C GLY B 753 -8.65 -22.80 9.19
N TRP B 754 -7.43 -23.35 9.24
CA TRP B 754 -6.23 -22.75 9.87
C TRP B 754 -5.15 -22.52 8.80
N SER B 755 -4.38 -21.44 8.95
CA SER B 755 -3.27 -21.09 8.02
C SER B 755 -3.88 -20.83 6.63
N TYR B 756 -3.59 -21.68 5.64
CA TYR B 756 -4.16 -21.57 4.26
C TYR B 756 -5.67 -21.79 4.31
N GLY B 757 -6.13 -22.69 5.18
CA GLY B 757 -7.55 -22.94 5.46
C GLY B 757 -8.26 -21.70 5.99
N GLY B 758 -7.55 -20.91 6.81
CA GLY B 758 -8.07 -19.62 7.32
C GLY B 758 -8.12 -18.57 6.22
N TYR B 759 -7.12 -18.59 5.33
CA TYR B 759 -7.03 -17.73 4.13
C TYR B 759 -8.24 -17.99 3.22
N LEU B 760 -8.48 -19.26 2.89
CA LEU B 760 -9.57 -19.69 1.97
C LEU B 760 -10.93 -19.45 2.64
N SER B 761 -11.03 -19.55 3.96
CA SER B 761 -12.26 -19.26 4.73
C SER B 761 -12.68 -17.81 4.48
N LEU B 762 -11.72 -16.87 4.48
CA LEU B 762 -11.97 -15.43 4.19
C LEU B 762 -12.33 -15.27 2.72
N MET B 763 -11.54 -15.86 1.81
CA MET B 763 -11.80 -15.82 0.35
C MET B 763 -13.22 -16.33 0.06
N ALA B 764 -13.63 -17.43 0.71
CA ALA B 764 -14.95 -18.09 0.54
C ALA B 764 -16.07 -17.09 0.87
N LEU B 765 -16.02 -16.49 2.06
CA LEU B 765 -17.00 -15.45 2.50
C LEU B 765 -16.96 -14.25 1.54
N MET B 766 -15.76 -13.86 1.11
CA MET B 766 -15.52 -12.66 0.27
C MET B 766 -16.11 -12.88 -1.12
N GLN B 767 -15.89 -14.06 -1.70
CA GLN B 767 -16.20 -14.38 -3.13
C GLN B 767 -17.62 -14.97 -3.25
N ARG B 768 -18.06 -15.74 -2.25
CA ARG B 768 -19.31 -16.56 -2.33
C ARG B 768 -20.13 -16.41 -1.03
N SER B 769 -20.49 -15.17 -0.67
CA SER B 769 -21.39 -14.86 0.48
C SER B 769 -22.78 -15.47 0.27
N ASP B 770 -23.16 -15.72 -1.00
CA ASP B 770 -24.42 -16.45 -1.37
C ASP B 770 -24.42 -17.86 -0.77
N ILE B 771 -23.27 -18.55 -0.77
CA ILE B 771 -23.13 -19.97 -0.32
C ILE B 771 -22.83 -20.01 1.19
N PHE B 772 -21.87 -19.21 1.66
CA PHE B 772 -21.26 -19.32 3.01
C PHE B 772 -21.85 -18.25 3.94
N ARG B 773 -22.60 -18.68 4.96
CA ARG B 773 -23.16 -17.80 6.01
C ARG B 773 -22.03 -17.31 6.92
N VAL B 774 -21.36 -18.22 7.62
CA VAL B 774 -20.28 -17.91 8.61
C VAL B 774 -18.94 -18.43 8.08
N ALA B 775 -17.86 -17.71 8.38
CA ALA B 775 -16.46 -18.07 8.06
C ALA B 775 -15.59 -17.81 9.30
N ILE B 776 -15.01 -18.89 9.86
CA ILE B 776 -14.04 -18.83 11.00
C ILE B 776 -12.63 -19.03 10.45
N ALA B 777 -11.84 -17.95 10.38
CA ALA B 777 -10.49 -17.93 9.80
C ALA B 777 -9.45 -18.04 10.93
N GLY B 778 -8.65 -19.11 10.92
CA GLY B 778 -7.55 -19.36 11.87
C GLY B 778 -6.20 -19.02 11.26
N ALA B 779 -5.45 -18.11 11.90
CA ALA B 779 -4.10 -17.68 11.52
C ALA B 779 -4.01 -17.47 10.01
N PRO B 780 -4.92 -16.66 9.43
CA PRO B 780 -5.00 -16.51 7.97
C PRO B 780 -3.88 -15.62 7.41
N VAL B 781 -3.29 -16.04 6.30
CA VAL B 781 -2.50 -15.14 5.40
C VAL B 781 -3.49 -14.19 4.75
N THR B 782 -3.42 -12.89 5.04
CA THR B 782 -4.31 -11.84 4.50
C THR B 782 -3.57 -10.99 3.46
N LEU B 783 -2.25 -11.14 3.35
CA LEU B 783 -1.37 -10.23 2.57
C LEU B 783 -0.10 -11.00 2.17
N TRP B 784 -0.02 -11.44 0.91
CA TRP B 784 1.07 -12.33 0.42
C TRP B 784 2.43 -11.61 0.42
N ILE B 785 2.47 -10.28 0.31
CA ILE B 785 3.76 -9.51 0.30
C ILE B 785 4.41 -9.55 1.69
N PHE B 786 3.64 -9.86 2.74
CA PHE B 786 4.14 -10.04 4.13
C PHE B 786 4.83 -11.40 4.28
N TYR B 787 4.29 -12.47 3.68
CA TYR B 787 4.79 -13.85 3.87
C TYR B 787 6.19 -13.97 3.26
N ASP B 788 6.88 -15.08 3.55
CA ASP B 788 8.34 -15.27 3.29
C ASP B 788 8.60 -15.56 1.81
N THR B 789 9.88 -15.56 1.43
CA THR B 789 10.38 -15.77 0.05
C THR B 789 10.16 -17.22 -0.37
N GLY B 790 10.65 -18.17 0.42
CA GLY B 790 10.70 -19.61 0.10
C GLY B 790 9.35 -20.13 -0.35
N TYR B 791 8.30 -19.80 0.39
CA TYR B 791 6.90 -20.28 0.13
C TYR B 791 6.27 -19.45 -0.98
N THR B 792 6.13 -18.14 -0.79
CA THR B 792 5.29 -17.23 -1.61
C THR B 792 5.78 -17.22 -3.06
N GLU B 793 7.10 -17.06 -3.27
CA GLU B 793 7.70 -16.92 -4.63
C GLU B 793 7.62 -18.26 -5.38
N ARG B 794 7.59 -19.38 -4.68
CA ARG B 794 7.48 -20.74 -5.28
C ARG B 794 6.15 -20.85 -6.05
N TYR B 795 5.05 -20.37 -5.45
CA TYR B 795 3.66 -20.57 -5.94
C TYR B 795 3.14 -19.31 -6.66
N MET B 796 3.68 -18.12 -6.36
CA MET B 796 3.14 -16.82 -6.85
C MET B 796 4.21 -16.00 -7.57
N GLY B 797 5.45 -16.51 -7.69
CA GLY B 797 6.59 -15.79 -8.30
C GLY B 797 6.90 -14.50 -7.58
N HIS B 798 7.81 -13.70 -8.14
CA HIS B 798 8.21 -12.37 -7.61
C HIS B 798 7.00 -11.43 -7.67
N PRO B 799 6.74 -10.60 -6.63
CA PRO B 799 5.58 -9.70 -6.63
C PRO B 799 5.52 -8.73 -7.83
N ASP B 800 6.68 -8.37 -8.37
CA ASP B 800 6.82 -7.44 -9.54
C ASP B 800 6.20 -8.08 -10.78
N GLN B 801 6.37 -9.40 -10.94
CA GLN B 801 5.96 -10.18 -12.16
C GLN B 801 4.58 -10.82 -11.97
N ASN B 802 3.85 -10.45 -10.91
CA ASN B 802 2.50 -10.98 -10.61
C ASN B 802 1.73 -9.95 -9.76
N GLU B 803 1.74 -8.68 -10.19
CA GLU B 803 1.08 -7.55 -9.49
C GLU B 803 -0.39 -7.90 -9.21
N GLN B 804 -1.10 -8.47 -10.18
CA GLN B 804 -2.56 -8.73 -10.08
C GLN B 804 -2.83 -9.94 -9.18
N GLY B 805 -2.04 -11.01 -9.34
CA GLY B 805 -2.18 -12.25 -8.53
C GLY B 805 -2.03 -11.97 -7.05
N TYR B 806 -1.05 -11.14 -6.69
CA TYR B 806 -0.74 -10.72 -5.30
C TYR B 806 -1.91 -9.88 -4.75
N TYR B 807 -2.47 -8.98 -5.56
CA TYR B 807 -3.63 -8.13 -5.18
C TYR B 807 -4.87 -8.99 -5.00
N LEU B 808 -5.28 -9.71 -6.06
CA LEU B 808 -6.49 -10.57 -6.07
C LEU B 808 -6.33 -11.71 -5.06
N GLY B 809 -5.10 -12.07 -4.71
CA GLY B 809 -4.78 -13.16 -3.78
C GLY B 809 -4.73 -12.71 -2.32
N SER B 810 -4.72 -11.40 -2.06
CA SER B 810 -4.57 -10.80 -0.70
C SER B 810 -5.93 -10.28 -0.21
N VAL B 811 -6.50 -10.92 0.82
CA VAL B 811 -7.88 -10.66 1.33
C VAL B 811 -7.93 -9.26 1.97
N ALA B 812 -6.81 -8.78 2.51
CA ALA B 812 -6.72 -7.48 3.23
C ALA B 812 -6.88 -6.32 2.24
N MET B 813 -6.51 -6.54 0.97
CA MET B 813 -6.61 -5.55 -0.14
C MET B 813 -8.05 -5.46 -0.67
N GLN B 814 -8.94 -6.36 -0.25
CA GLN B 814 -10.33 -6.47 -0.78
C GLN B 814 -11.33 -6.49 0.39
N ALA B 815 -11.07 -5.67 1.40
CA ALA B 815 -11.89 -5.57 2.64
C ALA B 815 -13.32 -5.11 2.31
N GLU B 816 -13.47 -4.28 1.28
CA GLU B 816 -14.78 -3.69 0.87
C GLU B 816 -15.76 -4.80 0.43
N LYS B 817 -15.25 -5.99 0.07
CA LYS B 817 -16.05 -7.10 -0.49
C LYS B 817 -16.55 -8.03 0.63
N PHE B 818 -16.25 -7.74 1.89
CA PHE B 818 -16.74 -8.51 3.06
C PHE B 818 -18.18 -8.10 3.37
N PRO B 819 -18.97 -8.96 4.04
CA PRO B 819 -20.37 -8.62 4.36
C PRO B 819 -20.51 -7.41 5.31
N SER B 820 -21.60 -6.67 5.17
CA SER B 820 -22.01 -5.56 6.07
C SER B 820 -22.88 -6.11 7.22
N GLU B 821 -23.20 -7.41 7.20
CA GLU B 821 -23.93 -8.09 8.32
C GLU B 821 -22.91 -8.70 9.29
N PRO B 822 -23.09 -8.51 10.61
CA PRO B 822 -22.20 -9.12 11.60
C PRO B 822 -22.56 -10.59 11.86
N ASN B 823 -21.77 -11.26 12.72
CA ASN B 823 -21.97 -12.68 13.13
C ASN B 823 -21.77 -13.60 11.91
N ARG B 824 -20.90 -13.20 10.97
CA ARG B 824 -20.59 -13.94 9.72
C ARG B 824 -19.08 -14.20 9.60
N LEU B 825 -18.24 -13.34 10.21
CA LEU B 825 -16.76 -13.41 10.12
C LEU B 825 -16.18 -13.45 11.54
N LEU B 826 -15.50 -14.56 11.88
CA LEU B 826 -14.73 -14.74 13.15
C LEU B 826 -13.25 -14.92 12.82
N LEU B 827 -12.39 -14.08 13.38
CA LEU B 827 -10.91 -14.19 13.25
C LEU B 827 -10.33 -14.83 14.53
N LEU B 828 -9.51 -15.87 14.36
CA LEU B 828 -8.72 -16.53 15.42
C LEU B 828 -7.24 -16.40 15.06
N HIS B 829 -6.39 -15.98 16.00
CA HIS B 829 -4.93 -15.86 15.78
C HIS B 829 -4.15 -16.11 17.07
N GLY B 830 -3.04 -16.84 16.97
CA GLY B 830 -2.00 -16.92 18.01
C GLY B 830 -1.14 -15.66 18.01
N PHE B 831 -1.13 -14.91 19.10
CA PHE B 831 -0.55 -13.56 19.19
C PHE B 831 0.97 -13.61 18.92
N LEU B 832 1.63 -14.73 19.26
CA LEU B 832 3.11 -14.90 19.18
C LEU B 832 3.50 -15.66 17.90
N ASP B 833 2.54 -16.02 17.05
CA ASP B 833 2.77 -16.78 15.79
C ASP B 833 3.91 -16.10 15.01
N GLU B 834 4.93 -16.87 14.63
CA GLU B 834 6.13 -16.36 13.91
C GLU B 834 6.17 -16.90 12.47
N ASN B 835 5.26 -17.83 12.11
CA ASN B 835 5.06 -18.33 10.73
C ASN B 835 4.11 -17.40 9.97
N VAL B 836 2.86 -17.32 10.43
CA VAL B 836 1.85 -16.31 9.99
C VAL B 836 1.74 -15.27 11.12
N HIS B 837 2.44 -14.15 10.97
N HIS B 837 2.46 -14.15 10.99
CA HIS B 837 2.50 -13.06 11.98
CA HIS B 837 2.52 -13.07 12.01
C HIS B 837 1.09 -12.52 12.23
C HIS B 837 1.12 -12.48 12.22
N PHE B 838 0.86 -11.97 13.42
CA PHE B 838 -0.44 -11.37 13.84
C PHE B 838 -0.77 -10.16 12.95
N ALA B 839 0.25 -9.54 12.34
CA ALA B 839 0.11 -8.40 11.40
C ALA B 839 -0.91 -8.76 10.29
N HIS B 840 -0.88 -10.00 9.78
CA HIS B 840 -1.87 -10.47 8.78
C HIS B 840 -3.28 -10.17 9.29
N THR B 841 -3.56 -10.48 10.56
CA THR B 841 -4.87 -10.23 11.22
C THR B 841 -5.03 -8.73 11.47
N SER B 842 -4.03 -8.07 12.06
CA SER B 842 -4.12 -6.65 12.49
C SER B 842 -4.28 -5.74 11.25
N ILE B 843 -3.62 -6.05 10.13
CA ILE B 843 -3.76 -5.29 8.85
C ILE B 843 -5.18 -5.47 8.33
N LEU B 844 -5.68 -6.71 8.28
CA LEU B 844 -7.06 -7.02 7.82
C LEU B 844 -8.06 -6.19 8.65
N LEU B 845 -7.96 -6.28 9.97
CA LEU B 845 -8.82 -5.52 10.92
C LEU B 845 -8.77 -4.03 10.58
N SER B 846 -7.57 -3.51 10.28
CA SER B 846 -7.31 -2.09 9.96
C SER B 846 -8.14 -1.65 8.75
N PHE B 847 -8.22 -2.49 7.72
CA PHE B 847 -8.95 -2.24 6.45
C PHE B 847 -10.45 -2.49 6.64
N LEU B 848 -10.83 -3.44 7.51
CA LEU B 848 -12.25 -3.74 7.84
C LEU B 848 -12.85 -2.55 8.60
N VAL B 849 -12.07 -1.93 9.49
CA VAL B 849 -12.48 -0.71 10.25
C VAL B 849 -12.66 0.44 9.24
N ARG B 850 -11.71 0.59 8.31
CA ARG B 850 -11.73 1.65 7.24
C ARG B 850 -12.95 1.45 6.34
N ALA B 851 -13.27 0.19 6.00
CA ALA B 851 -14.40 -0.19 5.13
C ALA B 851 -15.71 -0.29 5.93
N GLY B 852 -15.68 0.10 7.22
CA GLY B 852 -16.85 0.07 8.13
C GLY B 852 -17.53 -1.29 8.17
N LYS B 853 -16.76 -2.37 8.11
CA LYS B 853 -17.25 -3.78 8.12
C LYS B 853 -17.16 -4.34 9.53
N PRO B 854 -18.10 -5.22 9.94
CA PRO B 854 -18.05 -5.87 11.25
C PRO B 854 -17.16 -7.12 11.21
N TYR B 855 -16.66 -7.54 12.39
CA TYR B 855 -15.82 -8.74 12.59
C TYR B 855 -15.92 -9.17 14.06
N ASP B 856 -15.71 -10.46 14.32
CA ASP B 856 -15.48 -11.02 15.69
C ASP B 856 -14.03 -11.48 15.75
N LEU B 857 -13.39 -11.35 16.92
CA LEU B 857 -11.94 -11.62 17.09
C LEU B 857 -11.70 -12.40 18.38
N GLN B 858 -11.00 -13.54 18.28
CA GLN B 858 -10.46 -14.31 19.43
C GLN B 858 -8.94 -14.35 19.30
N ILE B 859 -8.22 -13.94 20.34
CA ILE B 859 -6.73 -13.98 20.39
C ILE B 859 -6.31 -15.05 21.41
N TYR B 860 -5.22 -15.75 21.11
CA TYR B 860 -4.57 -16.75 21.99
C TYR B 860 -3.19 -16.22 22.34
N PRO B 861 -3.08 -15.37 23.39
CA PRO B 861 -1.89 -14.53 23.61
C PRO B 861 -0.56 -15.27 23.88
N GLN B 862 -0.60 -16.50 24.39
CA GLN B 862 0.60 -17.28 24.78
C GLN B 862 0.95 -18.33 23.71
N GLU B 863 0.26 -18.32 22.57
CA GLU B 863 0.38 -19.37 21.51
C GLU B 863 1.13 -18.82 20.29
N ARG B 864 1.91 -19.67 19.63
CA ARG B 864 2.51 -19.43 18.30
C ARG B 864 1.48 -19.89 17.25
N HIS B 865 1.92 -20.45 16.11
CA HIS B 865 1.00 -20.95 15.06
C HIS B 865 0.13 -22.08 15.63
N SER B 866 0.74 -23.23 15.91
CA SER B 866 0.06 -24.45 16.44
C SER B 866 -0.16 -24.30 17.95
N ILE B 867 -1.41 -24.40 18.40
CA ILE B 867 -1.85 -24.19 19.82
C ILE B 867 -1.39 -25.40 20.65
N ARG B 868 -0.44 -25.18 21.57
CA ARG B 868 0.27 -26.23 22.36
C ARG B 868 -0.37 -26.40 23.75
N VAL B 869 -0.59 -25.29 24.47
CA VAL B 869 -1.15 -25.28 25.86
C VAL B 869 -2.59 -25.80 25.80
N PRO B 870 -2.93 -26.87 26.55
CA PRO B 870 -4.29 -27.42 26.55
C PRO B 870 -5.41 -26.40 26.78
N GLU B 871 -5.23 -25.49 27.74
CA GLU B 871 -6.21 -24.44 28.13
C GLU B 871 -6.67 -23.66 26.89
N SER B 872 -5.73 -23.29 26.02
CA SER B 872 -5.96 -22.51 24.77
C SER B 872 -6.78 -23.33 23.77
N GLY B 873 -6.35 -24.57 23.50
CA GLY B 873 -7.04 -25.51 22.59
C GLY B 873 -8.47 -25.80 23.05
N GLU B 874 -8.66 -25.95 24.36
CA GLU B 874 -9.99 -26.20 24.98
C GLU B 874 -10.89 -24.98 24.74
N HIS B 875 -10.36 -23.77 24.94
CA HIS B 875 -11.09 -22.49 24.77
C HIS B 875 -11.47 -22.30 23.30
N TYR B 876 -10.52 -22.56 22.39
CA TYR B 876 -10.72 -22.55 20.92
C TYR B 876 -11.93 -23.44 20.55
N GLU B 877 -11.89 -24.72 20.95
CA GLU B 877 -12.93 -25.73 20.64
C GLU B 877 -14.28 -25.26 21.22
N LEU B 878 -14.28 -24.79 22.46
CA LEU B 878 -15.49 -24.29 23.17
C LEU B 878 -16.09 -23.12 22.39
N HIS B 879 -15.27 -22.12 22.05
CA HIS B 879 -15.71 -20.89 21.34
C HIS B 879 -16.22 -21.23 19.93
N LEU B 880 -15.56 -22.17 19.23
CA LEU B 880 -15.90 -22.57 17.85
C LEU B 880 -17.30 -23.20 17.82
N LEU B 881 -17.53 -24.23 18.63
CA LEU B 881 -18.83 -24.94 18.73
C LEU B 881 -19.93 -23.96 19.12
N HIS B 882 -19.66 -23.12 20.12
CA HIS B 882 -20.62 -22.10 20.64
C HIS B 882 -20.93 -21.08 19.54
N TYR B 883 -19.94 -20.67 18.75
CA TYR B 883 -20.09 -19.66 17.67
C TYR B 883 -20.98 -20.24 16.57
N LEU B 884 -20.62 -21.42 16.05
CA LEU B 884 -21.39 -22.15 15.00
C LEU B 884 -22.85 -22.32 15.46
N GLN B 885 -23.05 -22.68 16.73
CA GLN B 885 -24.39 -22.81 17.38
C GLN B 885 -25.17 -21.50 17.24
N GLU B 886 -24.64 -20.41 17.82
CA GLU B 886 -25.33 -19.10 17.94
C GLU B 886 -25.52 -18.43 16.58
N ASN B 887 -24.73 -18.79 15.56
CA ASN B 887 -24.64 -18.01 14.29
C ASN B 887 -24.88 -18.89 13.04
N LEU B 888 -25.08 -20.21 13.19
CA LEU B 888 -25.35 -21.12 12.04
C LEU B 888 -26.39 -22.18 12.43
N GLY B 889 -26.07 -23.01 13.43
CA GLY B 889 -26.81 -24.25 13.74
C GLY B 889 -28.16 -24.01 14.39
N SER B 890 -28.17 -23.32 15.53
CA SER B 890 -29.33 -23.23 16.47
C SER B 890 -30.50 -22.49 15.84
N ARG B 891 -31.64 -22.48 16.55
CA ARG B 891 -32.89 -21.78 16.14
C ARG B 891 -32.69 -20.27 16.27
N ILE B 892 -31.97 -19.82 17.30
CA ILE B 892 -31.66 -18.39 17.57
C ILE B 892 -30.92 -17.79 16.36
N ALA B 893 -30.03 -18.57 15.74
CA ALA B 893 -29.21 -18.16 14.57
C ALA B 893 -30.13 -17.77 13.41
N ALA B 894 -31.21 -18.53 13.20
CA ALA B 894 -32.23 -18.30 12.15
C ALA B 894 -33.02 -17.04 12.47
N LEU B 895 -33.49 -16.91 13.72
CA LEU B 895 -34.19 -15.72 14.26
C LEU B 895 -33.32 -14.47 14.09
N LYS B 896 -31.99 -14.60 14.27
CA LYS B 896 -31.03 -13.48 14.42
C LYS B 896 -30.86 -12.72 13.10
N VAL B 897 -31.13 -13.34 11.95
CA VAL B 897 -30.88 -12.71 10.61
C VAL B 897 -31.86 -11.55 10.41
N LEU C 48 -45.08 -3.73 34.90
CA LEU C 48 -44.32 -2.82 33.98
C LEU C 48 -43.86 -3.60 32.75
N GLU C 49 -44.31 -3.20 31.56
CA GLU C 49 -43.91 -3.84 30.27
C GLU C 49 -42.46 -3.46 29.96
N PRO C 50 -41.62 -4.43 29.49
CA PRO C 50 -40.26 -4.11 29.07
C PRO C 50 -40.24 -3.49 27.67
N PHE C 51 -39.73 -2.26 27.55
CA PHE C 51 -39.48 -1.60 26.24
C PHE C 51 -38.29 -2.30 25.57
N TYR C 52 -38.45 -2.63 24.28
CA TYR C 52 -37.40 -3.22 23.42
C TYR C 52 -37.05 -2.22 22.32
N VAL C 53 -35.77 -1.85 22.21
CA VAL C 53 -35.27 -0.82 21.25
C VAL C 53 -35.46 -1.39 19.83
N GLU C 54 -35.73 -0.52 18.86
CA GLU C 54 -35.88 -0.91 17.42
C GLU C 54 -34.60 -1.64 17.01
N ARG C 55 -34.75 -2.81 16.38
CA ARG C 55 -33.61 -3.64 15.90
C ARG C 55 -33.19 -3.14 14.52
N TYR C 56 -32.25 -2.20 14.48
CA TYR C 56 -31.62 -1.66 13.24
C TYR C 56 -30.54 -2.63 12.77
N SER C 57 -30.37 -2.77 11.45
CA SER C 57 -29.24 -3.51 10.82
C SER C 57 -27.95 -2.70 10.99
N TRP C 58 -26.81 -3.33 10.76
CA TRP C 58 -25.46 -2.72 10.84
C TRP C 58 -25.40 -1.51 9.90
N SER C 59 -25.97 -1.63 8.70
CA SER C 59 -25.98 -0.59 7.63
C SER C 59 -26.84 0.59 8.07
N GLN C 60 -27.95 0.32 8.76
CA GLN C 60 -28.96 1.33 9.20
C GLN C 60 -28.39 2.13 10.39
N LEU C 61 -27.79 1.45 11.37
CA LEU C 61 -27.11 2.09 12.53
C LEU C 61 -26.00 3.00 12.02
N LYS C 62 -25.25 2.57 10.99
CA LYS C 62 -24.17 3.38 10.35
C LYS C 62 -24.79 4.63 9.72
N LYS C 63 -25.94 4.48 9.06
CA LYS C 63 -26.72 5.59 8.42
C LYS C 63 -27.19 6.55 9.51
N LEU C 64 -27.90 6.05 10.53
CA LEU C 64 -28.41 6.82 11.68
C LEU C 64 -27.30 7.69 12.25
N LEU C 65 -26.18 7.07 12.65
CA LEU C 65 -25.02 7.73 13.29
C LEU C 65 -24.43 8.79 12.34
N ALA C 66 -24.24 8.44 11.06
CA ALA C 66 -23.72 9.34 10.02
C ALA C 66 -24.61 10.59 9.90
N ASP C 67 -25.94 10.39 9.98
CA ASP C 67 -26.97 11.47 9.84
C ASP C 67 -26.91 12.39 11.06
N THR C 68 -26.83 11.83 12.28
CA THR C 68 -26.86 12.58 13.57
C THR C 68 -25.52 13.25 13.84
N ARG C 69 -24.44 12.83 13.16
CA ARG C 69 -23.08 13.43 13.22
C ARG C 69 -22.93 14.50 12.14
N LYS C 70 -23.71 14.38 11.04
CA LYS C 70 -23.61 15.18 9.80
C LYS C 70 -23.53 16.69 10.11
N TYR C 71 -24.31 17.16 11.10
CA TYR C 71 -24.41 18.59 11.51
C TYR C 71 -23.80 18.77 12.91
N HIS C 72 -22.47 18.67 13.00
CA HIS C 72 -21.64 18.93 14.21
C HIS C 72 -20.27 19.47 13.80
N GLY C 73 -20.23 20.33 12.77
CA GLY C 73 -18.99 20.86 12.17
C GLY C 73 -18.33 21.91 13.05
N TYR C 74 -18.94 23.09 13.18
CA TYR C 74 -18.38 24.28 13.87
C TYR C 74 -18.51 24.14 15.40
N MET C 75 -19.20 23.10 15.88
CA MET C 75 -19.41 22.83 17.34
C MET C 75 -18.10 22.34 17.97
N MET C 76 -17.20 21.73 17.19
CA MET C 76 -15.93 21.11 17.67
C MET C 76 -14.72 21.88 17.09
N ALA C 77 -14.74 23.21 17.22
CA ALA C 77 -13.63 24.14 16.88
C ALA C 77 -13.20 24.89 18.15
N LYS C 78 -11.89 24.94 18.42
CA LYS C 78 -11.32 25.45 19.70
C LYS C 78 -11.81 26.88 19.97
N ALA C 79 -12.41 27.09 21.15
CA ALA C 79 -12.87 28.40 21.64
C ALA C 79 -11.66 29.27 21.98
N PRO C 80 -11.75 30.61 21.86
CA PRO C 80 -10.66 31.51 22.24
C PRO C 80 -10.01 31.14 23.58
N HIS C 81 -8.68 31.15 23.63
CA HIS C 81 -7.86 30.77 24.83
C HIS C 81 -6.50 31.47 24.77
N ASP C 82 -5.68 31.28 25.80
CA ASP C 82 -4.32 31.90 25.97
C ASP C 82 -4.45 33.40 25.70
N PHE C 83 -5.36 34.06 26.42
CA PHE C 83 -5.65 35.51 26.31
C PHE C 83 -4.50 36.32 26.92
N MET C 84 -4.30 37.54 26.40
CA MET C 84 -3.28 38.51 26.88
C MET C 84 -3.78 39.93 26.59
N PHE C 85 -3.75 40.81 27.60
CA PHE C 85 -4.20 42.23 27.51
C PHE C 85 -2.97 43.14 27.40
N VAL C 86 -2.93 43.99 26.37
CA VAL C 86 -1.86 45.01 26.17
C VAL C 86 -2.52 46.39 26.08
N LYS C 87 -2.08 47.32 26.92
CA LYS C 87 -2.61 48.70 27.02
C LYS C 87 -2.18 49.51 25.78
N ARG C 88 -3.12 50.27 25.20
CA ARG C 88 -2.89 51.13 24.01
C ARG C 88 -2.09 52.38 24.40
N ASN C 89 -2.49 53.05 25.49
CA ASN C 89 -1.88 54.32 25.97
C ASN C 89 -1.99 55.37 24.85
N ASP C 90 -3.19 55.57 24.32
CA ASP C 90 -3.52 56.50 23.21
C ASP C 90 -4.70 57.38 23.66
N PRO C 91 -4.45 58.44 24.47
CA PRO C 91 -5.52 59.27 25.02
C PRO C 91 -6.62 59.66 24.03
N ASP C 92 -6.24 60.06 22.80
CA ASP C 92 -7.17 60.53 21.74
C ASP C 92 -7.82 59.34 21.03
N GLY C 93 -7.30 58.13 21.24
CA GLY C 93 -7.85 56.87 20.67
C GLY C 93 -9.07 56.40 21.46
N PRO C 94 -9.98 55.61 20.83
CA PRO C 94 -11.20 55.14 21.50
C PRO C 94 -11.04 53.81 22.27
N HIS C 95 -9.87 53.19 22.21
CA HIS C 95 -9.58 51.83 22.76
C HIS C 95 -8.62 51.91 23.95
N SER C 96 -8.94 51.17 25.02
CA SER C 96 -8.14 51.08 26.27
C SER C 96 -7.08 49.99 26.14
N ASP C 97 -7.50 48.81 25.66
CA ASP C 97 -6.64 47.59 25.52
C ASP C 97 -6.83 46.96 24.13
N ARG C 98 -5.82 46.23 23.68
CA ARG C 98 -5.94 45.19 22.62
C ARG C 98 -5.75 43.82 23.29
N ILE C 99 -6.69 42.89 23.08
CA ILE C 99 -6.58 41.49 23.59
C ILE C 99 -6.08 40.60 22.45
N TYR C 100 -4.98 39.88 22.69
CA TYR C 100 -4.44 38.81 21.80
C TYR C 100 -4.82 37.45 22.38
N TYR C 101 -5.15 36.49 21.51
CA TYR C 101 -5.62 35.13 21.89
C TYR C 101 -5.48 34.16 20.72
N LEU C 102 -5.35 32.87 21.04
CA LEU C 102 -5.43 31.74 20.09
C LEU C 102 -6.89 31.30 19.97
N ALA C 103 -7.36 31.10 18.74
CA ALA C 103 -8.71 30.57 18.45
C ALA C 103 -8.71 29.87 17.08
N MET C 104 -9.59 28.89 16.93
CA MET C 104 -9.98 28.24 15.65
C MET C 104 -11.19 29.03 15.11
N SER C 105 -11.07 29.61 13.92
CA SER C 105 -12.08 30.55 13.34
C SER C 105 -13.33 29.79 12.87
N GLY C 106 -13.24 28.46 12.67
CA GLY C 106 -14.39 27.61 12.30
C GLY C 106 -13.98 26.19 11.95
N GLU C 107 -14.75 25.52 11.09
CA GLU C 107 -14.48 24.13 10.61
C GLU C 107 -13.23 24.12 9.72
N ASN C 108 -12.49 23.01 9.73
CA ASN C 108 -11.36 22.71 8.80
C ASN C 108 -10.42 23.92 8.72
N ARG C 109 -10.20 24.61 9.84
CA ARG C 109 -9.40 25.86 9.91
C ARG C 109 -8.30 25.69 10.97
N GLU C 110 -7.24 26.49 10.84
CA GLU C 110 -6.00 26.39 11.66
C GLU C 110 -6.21 27.13 12.99
N ASN C 111 -5.69 26.58 14.09
CA ASN C 111 -5.58 27.30 15.39
C ASN C 111 -4.49 28.37 15.23
N THR C 112 -4.86 29.66 15.29
CA THR C 112 -3.92 30.79 15.03
C THR C 112 -4.24 32.00 15.92
N LEU C 113 -3.31 32.95 15.98
CA LEU C 113 -3.39 34.19 16.77
C LEU C 113 -4.45 35.13 16.17
N PHE C 114 -5.28 35.72 17.03
CA PHE C 114 -6.26 36.79 16.71
C PHE C 114 -6.09 37.93 17.72
N TYR C 115 -6.54 39.13 17.36
CA TYR C 115 -6.67 40.28 18.30
C TYR C 115 -8.06 40.93 18.14
N SER C 116 -8.55 41.53 19.21
CA SER C 116 -9.79 42.34 19.26
C SER C 116 -9.52 43.63 20.04
N GLU C 117 -10.34 44.65 19.80
CA GLU C 117 -10.18 46.01 20.36
C GLU C 117 -11.15 46.17 21.53
N ILE C 118 -10.64 46.39 22.75
CA ILE C 118 -11.44 46.74 23.96
C ILE C 118 -11.64 48.25 23.95
N PRO C 119 -12.89 48.73 23.74
CA PRO C 119 -13.16 50.17 23.68
C PRO C 119 -13.22 50.80 25.09
N LYS C 120 -12.86 52.09 25.19
CA LYS C 120 -12.78 52.86 26.46
C LYS C 120 -14.19 52.98 27.09
N THR C 121 -15.23 53.10 26.25
CA THR C 121 -16.66 53.20 26.67
C THR C 121 -17.51 52.30 25.77
N ILE C 122 -18.75 52.00 26.20
CA ILE C 122 -19.73 51.19 25.42
C ILE C 122 -21.13 51.81 25.56
N ASN C 123 -21.98 51.58 24.56
CA ASN C 123 -23.44 51.82 24.60
C ASN C 123 -24.07 50.71 25.46
N ARG C 124 -24.52 51.03 26.67
CA ARG C 124 -25.03 50.05 27.66
C ARG C 124 -26.45 49.59 27.30
N ALA C 125 -27.04 50.15 26.24
CA ALA C 125 -28.34 49.72 25.67
C ALA C 125 -28.14 48.43 24.87
N ALA C 126 -27.26 48.47 23.86
CA ALA C 126 -26.96 47.35 22.94
C ALA C 126 -25.84 46.46 23.50
N VAL C 127 -25.68 45.27 22.94
CA VAL C 127 -24.65 44.25 23.29
C VAL C 127 -23.55 44.31 22.22
N LEU C 128 -22.31 44.62 22.63
CA LEU C 128 -21.14 44.75 21.72
C LEU C 128 -20.56 43.36 21.41
N MET C 129 -20.53 42.98 20.13
CA MET C 129 -19.80 41.80 19.60
C MET C 129 -18.44 42.26 19.07
N LEU C 130 -17.35 41.91 19.77
CA LEU C 130 -15.95 42.12 19.30
C LEU C 130 -15.75 41.31 18.01
N SER C 131 -15.05 41.88 17.04
CA SER C 131 -14.67 41.21 15.76
C SER C 131 -13.24 40.69 15.87
N TRP C 132 -13.00 39.46 15.38
CA TRP C 132 -11.68 38.78 15.38
C TRP C 132 -10.84 39.31 14.22
N LYS C 133 -9.73 39.99 14.51
CA LYS C 133 -8.75 40.47 13.51
C LYS C 133 -7.61 39.45 13.43
N PRO C 134 -7.43 38.74 12.28
CA PRO C 134 -6.27 37.88 12.10
C PRO C 134 -4.96 38.66 12.34
N LEU C 135 -4.10 38.16 13.23
CA LEU C 135 -2.79 38.78 13.54
C LEU C 135 -1.78 38.41 12.46
N LEU C 136 -1.85 37.17 11.94
CA LEU C 136 -0.84 36.59 11.01
C LEU C 136 -1.41 36.51 9.59
N ASP C 137 -0.52 36.45 8.59
CA ASP C 137 -0.84 36.29 7.16
C ASP C 137 -1.07 34.80 6.88
N LEU C 138 -1.35 34.44 5.63
CA LEU C 138 -1.81 33.08 5.21
C LEU C 138 -0.68 32.04 5.31
N PHE C 139 0.49 32.43 5.83
CA PHE C 139 1.70 31.55 5.95
C PHE C 139 2.19 31.16 4.56
N GLN C 140 1.52 30.18 3.94
CA GLN C 140 1.88 29.59 2.61
C GLN C 140 3.19 28.79 2.75
N ALA C 141 3.77 28.75 3.96
CA ALA C 141 5.12 28.21 4.25
C ALA C 141 6.15 28.83 3.29
N THR C 142 7.30 28.18 3.11
CA THR C 142 8.30 28.46 2.05
C THR C 142 8.64 27.13 1.35
N LEU C 143 9.58 27.16 0.40
CA LEU C 143 9.98 25.98 -0.43
C LEU C 143 8.79 25.57 -1.30
N ASP C 144 8.36 26.47 -2.21
CA ASP C 144 7.27 26.25 -3.19
C ASP C 144 7.89 25.81 -4.54
N TYR C 145 9.17 25.42 -4.53
CA TYR C 145 10.00 25.15 -5.74
C TYR C 145 9.38 23.99 -6.52
N GLY C 146 8.61 24.31 -7.56
CA GLY C 146 7.95 23.34 -8.45
C GLY C 146 7.05 24.02 -9.45
N MET C 147 6.40 23.24 -10.32
CA MET C 147 5.54 23.71 -11.44
C MET C 147 4.16 23.04 -11.31
N TYR C 148 3.31 23.59 -10.43
CA TYR C 148 2.00 23.02 -10.03
C TYR C 148 0.86 23.80 -10.68
N SER C 149 -0.10 23.07 -11.26
CA SER C 149 -1.34 23.59 -11.89
C SER C 149 -2.27 24.18 -10.83
N ARG C 150 -3.41 24.73 -11.24
CA ARG C 150 -4.48 25.24 -10.32
C ARG C 150 -5.09 24.05 -9.56
N GLU C 151 -5.37 22.95 -10.27
CA GLU C 151 -5.96 21.71 -9.70
C GLU C 151 -4.98 21.02 -8.75
N GLU C 152 -3.67 21.25 -8.92
CA GLU C 152 -2.58 20.69 -8.07
C GLU C 152 -2.28 21.62 -6.88
N GLU C 153 -2.54 22.93 -7.03
CA GLU C 153 -2.33 23.95 -5.96
C GLU C 153 -3.59 24.09 -5.10
N LEU C 154 -4.77 23.76 -5.64
CA LEU C 154 -6.06 23.74 -4.90
C LEU C 154 -6.16 22.47 -4.04
N LEU C 155 -5.41 21.41 -4.39
CA LEU C 155 -5.29 20.16 -3.60
C LEU C 155 -4.37 20.37 -2.39
N ARG C 156 -3.33 21.19 -2.55
CA ARG C 156 -2.24 21.38 -1.55
C ARG C 156 -2.62 22.41 -0.47
N GLU C 157 -3.71 23.17 -0.67
CA GLU C 157 -4.20 24.19 0.30
C GLU C 157 -4.93 23.49 1.46
N ARG C 158 -5.63 22.38 1.19
CA ARG C 158 -6.42 21.60 2.18
C ARG C 158 -5.51 20.61 2.92
N LYS C 159 -4.33 20.30 2.36
CA LYS C 159 -3.32 19.39 2.97
C LYS C 159 -2.58 20.11 4.10
N ARG C 160 -2.45 21.44 4.01
CA ARG C 160 -1.71 22.29 4.99
C ARG C 160 -2.71 23.05 5.89
N ILE C 161 -3.76 22.38 6.35
CA ILE C 161 -4.76 22.93 7.33
C ILE C 161 -4.16 22.81 8.74
N GLY C 162 -4.07 21.58 9.26
CA GLY C 162 -3.63 21.31 10.65
C GLY C 162 -2.12 21.46 10.83
N THR C 163 -1.35 21.48 9.74
CA THR C 163 0.14 21.42 9.75
C THR C 163 0.76 22.82 9.86
N VAL C 164 -0.03 23.85 10.19
CA VAL C 164 0.48 25.20 10.61
C VAL C 164 -0.35 25.68 11.81
N GLY C 165 -0.82 24.74 12.65
CA GLY C 165 -1.57 25.03 13.88
C GLY C 165 -0.65 25.53 14.98
N ILE C 166 -0.97 26.67 15.57
CA ILE C 166 -0.26 27.24 16.76
C ILE C 166 -0.96 26.74 18.01
N ALA C 167 -0.28 25.93 18.82
CA ALA C 167 -0.78 25.32 20.07
C ALA C 167 -0.62 26.32 21.22
N SER C 168 0.51 27.04 21.27
CA SER C 168 0.86 28.05 22.30
C SER C 168 1.71 29.16 21.67
N TYR C 169 1.97 30.23 22.43
CA TYR C 169 2.79 31.38 21.98
C TYR C 169 3.44 32.06 23.19
N ASP C 170 4.61 32.66 22.97
CA ASP C 170 5.42 33.40 23.96
C ASP C 170 5.34 34.89 23.61
N TYR C 171 5.46 35.79 24.59
CA TYR C 171 5.38 37.25 24.39
C TYR C 171 6.31 37.99 25.37
N HIS C 172 6.98 39.03 24.88
CA HIS C 172 7.90 39.92 25.64
C HIS C 172 7.39 41.36 25.51
N GLN C 173 6.66 41.85 26.52
CA GLN C 173 5.92 43.15 26.51
C GLN C 173 6.87 44.30 26.16
N GLY C 174 8.10 44.28 26.68
CA GLY C 174 9.13 45.30 26.42
C GLY C 174 9.28 45.61 24.94
N SER C 175 9.50 44.58 24.11
CA SER C 175 9.78 44.68 22.66
C SER C 175 8.51 44.46 21.84
N GLY C 176 7.54 43.72 22.41
CA GLY C 176 6.28 43.34 21.73
C GLY C 176 6.49 42.17 20.78
N THR C 177 7.45 41.31 21.08
CA THR C 177 7.85 40.14 20.25
C THR C 177 7.00 38.94 20.62
N PHE C 178 6.23 38.42 19.65
CA PHE C 178 5.58 37.10 19.69
C PHE C 178 6.57 36.05 19.17
N LEU C 179 6.65 34.89 19.83
CA LEU C 179 7.41 33.69 19.37
C LEU C 179 6.49 32.48 19.48
N PHE C 180 6.43 31.65 18.43
CA PHE C 180 5.51 30.49 18.36
C PHE C 180 5.97 29.51 17.28
N GLN C 181 5.77 28.21 17.54
CA GLN C 181 5.98 27.11 16.57
C GLN C 181 4.66 26.89 15.80
N ALA C 182 4.68 27.04 14.47
CA ALA C 182 3.56 26.76 13.55
C ALA C 182 4.01 25.71 12.54
N GLY C 183 3.50 24.48 12.68
CA GLY C 183 4.04 23.30 11.98
C GLY C 183 5.44 22.97 12.48
N SER C 184 6.40 22.78 11.56
CA SER C 184 7.82 22.52 11.87
C SER C 184 8.53 23.83 12.25
N GLY C 185 8.24 24.92 11.53
CA GLY C 185 8.92 26.22 11.66
C GLY C 185 8.60 26.94 12.95
N ILE C 186 9.58 27.65 13.49
CA ILE C 186 9.44 28.64 14.62
C ILE C 186 9.47 30.04 14.00
N TYR C 187 8.42 30.84 14.25
CA TYR C 187 8.21 32.18 13.65
C TYR C 187 8.16 33.25 14.74
N HIS C 188 8.29 34.51 14.35
CA HIS C 188 8.15 35.69 15.24
C HIS C 188 7.52 36.86 14.48
N VAL C 189 6.64 37.60 15.15
CA VAL C 189 6.12 38.92 14.72
C VAL C 189 6.25 39.88 15.89
N LYS C 190 5.99 41.18 15.67
CA LYS C 190 5.98 42.23 16.72
C LYS C 190 4.67 43.00 16.66
N ASP C 191 4.07 43.29 17.82
CA ASP C 191 2.87 44.14 17.95
C ASP C 191 2.69 44.56 19.41
N GLY C 192 2.19 45.78 19.63
CA GLY C 192 1.81 46.33 20.95
C GLY C 192 3.00 46.72 21.79
N GLY C 193 4.17 46.91 21.17
CA GLY C 193 5.41 47.36 21.83
C GLY C 193 5.79 48.77 21.39
N PRO C 194 7.08 49.15 21.46
CA PRO C 194 7.58 50.38 20.86
C PRO C 194 7.19 50.60 19.39
N GLN C 195 7.02 49.53 18.61
CA GLN C 195 6.66 49.59 17.16
C GLN C 195 5.22 50.09 17.00
N GLY C 196 4.37 49.90 18.02
CA GLY C 196 2.95 50.29 18.00
C GLY C 196 2.07 49.11 17.61
N PHE C 197 0.85 49.39 17.13
CA PHE C 197 -0.23 48.40 16.88
C PHE C 197 -0.58 48.38 15.39
N THR C 198 -0.48 47.20 14.76
CA THR C 198 -0.83 46.95 13.33
C THR C 198 -2.35 47.01 13.16
N GLN C 199 -2.81 47.42 11.96
CA GLN C 199 -4.24 47.44 11.56
C GLN C 199 -4.47 46.44 10.43
N GLN C 200 -3.49 45.56 10.16
CA GLN C 200 -3.54 44.52 9.09
C GLN C 200 -2.70 43.32 9.51
N PRO C 201 -3.00 42.11 8.99
CA PRO C 201 -2.21 40.91 9.32
C PRO C 201 -0.70 41.12 9.12
N LEU C 202 0.10 40.60 10.04
CA LEU C 202 1.59 40.63 9.98
C LEU C 202 2.09 39.34 9.32
N ARG C 203 3.31 39.38 8.78
CA ARG C 203 3.97 38.24 8.08
C ARG C 203 4.87 37.53 9.08
N PRO C 204 4.60 36.23 9.40
CA PRO C 204 5.47 35.45 10.27
C PRO C 204 6.91 35.45 9.73
N ASN C 205 7.89 35.70 10.59
CA ASN C 205 9.33 35.76 10.25
C ASN C 205 10.00 34.47 10.75
N LEU C 206 10.20 33.50 9.85
CA LEU C 206 10.84 32.19 10.14
C LEU C 206 12.19 32.41 10.82
N VAL C 207 12.45 31.72 11.93
CA VAL C 207 13.78 31.61 12.57
C VAL C 207 14.57 30.55 11.80
N GLU C 208 15.47 30.98 10.91
CA GLU C 208 16.31 30.09 10.07
C GLU C 208 17.15 29.18 10.98
N THR C 209 17.53 28.00 10.50
CA THR C 209 18.24 26.96 11.29
C THR C 209 19.09 26.05 10.38
N SER C 210 20.15 25.48 10.96
CA SER C 210 21.03 24.44 10.35
C SER C 210 20.68 23.06 10.93
N CYS C 211 19.72 23.00 11.86
CA CYS C 211 19.31 21.76 12.57
C CYS C 211 18.57 20.84 11.60
N PRO C 212 18.96 19.55 11.48
CA PRO C 212 18.32 18.64 10.53
C PRO C 212 16.87 18.25 10.89
N ASN C 213 16.52 18.20 12.18
CA ASN C 213 15.25 17.61 12.68
C ASN C 213 14.32 18.70 13.20
N ILE C 214 13.07 18.30 13.47
CA ILE C 214 11.98 19.14 14.09
C ILE C 214 12.50 19.77 15.39
N ARG C 215 12.31 21.09 15.52
CA ARG C 215 12.58 21.87 16.75
C ARG C 215 11.30 21.94 17.59
N MET C 216 11.38 21.66 18.89
CA MET C 216 10.24 21.66 19.85
C MET C 216 10.46 22.73 20.93
N ASP C 217 9.36 23.23 21.50
CA ASP C 217 9.32 24.02 22.76
C ASP C 217 10.16 25.29 22.63
N PRO C 218 9.84 26.20 21.68
CA PRO C 218 10.51 27.49 21.60
C PRO C 218 10.12 28.40 22.77
N LYS C 219 11.06 29.21 23.26
CA LYS C 219 10.83 30.17 24.37
C LYS C 219 11.68 31.43 24.15
N LEU C 220 11.05 32.61 24.19
CA LEU C 220 11.76 33.92 24.25
C LEU C 220 12.51 34.01 25.58
N CYS C 221 13.77 34.45 25.53
CA CYS C 221 14.55 34.92 26.69
C CYS C 221 13.93 36.22 27.19
N PRO C 222 13.33 36.26 28.41
CA PRO C 222 12.70 37.49 28.91
C PRO C 222 13.70 38.64 29.11
N ALA C 223 14.98 38.30 29.31
CA ALA C 223 16.08 39.26 29.55
C ALA C 223 16.52 39.93 28.23
N ASP C 224 16.29 39.27 27.09
CA ASP C 224 16.73 39.74 25.74
C ASP C 224 15.89 39.06 24.66
N PRO C 225 14.92 39.77 24.04
CA PRO C 225 14.03 39.16 23.06
C PRO C 225 14.64 38.91 21.67
N ASP C 226 15.94 39.18 21.51
CA ASP C 226 16.74 38.79 20.31
C ASP C 226 17.01 37.28 20.36
N TRP C 227 17.16 36.73 21.58
CA TRP C 227 17.53 35.32 21.83
C TRP C 227 16.29 34.47 22.09
N ILE C 228 16.23 33.30 21.47
CA ILE C 228 15.22 32.23 21.75
C ILE C 228 15.98 30.95 22.12
N ALA C 229 15.27 29.96 22.67
CA ALA C 229 15.79 28.59 22.93
C ALA C 229 14.78 27.59 22.39
N PHE C 230 15.20 26.34 22.18
CA PHE C 230 14.34 25.23 21.71
C PHE C 230 15.08 23.91 21.90
N ILE C 231 14.33 22.81 21.86
CA ILE C 231 14.86 21.42 21.90
C ILE C 231 15.03 20.92 20.46
N HIS C 232 16.17 20.28 20.20
CA HIS C 232 16.45 19.48 18.99
C HIS C 232 17.10 18.17 19.45
N SER C 233 16.55 17.03 19.03
CA SER C 233 17.04 15.66 19.37
C SER C 233 17.48 15.62 20.85
N ASN C 234 16.56 15.98 21.75
CA ASN C 234 16.70 15.84 23.23
C ASN C 234 17.87 16.66 23.78
N ASP C 235 18.23 17.77 23.11
CA ASP C 235 19.31 18.69 23.55
C ASP C 235 18.83 20.13 23.40
N ILE C 236 19.38 21.04 24.22
CA ILE C 236 18.97 22.48 24.27
C ILE C 236 19.83 23.25 23.28
N TRP C 237 19.19 24.03 22.40
CA TRP C 237 19.80 24.98 21.44
C TRP C 237 19.30 26.39 21.75
N ILE C 238 20.06 27.42 21.38
CA ILE C 238 19.62 28.85 21.36
C ILE C 238 19.93 29.43 19.98
N SER C 239 19.12 30.38 19.53
CA SER C 239 19.23 31.05 18.20
C SER C 239 18.83 32.52 18.34
N ASN C 240 19.64 33.43 17.79
CA ASN C 240 19.40 34.90 17.77
C ASN C 240 18.61 35.25 16.51
N ILE C 241 17.45 35.89 16.66
CA ILE C 241 16.47 36.15 15.55
C ILE C 241 16.88 37.40 14.76
N VAL C 242 18.01 38.04 15.10
CA VAL C 242 18.55 39.23 14.39
C VAL C 242 19.90 38.87 13.76
N THR C 243 20.85 38.36 14.56
CA THR C 243 22.23 38.00 14.11
C THR C 243 22.20 36.67 13.33
N ARG C 244 21.12 35.90 13.45
CA ARG C 244 20.94 34.56 12.82
C ARG C 244 21.94 33.56 13.38
N GLU C 245 22.62 33.89 14.48
CA GLU C 245 23.56 32.96 15.17
C GLU C 245 22.76 31.82 15.79
N GLU C 246 23.28 30.60 15.71
CA GLU C 246 22.67 29.37 16.24
C GLU C 246 23.76 28.59 16.99
N ARG C 247 23.45 28.07 18.18
CA ARG C 247 24.44 27.43 19.09
C ARG C 247 23.77 26.33 19.91
N ARG C 248 24.40 25.16 19.97
CA ARG C 248 23.97 23.98 20.77
C ARG C 248 24.62 24.08 22.16
N LEU C 249 23.82 23.99 23.22
CA LEU C 249 24.26 24.19 24.64
C LEU C 249 24.57 22.84 25.31
N THR C 250 23.83 21.77 24.95
CA THR C 250 23.92 20.43 25.60
C THR C 250 24.31 19.38 24.55
N TYR C 251 25.23 18.48 24.90
CA TYR C 251 25.76 17.39 24.04
C TYR C 251 25.55 16.05 24.77
N VAL C 252 24.28 15.80 25.12
CA VAL C 252 23.84 14.70 26.03
C VAL C 252 23.24 13.55 25.20
N HIS C 253 22.78 13.84 23.99
CA HIS C 253 22.08 12.86 23.11
C HIS C 253 22.74 12.83 21.72
N ASN C 254 23.11 11.61 21.26
CA ASN C 254 23.46 11.29 19.86
C ASN C 254 22.22 10.69 19.18
N GLU C 255 21.63 11.40 18.22
CA GLU C 255 20.37 11.03 17.53
C GLU C 255 20.55 9.71 16.75
N LEU C 256 21.78 9.42 16.30
CA LEU C 256 22.12 8.23 15.46
C LEU C 256 22.29 6.98 16.33
N ALA C 257 22.68 7.13 17.61
CA ALA C 257 22.92 6.02 18.56
C ALA C 257 21.59 5.33 18.92
N ASN C 258 21.64 4.04 19.23
CA ASN C 258 20.48 3.21 19.67
C ASN C 258 20.04 3.67 21.06
N MET C 259 18.73 3.69 21.32
CA MET C 259 18.13 4.27 22.55
C MET C 259 18.41 3.35 23.76
N GLU C 260 18.84 2.11 23.51
CA GLU C 260 19.35 1.16 24.55
C GLU C 260 20.64 1.72 25.15
N GLU C 261 21.54 2.23 24.31
CA GLU C 261 22.85 2.81 24.70
C GLU C 261 22.66 4.25 25.18
N ASP C 262 22.18 5.13 24.29
CA ASP C 262 21.96 6.58 24.56
C ASP C 262 20.55 6.78 25.13
N ALA C 263 20.43 6.97 26.45
CA ALA C 263 19.15 7.08 27.18
C ALA C 263 19.08 8.41 27.94
N ARG C 264 19.87 9.42 27.55
CA ARG C 264 19.94 10.73 28.25
C ARG C 264 19.26 11.81 27.39
N SER C 265 18.73 12.85 28.05
CA SER C 265 18.05 14.02 27.45
C SER C 265 18.28 15.27 28.31
N ALA C 266 18.04 16.45 27.74
CA ALA C 266 18.20 17.77 28.41
C ALA C 266 17.07 18.71 27.99
N GLY C 267 16.37 19.29 28.97
CA GLY C 267 15.34 20.32 28.76
C GLY C 267 13.99 19.73 28.38
N VAL C 268 13.83 18.41 28.49
CA VAL C 268 12.61 17.66 28.06
C VAL C 268 12.09 16.83 29.24
N ALA C 269 10.85 17.09 29.66
CA ALA C 269 10.12 16.26 30.64
C ALA C 269 9.96 14.84 30.05
N THR C 270 10.34 13.81 30.82
CA THR C 270 10.20 12.38 30.46
C THR C 270 8.71 12.00 30.52
N PHE C 271 8.39 10.75 30.15
CA PHE C 271 7.01 10.25 29.92
C PHE C 271 6.10 10.57 31.11
N VAL C 272 6.52 10.17 32.32
CA VAL C 272 5.69 10.21 33.55
C VAL C 272 5.40 11.66 33.94
N LEU C 273 6.34 12.56 33.73
CA LEU C 273 6.16 14.00 34.08
C LEU C 273 5.12 14.62 33.15
N GLN C 274 5.12 14.22 31.87
CA GLN C 274 4.16 14.73 30.85
C GLN C 274 2.76 14.15 31.13
N GLU C 275 2.64 12.83 31.26
CA GLU C 275 1.33 12.12 31.35
C GLU C 275 0.73 12.24 32.76
N GLU C 276 1.54 12.35 33.82
CA GLU C 276 1.04 12.18 35.21
C GLU C 276 1.18 13.47 36.04
N PHE C 277 2.00 14.44 35.64
CA PHE C 277 2.24 15.69 36.43
C PHE C 277 2.00 16.94 35.58
N ASP C 278 1.55 16.79 34.32
CA ASP C 278 1.28 17.88 33.37
C ASP C 278 2.44 18.89 33.36
N ARG C 279 3.67 18.39 33.15
CA ARG C 279 4.86 19.24 32.84
C ARG C 279 5.46 18.75 31.53
N TYR C 280 5.65 19.67 30.58
CA TYR C 280 6.12 19.37 29.19
C TYR C 280 7.51 20.00 28.99
N SER C 281 7.66 21.29 29.35
CA SER C 281 8.95 22.02 29.32
C SER C 281 9.84 21.54 30.47
N GLY C 282 11.14 21.36 30.20
CA GLY C 282 12.17 20.90 31.15
C GLY C 282 13.34 21.87 31.26
N TYR C 283 13.15 23.11 30.81
CA TYR C 283 14.17 24.20 30.86
C TYR C 283 13.46 25.55 31.01
N TRP C 284 14.11 26.47 31.71
CA TRP C 284 13.54 27.79 32.10
C TRP C 284 14.60 28.88 31.95
N TRP C 285 14.33 29.88 31.12
CA TRP C 285 15.17 31.10 30.97
C TRP C 285 15.21 31.82 32.31
N CYS C 286 16.40 32.25 32.75
CA CYS C 286 16.54 33.25 33.83
C CYS C 286 16.00 34.58 33.31
N PRO C 287 15.03 35.22 34.00
CA PRO C 287 14.33 36.38 33.45
C PRO C 287 15.14 37.68 33.42
N LYS C 288 16.32 37.70 34.05
CA LYS C 288 17.22 38.90 34.10
C LYS C 288 18.64 38.50 33.67
N ALA C 289 19.33 39.39 32.95
CA ALA C 289 20.71 39.22 32.46
C ALA C 289 21.68 39.96 33.39
N GLU C 290 22.76 39.28 33.81
CA GLU C 290 23.87 39.88 34.59
C GLU C 290 24.81 40.59 33.61
N THR C 291 25.11 41.87 33.86
CA THR C 291 26.00 42.71 33.00
C THR C 291 27.47 42.39 33.32
N THR C 292 28.31 42.35 32.29
CA THR C 292 29.78 42.05 32.38
C THR C 292 30.55 43.36 32.43
N PRO C 293 31.84 43.34 32.89
CA PRO C 293 32.72 44.49 32.78
C PRO C 293 32.86 45.02 31.34
N SER C 294 32.96 44.10 30.36
CA SER C 294 33.20 44.38 28.92
C SER C 294 32.16 45.33 28.34
N GLY C 295 30.91 45.23 28.80
CA GLY C 295 29.74 45.93 28.24
C GLY C 295 28.73 44.96 27.64
N GLY C 296 29.06 43.66 27.62
CA GLY C 296 28.15 42.56 27.26
C GLY C 296 27.30 42.11 28.45
N LYS C 297 26.90 40.84 28.47
CA LYS C 297 26.02 40.28 29.55
C LYS C 297 26.10 38.75 29.59
N ILE C 298 25.56 38.16 30.66
CA ILE C 298 25.39 36.70 30.86
C ILE C 298 23.90 36.37 30.85
N LEU C 299 23.49 35.42 30.00
CA LEU C 299 22.13 34.80 30.00
C LEU C 299 22.25 33.41 30.64
N ARG C 300 21.25 33.03 31.45
CA ARG C 300 21.23 31.74 32.21
C ARG C 300 19.99 30.93 31.82
N ILE C 301 20.15 29.60 31.76
CA ILE C 301 19.04 28.62 31.53
C ILE C 301 19.16 27.52 32.58
N LEU C 302 18.21 27.46 33.53
CA LEU C 302 17.97 26.27 34.40
C LEU C 302 17.36 25.19 33.51
N TYR C 303 17.81 23.94 33.63
CA TYR C 303 17.22 22.81 32.86
C TYR C 303 17.39 21.49 33.62
N GLU C 304 16.33 20.68 33.55
CA GLU C 304 16.29 19.26 33.98
C GLU C 304 17.14 18.44 33.01
N GLU C 305 18.02 17.59 33.53
CA GLU C 305 18.78 16.57 32.75
C GLU C 305 18.36 15.18 33.26
N ASN C 306 18.00 14.28 32.34
CA ASN C 306 17.41 12.96 32.65
C ASN C 306 18.28 11.86 32.06
N ASP C 307 18.48 10.77 32.82
CA ASP C 307 19.18 9.53 32.41
C ASP C 307 18.20 8.37 32.60
N GLU C 308 17.61 7.89 31.51
CA GLU C 308 16.54 6.84 31.51
C GLU C 308 17.19 5.45 31.35
N SER C 309 18.51 5.35 31.58
CA SER C 309 19.33 4.11 31.40
C SER C 309 18.69 2.94 32.14
N GLU C 310 18.41 3.10 33.44
CA GLU C 310 17.94 2.01 34.34
C GLU C 310 16.41 1.83 34.21
N VAL C 311 15.72 2.70 33.48
CA VAL C 311 14.23 2.67 33.30
C VAL C 311 13.88 1.48 32.41
N GLU C 312 12.80 0.76 32.74
CA GLU C 312 12.25 -0.36 31.93
C GLU C 312 12.06 0.12 30.49
N ILE C 313 12.59 -0.63 29.51
CA ILE C 313 12.27 -0.45 28.07
C ILE C 313 11.09 -1.36 27.75
N ILE C 314 10.02 -0.81 27.17
CA ILE C 314 8.88 -1.59 26.63
C ILE C 314 8.76 -1.30 25.13
N HIS C 315 8.17 -2.25 24.39
CA HIS C 315 8.01 -2.22 22.92
C HIS C 315 6.51 -2.09 22.59
N VAL C 316 6.12 -0.97 21.98
CA VAL C 316 4.78 -0.76 21.37
C VAL C 316 4.93 -0.87 19.85
N THR C 317 4.00 -1.56 19.18
CA THR C 317 3.96 -1.74 17.70
C THR C 317 4.13 -0.37 17.03
N SER C 318 4.85 -0.31 15.91
CA SER C 318 5.03 0.90 15.07
C SER C 318 3.71 1.20 14.35
N PRO C 319 3.30 2.48 14.23
CA PRO C 319 2.09 2.84 13.48
C PRO C 319 2.04 2.27 12.05
N MET C 320 3.19 2.26 11.37
CA MET C 320 3.38 1.60 10.04
C MET C 320 3.46 0.08 10.26
N LEU C 321 2.33 -0.61 10.19
CA LEU C 321 2.17 -2.06 10.53
C LEU C 321 2.82 -2.93 9.45
N GLU C 322 3.16 -2.35 8.29
CA GLU C 322 3.88 -3.03 7.17
C GLU C 322 5.24 -3.54 7.64
N THR C 323 5.97 -2.70 8.39
CA THR C 323 7.34 -2.97 8.92
C THR C 323 7.29 -4.15 9.90
N ARG C 324 6.18 -4.30 10.64
CA ARG C 324 6.01 -5.30 11.74
C ARG C 324 7.12 -5.08 12.77
N ARG C 325 7.43 -3.80 13.05
CA ARG C 325 8.45 -3.36 14.02
C ARG C 325 7.75 -2.76 15.24
N ALA C 326 8.45 -2.73 16.37
CA ALA C 326 7.98 -2.12 17.65
C ALA C 326 8.97 -1.03 18.07
N ASP C 327 8.46 0.14 18.45
CA ASP C 327 9.26 1.29 18.93
C ASP C 327 9.68 1.02 20.38
N SER C 328 11.00 1.08 20.65
CA SER C 328 11.58 1.10 22.01
C SER C 328 11.14 2.39 22.71
N PHE C 329 10.90 2.33 24.02
CA PHE C 329 10.18 3.39 24.78
C PHE C 329 10.40 3.17 26.29
N ARG C 330 10.88 4.20 26.99
CA ARG C 330 11.24 4.16 28.43
C ARG C 330 9.99 4.45 29.28
N TYR C 331 9.44 3.40 29.92
CA TYR C 331 8.18 3.43 30.71
C TYR C 331 8.44 2.97 32.13
N PRO C 332 8.52 3.89 33.12
CA PRO C 332 8.69 3.49 34.51
C PRO C 332 7.43 2.79 35.03
N LYS C 333 7.38 1.46 34.97
CA LYS C 333 6.25 0.65 35.51
C LYS C 333 6.37 0.66 37.04
N THR C 334 5.24 0.59 37.74
CA THR C 334 5.14 0.75 39.22
C THR C 334 6.09 -0.25 39.90
N GLY C 335 6.82 0.21 40.92
CA GLY C 335 7.77 -0.62 41.69
C GLY C 335 9.17 -0.63 41.10
N THR C 336 9.35 -0.05 39.91
CA THR C 336 10.63 -0.04 39.15
C THR C 336 11.19 1.39 39.09
N ALA C 337 12.39 1.54 38.53
CA ALA C 337 13.19 2.80 38.55
C ALA C 337 12.50 3.90 37.74
N ASN C 338 12.38 5.09 38.32
CA ASN C 338 12.12 6.36 37.59
C ASN C 338 13.46 6.85 37.04
N PRO C 339 13.46 7.75 36.03
CA PRO C 339 14.71 8.31 35.51
C PRO C 339 15.61 8.88 36.62
N LYS C 340 16.92 8.82 36.43
CA LYS C 340 17.92 9.51 37.28
C LYS C 340 17.96 10.98 36.84
N VAL C 341 17.51 11.89 37.71
CA VAL C 341 17.26 13.33 37.36
C VAL C 341 18.25 14.21 38.16
N THR C 342 18.57 15.37 37.59
CA THR C 342 19.34 16.45 38.27
C THR C 342 19.01 17.80 37.61
N PHE C 343 19.33 18.88 38.30
CA PHE C 343 19.35 20.26 37.76
C PHE C 343 20.74 20.54 37.18
N LYS C 344 20.76 21.20 36.03
CA LYS C 344 21.97 21.77 35.38
C LYS C 344 21.68 23.23 35.10
N MET C 345 22.71 24.02 34.77
CA MET C 345 22.56 25.44 34.35
C MET C 345 23.55 25.74 33.23
N SER C 346 23.04 26.26 32.11
CA SER C 346 23.85 26.80 30.98
C SER C 346 24.16 28.27 31.27
N GLU C 347 25.44 28.62 31.30
CA GLU C 347 25.92 30.02 31.47
C GLU C 347 26.38 30.51 30.09
N ILE C 348 25.63 31.44 29.49
CA ILE C 348 25.83 31.92 28.10
C ILE C 348 26.36 33.36 28.15
N MET C 349 27.64 33.55 27.82
CA MET C 349 28.33 34.87 27.78
C MET C 349 28.17 35.47 26.37
N ILE C 350 27.53 36.64 26.26
CA ILE C 350 27.32 37.40 24.99
C ILE C 350 28.12 38.71 25.09
N ASP C 351 28.68 39.17 23.96
CA ASP C 351 29.55 40.37 23.88
C ASP C 351 28.67 41.63 23.70
N ALA C 352 29.29 42.79 23.50
CA ALA C 352 28.65 44.12 23.50
C ALA C 352 27.66 44.27 22.33
N GLU C 353 27.72 43.41 21.31
CA GLU C 353 26.85 43.49 20.10
C GLU C 353 26.29 42.10 19.77
N GLY C 354 25.89 41.33 20.79
CA GLY C 354 24.94 40.21 20.66
C GLY C 354 25.56 38.90 20.21
N ARG C 355 26.88 38.85 20.01
CA ARG C 355 27.61 37.62 19.57
C ARG C 355 27.97 36.79 20.82
N ILE C 356 27.84 35.47 20.73
CA ILE C 356 28.22 34.51 21.81
C ILE C 356 29.73 34.53 21.97
N ILE C 357 30.23 34.83 23.18
CA ILE C 357 31.67 34.71 23.56
C ILE C 357 31.94 33.24 23.92
N ASP C 358 31.29 32.75 24.98
CA ASP C 358 31.53 31.41 25.56
C ASP C 358 30.20 30.83 26.06
N VAL C 359 30.14 29.50 26.22
CA VAL C 359 28.99 28.75 26.82
C VAL C 359 29.56 27.77 27.84
N ILE C 360 29.40 28.06 29.14
CA ILE C 360 29.86 27.19 30.25
C ILE C 360 28.66 26.37 30.73
N ASP C 361 28.73 25.05 30.59
CA ASP C 361 27.72 24.08 31.12
C ASP C 361 28.08 23.77 32.58
N LYS C 362 27.15 24.02 33.51
CA LYS C 362 27.39 23.92 34.98
C LYS C 362 26.46 22.88 35.59
N GLU C 363 26.91 22.24 36.67
CA GLU C 363 26.18 21.17 37.42
C GLU C 363 26.23 21.49 38.92
N LEU C 364 25.34 20.88 39.71
CA LEU C 364 25.22 21.10 41.17
C LEU C 364 26.51 20.69 41.88
N ILE C 365 26.96 21.51 42.83
CA ILE C 365 28.22 21.31 43.62
C ILE C 365 28.23 19.92 44.25
N GLN C 366 27.06 19.39 44.63
CA GLN C 366 26.89 18.02 45.17
C GLN C 366 25.80 17.31 44.36
N PRO C 367 25.73 15.97 44.41
CA PRO C 367 24.68 15.22 43.71
C PRO C 367 23.26 15.66 44.13
N PHE C 368 22.29 15.52 43.23
CA PHE C 368 20.85 15.81 43.45
C PHE C 368 20.36 15.02 44.67
N GLU C 369 20.78 13.75 44.77
CA GLU C 369 20.36 12.80 45.84
C GLU C 369 20.80 13.32 47.21
N ILE C 370 21.92 14.06 47.26
CA ILE C 370 22.54 14.58 48.52
C ILE C 370 21.87 15.90 48.92
N LEU C 371 21.79 16.87 47.99
CA LEU C 371 21.19 18.21 48.23
C LEU C 371 19.69 18.08 48.50
N PHE C 372 18.99 17.25 47.71
CA PHE C 372 17.51 17.08 47.75
C PHE C 372 17.17 15.65 48.19
N GLU C 373 17.45 15.34 49.46
CA GLU C 373 17.25 14.01 50.10
C GLU C 373 15.79 13.55 49.88
N GLY C 374 15.62 12.33 49.37
CA GLY C 374 14.33 11.60 49.33
C GLY C 374 13.42 12.05 48.20
N VAL C 375 13.90 12.92 47.30
CA VAL C 375 13.12 13.47 46.14
C VAL C 375 13.17 12.46 44.98
N GLU C 376 12.01 12.18 44.36
CA GLU C 376 11.90 11.40 43.10
C GLU C 376 11.66 12.36 41.92
N TYR C 377 10.62 13.18 42.02
CA TYR C 377 10.04 13.95 40.90
C TYR C 377 10.31 15.45 41.08
N ILE C 378 10.90 16.08 40.06
CA ILE C 378 10.84 17.56 39.84
C ILE C 378 9.47 17.85 39.22
N ALA C 379 8.51 18.28 40.04
CA ALA C 379 7.09 18.51 39.64
C ALA C 379 6.98 19.81 38.83
N ARG C 380 7.58 20.89 39.34
CA ARG C 380 7.56 22.25 38.74
C ARG C 380 8.92 22.91 38.97
N ALA C 381 9.25 23.94 38.20
CA ALA C 381 10.49 24.73 38.34
C ALA C 381 10.36 26.06 37.59
N GLY C 382 11.26 27.00 37.89
CA GLY C 382 11.27 28.36 37.33
C GLY C 382 12.16 29.28 38.13
N TRP C 383 11.98 30.59 37.97
CA TRP C 383 12.82 31.66 38.57
C TRP C 383 11.94 32.62 39.39
N THR C 384 12.51 33.23 40.42
CA THR C 384 11.91 34.39 41.14
C THR C 384 11.94 35.58 40.19
N PRO C 385 10.98 36.52 40.27
CA PRO C 385 10.85 37.60 39.28
C PRO C 385 12.16 38.32 38.91
N GLU C 386 13.12 38.42 39.85
CA GLU C 386 14.39 39.17 39.68
C GLU C 386 15.49 38.24 39.14
N GLY C 387 15.22 36.93 39.08
CA GLY C 387 16.18 35.92 38.61
C GLY C 387 17.30 35.65 39.60
N LYS C 388 17.13 36.10 40.85
CA LYS C 388 18.12 35.89 41.94
C LYS C 388 18.17 34.40 42.30
N TYR C 389 17.00 33.82 42.58
CA TYR C 389 16.83 32.38 42.96
C TYR C 389 16.02 31.65 41.87
N ALA C 390 16.43 30.42 41.58
CA ALA C 390 15.64 29.44 40.80
C ALA C 390 14.82 28.61 41.79
N TRP C 391 13.49 28.58 41.63
CA TRP C 391 12.57 27.82 42.51
C TRP C 391 12.24 26.47 41.86
N SER C 392 11.85 25.49 42.68
CA SER C 392 11.33 24.17 42.24
C SER C 392 10.43 23.55 43.31
N ILE C 393 9.37 22.87 42.88
CA ILE C 393 8.45 22.07 43.74
C ILE C 393 8.82 20.60 43.54
N LEU C 394 9.26 19.92 44.61
CA LEU C 394 9.87 18.56 44.56
C LEU C 394 9.03 17.60 45.41
N LEU C 395 8.88 16.35 44.93
CA LEU C 395 8.07 15.28 45.56
C LEU C 395 8.97 14.11 45.95
N ASP C 396 8.63 13.41 47.03
CA ASP C 396 9.20 12.08 47.36
C ASP C 396 8.44 11.05 46.52
N ARG C 397 8.87 9.78 46.54
CA ARG C 397 8.31 8.72 45.68
C ARG C 397 6.84 8.47 46.03
N SER C 398 6.49 8.45 47.32
CA SER C 398 5.13 8.15 47.83
C SER C 398 4.17 9.31 47.52
N GLN C 399 4.73 10.49 47.19
CA GLN C 399 3.98 11.71 46.80
C GLN C 399 3.15 12.19 47.99
N THR C 400 3.64 11.96 49.21
CA THR C 400 3.00 12.39 50.48
C THR C 400 3.79 13.56 51.10
N ARG C 401 4.91 13.95 50.50
CA ARG C 401 5.76 15.09 50.95
C ARG C 401 6.06 16.01 49.75
N LEU C 402 5.64 17.28 49.84
CA LEU C 402 5.98 18.34 48.85
C LEU C 402 6.99 19.31 49.49
N GLN C 403 7.93 19.81 48.69
CA GLN C 403 8.96 20.80 49.10
C GLN C 403 9.09 21.88 48.03
N ILE C 404 8.90 23.15 48.39
CA ILE C 404 9.26 24.32 47.56
C ILE C 404 10.68 24.72 47.94
N VAL C 405 11.62 24.70 46.99
CA VAL C 405 13.08 24.88 47.24
C VAL C 405 13.61 25.98 46.32
N LEU C 406 14.20 27.03 46.90
CA LEU C 406 15.02 28.04 46.18
C LEU C 406 16.42 27.45 45.98
N ILE C 407 16.96 27.59 44.77
CA ILE C 407 18.29 27.05 44.33
C ILE C 407 19.07 28.21 43.72
N SER C 408 20.13 28.66 44.40
CA SER C 408 20.99 29.80 43.96
C SER C 408 21.82 29.36 42.75
N PRO C 409 22.05 30.25 41.76
CA PRO C 409 22.99 29.95 40.67
C PRO C 409 24.40 29.58 41.14
N GLU C 410 24.80 30.07 42.33
CA GLU C 410 26.15 29.83 42.93
C GLU C 410 26.28 28.37 43.41
N LEU C 411 25.19 27.60 43.43
CA LEU C 411 25.20 26.15 43.74
C LEU C 411 25.73 25.36 42.52
N PHE C 412 25.79 25.99 41.35
CA PHE C 412 26.24 25.37 40.08
C PHE C 412 27.71 25.74 39.80
N ILE C 413 28.56 24.72 39.64
CA ILE C 413 30.00 24.87 39.26
C ILE C 413 30.16 24.37 37.83
N PRO C 414 31.13 24.91 37.04
CA PRO C 414 31.43 24.37 35.72
C PRO C 414 31.71 22.86 35.75
N VAL C 415 31.29 22.13 34.71
CA VAL C 415 31.55 20.67 34.54
C VAL C 415 33.02 20.49 34.19
N GLU C 416 33.74 19.65 34.95
CA GLU C 416 35.17 19.29 34.73
C GLU C 416 35.37 17.81 35.05
N ASP C 417 35.72 17.01 34.04
CA ASP C 417 36.03 15.56 34.20
C ASP C 417 37.38 15.40 34.93
N ASP C 418 38.26 16.42 34.83
CA ASP C 418 39.55 16.49 35.57
C ASP C 418 39.25 16.70 37.06
N VAL C 419 39.79 15.82 37.93
CA VAL C 419 39.49 15.76 39.39
C VAL C 419 40.12 16.97 40.10
N MET C 420 41.28 17.45 39.63
CA MET C 420 42.06 18.55 40.26
C MET C 420 41.28 19.86 40.15
N GLU C 421 40.87 20.24 38.94
CA GLU C 421 40.16 21.51 38.63
C GLU C 421 38.79 21.51 39.32
N ARG C 422 38.13 20.34 39.40
CA ARG C 422 36.77 20.15 39.96
C ARG C 422 36.78 20.45 41.46
N GLN C 423 37.72 19.86 42.21
CA GLN C 423 37.81 19.94 43.69
C GLN C 423 38.07 21.40 44.12
N ARG C 424 38.84 22.15 43.34
CA ARG C 424 39.19 23.57 43.64
C ARG C 424 37.94 24.44 43.51
N LEU C 425 37.10 24.19 42.50
CA LEU C 425 35.86 24.96 42.22
C LEU C 425 34.83 24.71 43.33
N ILE C 426 34.81 23.50 43.91
CA ILE C 426 33.92 23.12 45.05
C ILE C 426 34.30 23.97 46.27
N GLU C 427 35.59 24.01 46.61
CA GLU C 427 36.15 24.71 47.79
C GLU C 427 36.00 26.24 47.62
N SER C 428 36.02 26.73 46.38
CA SER C 428 35.91 28.17 46.02
C SER C 428 34.49 28.68 46.28
N VAL C 429 33.49 27.78 46.24
CA VAL C 429 32.06 28.11 46.54
C VAL C 429 31.88 28.13 48.06
N PRO C 430 31.37 29.24 48.64
CA PRO C 430 31.11 29.32 50.08
C PRO C 430 30.26 28.17 50.65
N ASP C 431 30.40 27.91 51.96
CA ASP C 431 29.55 26.97 52.75
C ASP C 431 28.18 27.62 52.98
N SER C 432 28.12 28.95 53.04
CA SER C 432 26.90 29.77 53.27
C SER C 432 25.91 29.58 52.11
N VAL C 433 26.40 29.33 50.89
CA VAL C 433 25.58 29.01 49.68
C VAL C 433 25.04 27.59 49.82
N THR C 434 23.72 27.44 49.91
CA THR C 434 23.02 26.19 50.30
C THR C 434 21.59 26.18 49.74
N PRO C 435 21.03 25.01 49.37
CA PRO C 435 19.62 24.90 49.03
C PRO C 435 18.72 25.42 50.16
N LEU C 436 17.67 26.17 49.81
CA LEU C 436 16.74 26.80 50.77
C LEU C 436 15.34 26.21 50.60
N ILE C 437 14.97 25.23 51.42
CA ILE C 437 13.59 24.67 51.52
C ILE C 437 12.71 25.74 52.20
N ILE C 438 12.09 26.61 51.40
CA ILE C 438 11.26 27.77 51.88
C ILE C 438 9.87 27.29 52.29
N TYR C 439 9.52 26.03 52.01
CA TYR C 439 8.21 25.43 52.38
C TYR C 439 8.30 23.91 52.26
N GLU C 440 7.57 23.22 53.14
CA GLU C 440 7.48 21.73 53.19
C GLU C 440 6.16 21.36 53.86
N GLU C 441 5.49 20.33 53.34
CA GLU C 441 4.17 19.85 53.83
C GLU C 441 4.04 18.34 53.57
N THR C 442 3.26 17.64 54.40
CA THR C 442 3.00 16.18 54.32
C THR C 442 1.49 15.92 54.33
N THR C 443 1.09 14.68 54.03
CA THR C 443 -0.33 14.23 54.01
C THR C 443 -0.36 12.70 54.08
N ASP C 444 -1.44 12.15 54.65
CA ASP C 444 -1.69 10.69 54.76
C ASP C 444 -2.46 10.20 53.52
N ILE C 445 -2.84 11.12 52.62
CA ILE C 445 -3.61 10.81 51.38
C ILE C 445 -2.67 10.94 50.17
N TRP C 446 -2.50 12.14 49.60
CA TRP C 446 -1.49 12.41 48.54
C TRP C 446 -1.41 13.90 48.22
N ILE C 447 -0.25 14.34 47.73
CA ILE C 447 -0.03 15.69 47.15
C ILE C 447 -0.61 15.70 45.74
N ASN C 448 -1.57 16.59 45.47
CA ASN C 448 -2.06 16.92 44.11
C ASN C 448 -1.27 18.13 43.62
N ILE C 449 -0.42 17.94 42.60
CA ILE C 449 0.41 19.02 42.00
C ILE C 449 -0.51 19.99 41.23
N HIS C 450 -0.19 21.27 41.28
CA HIS C 450 -0.99 22.38 40.69
C HIS C 450 -0.06 23.50 40.23
N ASP C 451 -0.60 24.47 39.47
CA ASP C 451 0.16 25.51 38.74
C ASP C 451 0.12 26.84 39.51
N ILE C 452 -0.38 26.82 40.75
CA ILE C 452 -0.47 28.01 41.64
C ILE C 452 0.84 28.12 42.42
N PHE C 453 1.58 29.20 42.19
CA PHE C 453 2.79 29.60 42.95
C PHE C 453 3.20 31.02 42.51
N HIS C 454 2.93 32.02 43.34
CA HIS C 454 3.23 33.45 43.07
C HIS C 454 4.26 33.96 44.08
N VAL C 455 5.44 34.35 43.59
CA VAL C 455 6.52 35.00 44.40
C VAL C 455 6.35 36.51 44.28
N PHE C 456 6.26 37.21 45.42
CA PHE C 456 6.21 38.69 45.50
C PHE C 456 7.61 39.25 45.32
N PRO C 457 7.77 40.52 44.88
CA PRO C 457 9.08 41.16 44.83
C PRO C 457 9.77 41.07 46.20
N GLN C 458 11.03 40.63 46.22
CA GLN C 458 11.82 40.42 47.47
C GLN C 458 12.21 41.80 48.01
N SER C 459 11.53 42.25 49.08
CA SER C 459 11.73 43.56 49.74
C SER C 459 12.93 43.49 50.69
N HIS C 460 12.93 42.48 51.59
CA HIS C 460 14.03 42.20 52.55
C HIS C 460 15.00 41.18 51.96
N GLU C 461 16.23 41.14 52.48
CA GLU C 461 17.33 40.26 52.00
C GLU C 461 17.12 38.85 52.55
N GLU C 462 16.68 38.73 53.81
CA GLU C 462 16.65 37.46 54.59
C GLU C 462 15.23 36.85 54.58
N GLU C 463 14.29 37.44 53.82
CA GLU C 463 12.88 36.97 53.72
C GLU C 463 12.49 36.76 52.26
N ILE C 464 11.61 35.77 51.99
CA ILE C 464 10.87 35.65 50.69
C ILE C 464 9.38 35.47 50.99
N GLU C 465 8.54 36.16 50.20
CA GLU C 465 7.08 36.31 50.38
C GLU C 465 6.38 35.70 49.16
N PHE C 466 5.45 34.76 49.34
CA PHE C 466 4.76 34.05 48.23
C PHE C 466 3.36 33.57 48.64
N ILE C 467 2.46 33.49 47.65
CA ILE C 467 1.15 32.79 47.75
C ILE C 467 1.32 31.38 47.18
N PHE C 468 0.78 30.38 47.87
CA PHE C 468 0.77 28.95 47.46
C PHE C 468 -0.59 28.37 47.84
N ALA C 469 -1.00 27.27 47.19
CA ALA C 469 -2.24 26.54 47.49
C ALA C 469 -1.89 25.18 48.08
N SER C 470 -2.75 24.62 48.93
CA SER C 470 -2.51 23.35 49.65
C SER C 470 -3.81 22.76 50.20
N GLU C 471 -3.98 21.45 50.04
CA GLU C 471 -5.05 20.64 50.67
C GLU C 471 -4.55 20.04 51.99
N CYS C 472 -3.25 20.17 52.28
CA CYS C 472 -2.55 19.42 53.37
C CYS C 472 -3.09 19.80 54.75
N LYS C 473 -3.45 21.07 54.96
CA LYS C 473 -3.93 21.59 56.27
C LYS C 473 -5.37 21.14 56.53
N THR C 474 -6.34 21.68 55.79
CA THR C 474 -7.80 21.59 56.07
C THR C 474 -8.46 20.44 55.28
N GLY C 475 -7.77 19.86 54.30
CA GLY C 475 -8.30 18.78 53.44
C GLY C 475 -9.03 19.31 52.22
N PHE C 476 -8.95 20.63 52.00
CA PHE C 476 -9.50 21.36 50.82
C PHE C 476 -8.45 22.35 50.33
N ARG C 477 -8.30 22.50 49.01
CA ARG C 477 -7.24 23.36 48.40
C ARG C 477 -7.60 24.82 48.67
N HIS C 478 -6.77 25.51 49.46
CA HIS C 478 -6.96 26.93 49.85
C HIS C 478 -5.65 27.70 49.68
N LEU C 479 -5.73 29.00 49.43
CA LEU C 479 -4.58 29.90 49.22
C LEU C 479 -4.02 30.29 50.58
N TYR C 480 -2.68 30.34 50.69
CA TYR C 480 -1.93 30.70 51.92
C TYR C 480 -0.78 31.64 51.55
N LYS C 481 -0.80 32.88 52.08
CA LYS C 481 0.34 33.83 51.98
C LYS C 481 1.38 33.46 53.02
N ILE C 482 2.60 33.12 52.58
CA ILE C 482 3.68 32.53 53.42
C ILE C 482 4.94 33.38 53.27
N THR C 483 5.48 33.87 54.39
CA THR C 483 6.81 34.51 54.50
C THR C 483 7.77 33.52 55.18
N SER C 484 8.87 33.18 54.51
CA SER C 484 9.93 32.25 55.00
C SER C 484 11.24 33.02 55.15
N ILE C 485 11.97 32.75 56.24
CA ILE C 485 13.30 33.38 56.54
C ILE C 485 14.38 32.56 55.81
N LEU C 486 15.16 33.21 54.95
CA LEU C 486 16.29 32.58 54.22
C LEU C 486 17.47 32.43 55.18
N LYS C 487 17.42 31.41 56.04
CA LYS C 487 18.44 31.10 57.08
C LYS C 487 19.75 30.68 56.39
N GLU C 488 20.89 31.05 56.98
CA GLU C 488 22.21 30.45 56.66
C GLU C 488 22.25 29.07 57.32
N SER C 489 22.39 28.01 56.53
CA SER C 489 22.23 26.60 56.96
C SER C 489 23.34 26.21 57.95
N LYS C 490 22.99 25.44 58.98
CA LYS C 490 23.94 24.97 60.02
C LYS C 490 24.94 23.99 59.38
N TYR C 491 24.51 23.21 58.39
CA TYR C 491 25.36 22.27 57.60
C TYR C 491 26.44 23.07 56.86
N LYS C 492 27.70 22.66 57.02
CA LYS C 492 28.88 23.24 56.34
C LYS C 492 29.54 22.15 55.49
N ARG C 493 29.84 22.48 54.23
CA ARG C 493 30.34 21.53 53.19
C ARG C 493 31.82 21.21 53.44
N SER C 494 32.57 22.17 54.01
CA SER C 494 34.01 22.05 54.33
C SER C 494 34.28 20.80 55.17
N SER C 495 33.42 20.52 56.16
CA SER C 495 33.52 19.37 57.09
C SER C 495 33.67 18.05 56.32
N GLY C 496 32.93 17.89 55.21
CA GLY C 496 33.02 16.73 54.31
C GLY C 496 32.11 15.58 54.74
N GLY C 497 30.96 15.91 55.34
CA GLY C 497 29.88 14.96 55.69
C GLY C 497 28.64 15.22 54.87
N LEU C 498 27.70 14.26 54.84
CA LEU C 498 26.39 14.39 54.15
C LEU C 498 25.42 15.12 55.07
N PRO C 499 24.60 16.05 54.54
CA PRO C 499 23.70 16.86 55.37
C PRO C 499 22.54 16.05 55.97
N ALA C 500 22.05 16.47 57.14
CA ALA C 500 20.89 15.88 57.86
C ALA C 500 19.61 16.31 57.15
N PRO C 501 18.52 15.49 57.21
CA PRO C 501 17.32 15.74 56.41
C PRO C 501 16.75 17.16 56.48
N SER C 502 16.77 17.79 57.66
CA SER C 502 16.10 19.09 57.94
C SER C 502 17.12 20.21 58.15
N ASP C 503 18.29 20.13 57.50
CA ASP C 503 19.37 21.14 57.59
C ASP C 503 19.07 22.32 56.66
N PHE C 504 18.41 22.06 55.52
CA PHE C 504 18.13 23.06 54.46
C PHE C 504 16.78 23.75 54.72
N LYS C 505 15.97 23.21 55.63
CA LYS C 505 14.60 23.71 55.94
C LYS C 505 14.69 25.13 56.52
N CYS C 506 13.89 26.05 55.97
CA CYS C 506 13.77 27.47 56.42
C CYS C 506 12.67 27.58 57.47
N PRO C 507 12.81 28.46 58.49
CA PRO C 507 11.71 28.77 59.40
C PRO C 507 10.59 29.55 58.69
N ILE C 508 9.34 29.26 59.05
CA ILE C 508 8.12 29.97 58.55
C ILE C 508 7.82 31.12 59.53
N LYS C 509 7.93 32.36 59.06
CA LYS C 509 7.73 33.59 59.87
C LYS C 509 6.24 33.97 59.90
N GLU C 510 5.45 33.46 58.96
CA GLU C 510 4.06 33.92 58.70
C GLU C 510 3.37 32.91 57.78
N GLU C 511 2.12 32.54 58.08
CA GLU C 511 1.32 31.58 57.29
C GLU C 511 -0.17 31.93 57.43
N ILE C 512 -0.64 32.90 56.64
CA ILE C 512 -2.04 33.42 56.66
C ILE C 512 -2.88 32.64 55.65
N ALA C 513 -3.92 31.94 56.12
CA ALA C 513 -5.01 31.37 55.29
C ALA C 513 -5.77 32.52 54.62
N ILE C 514 -5.73 32.58 53.29
CA ILE C 514 -6.42 33.64 52.48
C ILE C 514 -7.87 33.19 52.24
N THR C 515 -8.09 31.88 52.08
CA THR C 515 -9.42 31.25 51.89
C THR C 515 -9.53 30.04 52.84
N SER C 516 -10.74 29.51 53.02
CA SER C 516 -11.05 28.35 53.89
C SER C 516 -12.51 27.94 53.70
N GLY C 517 -12.84 26.69 54.03
CA GLY C 517 -14.22 26.16 54.01
C GLY C 517 -14.31 24.78 53.38
N GLU C 518 -15.54 24.30 53.16
CA GLU C 518 -15.85 22.96 52.61
C GLU C 518 -15.95 23.07 51.08
N TRP C 519 -14.91 23.64 50.46
CA TRP C 519 -14.80 23.88 48.99
C TRP C 519 -13.34 24.12 48.65
N GLU C 520 -12.94 23.95 47.37
CA GLU C 520 -11.51 23.99 46.94
C GLU C 520 -11.28 25.13 45.94
N VAL C 521 -10.10 25.74 46.02
CA VAL C 521 -9.51 26.61 44.95
C VAL C 521 -8.99 25.69 43.84
N LEU C 522 -9.13 26.13 42.59
CA LEU C 522 -8.74 25.35 41.38
C LEU C 522 -7.35 25.81 40.91
N GLY C 523 -6.43 24.87 40.69
CA GLY C 523 -5.04 25.14 40.30
C GLY C 523 -4.53 24.21 39.22
N ARG C 524 -5.42 23.54 38.47
CA ARG C 524 -5.07 22.53 37.44
C ARG C 524 -5.77 22.85 36.12
N HIS C 525 -5.22 22.33 35.01
CA HIS C 525 -5.84 22.30 33.65
C HIS C 525 -6.25 23.72 33.22
N GLY C 526 -5.42 24.73 33.52
CA GLY C 526 -5.64 26.13 33.10
C GLY C 526 -5.98 27.02 34.27
N SER C 527 -6.74 26.52 35.25
CA SER C 527 -7.13 27.25 36.48
C SER C 527 -5.86 27.72 37.21
N ASN C 528 -5.77 29.02 37.48
CA ASN C 528 -4.66 29.65 38.25
C ASN C 528 -5.20 30.88 38.98
N ILE C 529 -4.34 31.57 39.72
CA ILE C 529 -4.66 32.87 40.39
C ILE C 529 -4.10 34.00 39.52
N GLN C 530 -4.61 35.22 39.71
CA GLN C 530 -3.99 36.49 39.26
C GLN C 530 -3.88 37.40 40.49
N VAL C 531 -2.67 37.87 40.80
CA VAL C 531 -2.38 38.71 42.00
C VAL C 531 -2.31 40.17 41.57
N ASP C 532 -3.14 41.02 42.19
CA ASP C 532 -3.12 42.50 42.04
C ASP C 532 -2.25 43.07 43.17
N GLU C 533 -0.98 43.35 42.90
CA GLU C 533 0.00 43.82 43.91
C GLU C 533 -0.34 45.27 44.32
N VAL C 534 -0.98 46.05 43.43
CA VAL C 534 -1.34 47.47 43.68
C VAL C 534 -2.43 47.54 44.76
N ARG C 535 -3.60 46.93 44.51
CA ARG C 535 -4.77 46.94 45.41
C ARG C 535 -4.69 45.78 46.41
N ARG C 536 -3.64 44.94 46.30
CA ARG C 536 -3.31 43.84 47.25
C ARG C 536 -4.49 42.85 47.31
N LEU C 537 -4.98 42.45 46.14
CA LEU C 537 -6.08 41.46 45.94
C LEU C 537 -5.54 40.24 45.18
N VAL C 538 -6.24 39.11 45.28
CA VAL C 538 -5.92 37.87 44.51
C VAL C 538 -7.22 37.30 43.92
N TYR C 539 -7.31 37.28 42.59
CA TYR C 539 -8.41 36.65 41.82
C TYR C 539 -8.13 35.15 41.72
N PHE C 540 -9.17 34.32 41.79
CA PHE C 540 -9.05 32.83 41.77
C PHE C 540 -10.40 32.19 41.42
N GLU C 541 -10.36 31.01 40.79
CA GLU C 541 -11.54 30.13 40.57
C GLU C 541 -11.67 29.18 41.76
N GLY C 542 -12.91 28.78 42.09
CA GLY C 542 -13.21 27.93 43.26
C GLY C 542 -14.59 27.30 43.15
N THR C 543 -14.94 26.44 44.13
CA THR C 543 -16.20 25.66 44.20
C THR C 543 -17.08 26.14 45.36
N LYS C 544 -16.85 27.34 45.89
CA LYS C 544 -17.49 27.87 47.12
C LYS C 544 -19.02 27.82 46.99
N ASP C 545 -19.56 28.25 45.85
CA ASP C 545 -21.04 28.37 45.65
C ASP C 545 -21.63 26.99 45.36
N SER C 546 -20.89 26.10 44.70
CA SER C 546 -21.33 24.73 44.34
C SER C 546 -20.15 23.91 43.83
N PRO C 547 -20.12 22.58 44.08
CA PRO C 547 -19.18 21.70 43.40
C PRO C 547 -19.59 21.35 41.96
N LEU C 548 -20.73 21.87 41.49
CA LEU C 548 -21.27 21.65 40.12
C LEU C 548 -20.96 22.85 39.22
N GLU C 549 -20.40 23.93 39.78
CA GLU C 549 -20.09 25.18 39.04
C GLU C 549 -18.72 25.70 39.50
N HIS C 550 -17.83 25.97 38.54
CA HIS C 550 -16.60 26.78 38.74
C HIS C 550 -16.98 28.26 38.71
N HIS C 551 -16.46 29.08 39.62
CA HIS C 551 -16.75 30.54 39.69
C HIS C 551 -15.47 31.32 39.98
N LEU C 552 -15.38 32.53 39.44
CA LEU C 552 -14.30 33.51 39.72
C LEU C 552 -14.60 34.22 41.05
N TYR C 553 -13.58 34.38 41.89
CA TYR C 553 -13.66 35.05 43.21
C TYR C 553 -12.50 36.02 43.35
N VAL C 554 -12.61 37.00 44.24
CA VAL C 554 -11.53 37.97 44.59
C VAL C 554 -11.54 38.15 46.11
N VAL C 555 -10.38 38.41 46.70
CA VAL C 555 -10.19 38.55 48.17
C VAL C 555 -8.83 39.23 48.41
N SER C 556 -8.73 40.02 49.48
CA SER C 556 -7.46 40.62 49.96
C SER C 556 -6.57 39.50 50.53
N TYR C 557 -5.26 39.57 50.29
CA TYR C 557 -4.25 38.63 50.84
C TYR C 557 -3.55 39.27 52.04
N VAL C 558 -3.80 40.57 52.29
CA VAL C 558 -3.27 41.32 53.47
C VAL C 558 -4.20 41.04 54.67
N ASN C 559 -5.44 41.53 54.61
CA ASN C 559 -6.50 41.30 55.64
C ASN C 559 -7.59 40.44 55.00
N PRO C 560 -7.39 39.11 54.87
CA PRO C 560 -8.36 38.24 54.20
C PRO C 560 -9.66 38.12 54.99
N GLY C 561 -10.78 38.55 54.39
CA GLY C 561 -12.13 38.48 54.98
C GLY C 561 -13.14 37.93 54.00
N GLU C 562 -14.04 38.78 53.50
CA GLU C 562 -15.13 38.41 52.57
C GLU C 562 -14.50 37.90 51.26
N VAL C 563 -15.08 36.83 50.69
CA VAL C 563 -14.74 36.30 49.34
C VAL C 563 -15.87 36.70 48.39
N THR C 564 -15.59 37.64 47.47
CA THR C 564 -16.56 38.23 46.52
C THR C 564 -16.59 37.40 45.23
N ARG C 565 -17.72 36.74 44.94
CA ARG C 565 -17.98 36.03 43.66
C ARG C 565 -18.19 37.08 42.56
N LEU C 566 -17.51 36.91 41.42
CA LEU C 566 -17.53 37.89 40.29
C LEU C 566 -18.26 37.29 39.07
N THR C 567 -18.69 36.04 39.13
CA THR C 567 -19.37 35.34 38.00
C THR C 567 -20.82 35.01 38.41
N ASP C 568 -21.72 34.95 37.43
CA ASP C 568 -23.18 34.75 37.66
C ASP C 568 -23.46 33.25 37.84
N ARG C 569 -24.33 32.90 38.79
CA ARG C 569 -24.74 31.50 39.09
C ARG C 569 -25.60 30.97 37.94
N GLY C 570 -25.81 29.64 37.89
CA GLY C 570 -26.54 28.93 36.83
C GLY C 570 -25.64 28.59 35.66
N TYR C 571 -24.35 28.91 35.76
CA TYR C 571 -23.28 28.64 34.76
C TYR C 571 -22.02 28.15 35.48
N SER C 572 -21.26 27.26 34.85
CA SER C 572 -19.85 26.94 35.21
C SER C 572 -18.92 27.82 34.37
N HIS C 573 -17.90 28.42 35.01
CA HIS C 573 -17.00 29.44 34.40
C HIS C 573 -15.56 28.94 34.40
N SER C 574 -14.90 29.02 33.25
CA SER C 574 -13.42 28.97 33.10
C SER C 574 -12.94 30.39 32.77
N CYS C 575 -12.13 30.99 33.64
CA CYS C 575 -11.90 32.46 33.68
C CYS C 575 -10.42 32.82 33.49
N CYS C 576 -10.19 33.94 32.81
CA CYS C 576 -8.86 34.55 32.54
C CYS C 576 -8.91 36.01 32.98
N ILE C 577 -8.00 36.43 33.87
CA ILE C 577 -7.94 37.80 34.43
C ILE C 577 -6.79 38.55 33.76
N SER C 578 -7.07 39.70 33.14
CA SER C 578 -6.06 40.63 32.58
C SER C 578 -4.91 40.81 33.59
N GLN C 579 -3.69 40.97 33.09
CA GLN C 579 -2.48 41.30 33.89
C GLN C 579 -2.69 42.64 34.61
N HIS C 580 -3.54 43.52 34.06
CA HIS C 580 -3.83 44.87 34.61
C HIS C 580 -4.92 44.82 35.68
N CYS C 581 -5.66 43.69 35.77
CA CYS C 581 -6.64 43.37 36.84
C CYS C 581 -7.90 44.24 36.72
N ASP C 582 -8.04 44.98 35.62
CA ASP C 582 -9.19 45.89 35.36
C ASP C 582 -10.20 45.19 34.46
N PHE C 583 -9.91 43.96 34.04
CA PHE C 583 -10.77 43.14 33.15
C PHE C 583 -10.61 41.65 33.48
N PHE C 584 -11.59 40.85 33.09
CA PHE C 584 -11.51 39.36 33.07
C PHE C 584 -12.41 38.83 31.96
N ILE C 585 -12.04 37.67 31.41
CA ILE C 585 -12.80 36.93 30.37
C ILE C 585 -13.31 35.65 31.01
N SER C 586 -14.54 35.24 30.68
CA SER C 586 -15.17 33.98 31.14
C SER C 586 -15.63 33.16 29.94
N LYS C 587 -15.11 31.93 29.82
CA LYS C 587 -15.66 30.86 28.97
C LYS C 587 -16.61 30.03 29.85
N TYR C 588 -17.92 30.17 29.65
CA TYR C 588 -18.97 29.65 30.56
C TYR C 588 -20.06 28.92 29.77
N SER C 589 -20.66 27.90 30.40
CA SER C 589 -21.78 27.09 29.85
C SER C 589 -22.61 26.54 31.01
N ASN C 590 -23.75 25.93 30.68
CA ASN C 590 -24.57 25.13 31.62
C ASN C 590 -25.14 23.94 30.84
N GLN C 591 -25.85 23.05 31.53
CA GLN C 591 -26.41 21.78 30.98
C GLN C 591 -27.25 22.09 29.73
N LYS C 592 -27.92 23.25 29.67
CA LYS C 592 -28.89 23.62 28.60
C LYS C 592 -28.21 24.41 27.47
N ASN C 593 -27.24 25.27 27.80
CA ASN C 593 -26.65 26.28 26.86
C ASN C 593 -25.20 25.91 26.51
N PRO C 594 -24.87 25.75 25.22
CA PRO C 594 -23.48 25.59 24.78
C PRO C 594 -22.56 26.74 25.22
N HIS C 595 -21.26 26.47 25.26
CA HIS C 595 -20.21 27.38 25.83
C HIS C 595 -20.28 28.74 25.11
N CYS C 596 -19.84 29.78 25.82
CA CYS C 596 -19.91 31.21 25.43
C CYS C 596 -18.68 31.90 26.02
N VAL C 597 -18.10 32.89 25.34
CA VAL C 597 -16.92 33.66 25.84
C VAL C 597 -17.28 35.14 25.81
N SER C 598 -17.30 35.77 27.00
CA SER C 598 -17.75 37.17 27.24
C SER C 598 -16.70 37.90 28.07
N LEU C 599 -16.51 39.20 27.81
CA LEU C 599 -15.54 40.08 28.51
C LEU C 599 -16.28 40.87 29.60
N TYR C 600 -15.65 41.04 30.76
CA TYR C 600 -16.20 41.77 31.92
C TYR C 600 -15.17 42.78 32.43
N LYS C 601 -15.56 44.06 32.51
CA LYS C 601 -14.75 45.15 33.10
C LYS C 601 -14.92 45.13 34.62
N LEU C 602 -13.81 45.19 35.35
CA LEU C 602 -13.78 45.27 36.84
C LEU C 602 -13.64 46.74 37.25
N SER C 603 -14.33 47.14 38.33
CA SER C 603 -14.31 48.51 38.88
C SER C 603 -14.60 48.47 40.39
N SER C 604 -14.23 49.55 41.09
CA SER C 604 -14.38 49.72 42.56
C SER C 604 -15.05 51.05 42.85
N PRO C 605 -15.99 51.13 43.81
CA PRO C 605 -16.46 52.42 44.32
C PRO C 605 -15.26 53.24 44.82
N GLU C 606 -15.21 54.53 44.47
CA GLU C 606 -14.06 55.44 44.70
C GLU C 606 -13.63 55.41 46.17
N ASP C 607 -14.57 55.19 47.10
CA ASP C 607 -14.37 55.24 48.57
C ASP C 607 -13.75 53.93 49.11
N ASP C 608 -13.74 52.85 48.32
CA ASP C 608 -13.27 51.51 48.77
C ASP C 608 -12.77 50.70 47.58
N PRO C 609 -11.44 50.71 47.30
CA PRO C 609 -10.85 49.86 46.26
C PRO C 609 -10.93 48.34 46.49
N THR C 610 -11.22 47.90 47.73
CA THR C 610 -11.40 46.47 48.10
C THR C 610 -12.67 45.92 47.42
N CYS C 611 -13.80 46.61 47.59
CA CYS C 611 -15.12 46.25 47.00
C CYS C 611 -14.98 46.21 45.46
N LYS C 612 -15.02 45.01 44.88
CA LYS C 612 -14.85 44.77 43.42
C LYS C 612 -16.21 44.44 42.80
N THR C 613 -16.63 45.24 41.82
CA THR C 613 -17.84 45.02 40.98
C THR C 613 -17.41 44.64 39.56
N LYS C 614 -18.22 43.83 38.88
CA LYS C 614 -18.03 43.48 37.45
C LYS C 614 -19.13 44.17 36.64
N GLU C 615 -18.94 44.25 35.32
CA GLU C 615 -19.94 44.76 34.35
C GLU C 615 -19.67 44.11 32.99
N PHE C 616 -20.67 43.49 32.38
CA PHE C 616 -20.60 42.98 30.99
C PHE C 616 -20.08 44.11 30.10
N TRP C 617 -19.04 43.83 29.30
CA TRP C 617 -18.43 44.80 28.37
C TRP C 617 -18.73 44.41 26.92
N ALA C 618 -18.36 43.19 26.51
CA ALA C 618 -18.54 42.70 25.13
C ALA C 618 -18.51 41.17 25.08
N THR C 619 -19.07 40.59 24.01
CA THR C 619 -18.99 39.15 23.68
C THR C 619 -17.80 38.91 22.75
N ILE C 620 -17.01 37.86 23.03
CA ILE C 620 -15.88 37.41 22.17
C ILE C 620 -16.39 36.25 21.31
N LEU C 621 -16.93 35.20 21.93
CA LEU C 621 -17.60 34.07 21.22
C LEU C 621 -19.06 34.00 21.65
N ASP C 622 -19.98 34.25 20.70
CA ASP C 622 -21.43 34.12 20.90
C ASP C 622 -21.77 32.62 20.94
N SER C 623 -22.52 32.19 21.97
CA SER C 623 -23.05 30.81 22.11
C SER C 623 -23.76 30.40 20.81
N ALA C 624 -23.55 29.18 20.35
CA ALA C 624 -24.22 28.58 19.17
C ALA C 624 -25.74 28.53 19.41
N GLY C 625 -26.16 28.52 20.67
CA GLY C 625 -27.58 28.53 21.09
C GLY C 625 -28.10 27.10 21.27
N PRO C 626 -29.05 26.86 22.21
CA PRO C 626 -29.58 25.51 22.44
C PRO C 626 -29.65 24.67 21.15
N LEU C 627 -28.85 23.60 21.10
CA LEU C 627 -28.63 22.74 19.90
C LEU C 627 -29.91 21.95 19.60
N PRO C 628 -30.32 21.83 18.32
CA PRO C 628 -31.46 20.99 17.95
C PRO C 628 -31.14 19.49 18.10
N ASP C 629 -32.19 18.66 18.20
CA ASP C 629 -32.14 17.17 18.39
C ASP C 629 -31.08 16.81 19.45
N TYR C 630 -31.04 17.54 20.57
CA TYR C 630 -30.24 17.22 21.78
C TYR C 630 -31.04 17.60 23.03
N THR C 631 -31.36 16.60 23.86
CA THR C 631 -32.02 16.74 25.19
C THR C 631 -30.96 16.60 26.28
N PRO C 632 -30.63 17.69 27.01
CA PRO C 632 -29.73 17.58 28.17
C PRO C 632 -30.25 16.61 29.21
N PRO C 633 -29.38 16.06 30.08
CA PRO C 633 -29.80 15.23 31.20
C PRO C 633 -30.18 16.10 32.41
N GLU C 634 -30.87 15.52 33.39
CA GLU C 634 -31.19 16.18 34.69
C GLU C 634 -30.11 15.80 35.70
N ILE C 635 -29.46 16.80 36.31
CA ILE C 635 -28.56 16.58 37.47
C ILE C 635 -29.43 16.15 38.65
N PHE C 636 -29.09 15.03 39.30
CA PHE C 636 -29.70 14.57 40.57
C PHE C 636 -28.61 14.42 41.63
N SER C 637 -29.00 14.07 42.85
CA SER C 637 -28.09 13.78 43.98
C SER C 637 -28.83 12.88 44.98
N PHE C 638 -28.07 12.09 45.75
CA PHE C 638 -28.60 11.15 46.77
C PHE C 638 -27.66 11.13 47.98
N GLU C 639 -28.23 11.14 49.18
CA GLU C 639 -27.48 11.02 50.46
C GLU C 639 -27.07 9.55 50.61
N SER C 640 -25.83 9.23 50.23
CA SER C 640 -25.25 7.86 50.28
C SER C 640 -25.06 7.44 51.75
N THR C 641 -25.07 6.12 52.01
CA THR C 641 -24.83 5.51 53.34
C THR C 641 -23.38 5.76 53.78
N THR C 642 -22.51 6.13 52.84
CA THR C 642 -21.07 6.44 53.08
C THR C 642 -20.92 7.81 53.76
N GLY C 643 -22.01 8.59 53.85
CA GLY C 643 -22.05 9.89 54.53
C GLY C 643 -21.59 11.02 53.63
N PHE C 644 -21.73 10.85 52.31
CA PHE C 644 -21.42 11.86 51.27
C PHE C 644 -22.65 12.04 50.38
N THR C 645 -22.86 13.26 49.88
CA THR C 645 -23.83 13.55 48.79
C THR C 645 -23.14 13.23 47.46
N LEU C 646 -23.66 12.25 46.72
CA LEU C 646 -23.12 11.82 45.40
C LEU C 646 -24.03 12.36 44.29
N TYR C 647 -23.49 13.22 43.44
CA TYR C 647 -24.21 13.87 42.32
C TYR C 647 -24.18 12.93 41.11
N GLY C 648 -25.18 13.06 40.22
CA GLY C 648 -25.35 12.22 39.02
C GLY C 648 -26.01 12.99 37.88
N MET C 649 -26.04 12.40 36.69
CA MET C 649 -26.79 12.90 35.51
C MET C 649 -27.73 11.78 35.04
N LEU C 650 -28.95 12.14 34.66
CA LEU C 650 -29.99 11.18 34.19
C LEU C 650 -30.48 11.61 32.80
N TYR C 651 -30.15 10.83 31.77
CA TYR C 651 -30.76 10.92 30.42
C TYR C 651 -31.99 10.01 30.39
N LYS C 652 -33.19 10.60 30.50
CA LYS C 652 -34.48 9.88 30.33
C LYS C 652 -34.60 9.46 28.87
N PRO C 653 -35.17 8.27 28.56
CA PRO C 653 -35.44 7.89 27.18
C PRO C 653 -36.37 8.90 26.48
N HIS C 654 -35.98 9.35 25.29
CA HIS C 654 -36.80 10.22 24.40
C HIS C 654 -38.13 9.52 24.12
N ASP C 655 -39.24 10.28 24.12
CA ASP C 655 -40.60 9.76 23.84
C ASP C 655 -40.93 8.69 24.90
N LEU C 656 -40.73 9.03 26.17
CA LEU C 656 -40.93 8.13 27.34
C LEU C 656 -42.38 7.63 27.35
N GLN C 657 -42.60 6.32 27.19
CA GLN C 657 -43.93 5.66 27.18
C GLN C 657 -44.39 5.43 28.62
N PRO C 658 -45.71 5.41 28.89
CA PRO C 658 -46.21 5.20 30.25
C PRO C 658 -46.22 3.72 30.64
N GLY C 659 -45.87 3.42 31.89
CA GLY C 659 -45.91 2.07 32.50
C GLY C 659 -44.98 1.08 31.79
N LYS C 660 -43.98 1.57 31.06
CA LYS C 660 -42.98 0.75 30.33
C LYS C 660 -41.60 0.98 30.97
N LYS C 661 -40.86 -0.11 31.25
CA LYS C 661 -39.49 -0.05 31.82
C LYS C 661 -38.47 -0.29 30.70
N TYR C 662 -37.43 0.56 30.64
CA TYR C 662 -36.45 0.64 29.54
C TYR C 662 -35.10 0.05 29.98
N PRO C 663 -34.25 -0.39 29.03
CA PRO C 663 -32.90 -0.85 29.36
C PRO C 663 -32.01 0.35 29.74
N THR C 664 -31.10 0.14 30.71
CA THR C 664 -30.21 1.20 31.28
C THR C 664 -28.76 0.96 30.82
N VAL C 665 -28.07 2.03 30.46
CA VAL C 665 -26.61 2.04 30.14
C VAL C 665 -25.93 3.02 31.10
N LEU C 666 -25.17 2.50 32.06
CA LEU C 666 -24.39 3.30 33.04
C LEU C 666 -23.03 3.66 32.41
N PHE C 667 -22.88 4.88 31.89
CA PHE C 667 -21.57 5.42 31.44
C PHE C 667 -20.78 5.85 32.67
N ILE C 668 -19.50 5.45 32.75
CA ILE C 668 -18.67 5.60 33.98
C ILE C 668 -17.23 5.97 33.60
N TYR C 669 -16.61 6.79 34.44
CA TYR C 669 -15.13 6.94 34.57
C TYR C 669 -14.74 6.53 36.00
N GLY C 670 -15.12 7.34 37.00
CA GLY C 670 -15.06 6.98 38.43
C GLY C 670 -13.64 6.93 38.98
N GLY C 671 -12.65 7.40 38.22
CA GLY C 671 -11.25 7.47 38.64
C GLY C 671 -10.90 8.84 39.19
N PRO C 672 -9.69 9.01 39.79
CA PRO C 672 -9.29 10.31 40.35
C PRO C 672 -8.99 11.36 39.26
N GLN C 673 -9.01 12.64 39.68
CA GLN C 673 -8.62 13.83 38.89
C GLN C 673 -9.72 14.21 37.87
N VAL C 674 -10.90 13.57 37.94
CA VAL C 674 -12.01 13.76 36.96
C VAL C 674 -13.35 13.87 37.70
N GLN C 675 -14.19 14.81 37.24
CA GLN C 675 -15.62 14.96 37.60
C GLN C 675 -16.43 14.97 36.30
N LEU C 676 -17.34 14.01 36.11
CA LEU C 676 -18.23 13.93 34.92
C LEU C 676 -19.49 14.78 35.15
N VAL C 677 -20.00 14.83 36.38
CA VAL C 677 -21.30 15.47 36.74
C VAL C 677 -21.04 16.89 37.25
N ASN C 678 -21.46 17.88 36.46
CA ASN C 678 -21.39 19.33 36.80
C ASN C 678 -22.33 20.08 35.85
N ASN C 679 -22.56 21.36 36.12
CA ASN C 679 -23.47 22.25 35.33
C ASN C 679 -22.67 22.86 34.17
N ARG C 680 -22.25 22.01 33.22
CA ARG C 680 -21.58 22.40 31.94
C ARG C 680 -22.29 21.68 30.79
N PHE C 681 -22.16 22.21 29.57
CA PHE C 681 -22.76 21.63 28.35
C PHE C 681 -22.08 20.28 28.04
N LYS C 682 -22.90 19.26 27.75
CA LYS C 682 -22.43 17.87 27.47
C LYS C 682 -22.95 17.42 26.10
N GLY C 683 -23.39 18.36 25.26
CA GLY C 683 -24.01 18.08 23.95
C GLY C 683 -22.97 17.89 22.85
N VAL C 684 -21.72 18.27 23.13
CA VAL C 684 -20.56 18.11 22.20
C VAL C 684 -19.81 16.83 22.58
N LYS C 685 -19.33 16.76 23.83
CA LYS C 685 -18.38 15.73 24.32
C LYS C 685 -19.11 14.41 24.58
N TYR C 686 -20.32 14.45 25.15
CA TYR C 686 -21.14 13.26 25.50
C TYR C 686 -22.45 13.28 24.69
N PHE C 687 -22.37 13.64 23.42
CA PHE C 687 -23.53 13.70 22.48
C PHE C 687 -24.17 12.31 22.34
N ARG C 688 -23.35 11.25 22.33
CA ARG C 688 -23.80 9.88 22.01
C ARG C 688 -24.58 9.29 23.19
N LEU C 689 -24.46 9.87 24.39
CA LEU C 689 -25.36 9.53 25.54
C LEU C 689 -26.78 9.97 25.19
N ASN C 690 -26.92 11.13 24.53
CA ASN C 690 -28.22 11.64 24.00
C ASN C 690 -28.71 10.70 22.90
N THR C 691 -27.83 10.25 22.00
CA THR C 691 -28.14 9.27 20.92
C THR C 691 -28.68 7.97 21.54
N LEU C 692 -28.13 7.53 22.68
CA LEU C 692 -28.60 6.32 23.40
C LEU C 692 -30.00 6.59 24.00
N ALA C 693 -30.20 7.79 24.56
CA ALA C 693 -31.50 8.25 25.08
C ALA C 693 -32.55 8.23 23.95
N SER C 694 -32.16 8.63 22.74
CA SER C 694 -33.05 8.75 21.56
C SER C 694 -33.52 7.36 21.09
N LEU C 695 -32.68 6.33 21.27
CA LEU C 695 -32.97 4.94 20.81
C LEU C 695 -33.76 4.18 21.89
N GLY C 696 -33.92 4.76 23.08
CA GLY C 696 -34.73 4.20 24.16
C GLY C 696 -33.89 3.52 25.23
N TYR C 697 -32.75 4.11 25.59
CA TYR C 697 -31.91 3.68 26.73
C TYR C 697 -31.95 4.77 27.81
N VAL C 698 -32.17 4.37 29.05
CA VAL C 698 -31.83 5.20 30.25
C VAL C 698 -30.31 5.29 30.27
N VAL C 699 -29.75 6.49 30.42
CA VAL C 699 -28.28 6.69 30.60
C VAL C 699 -28.07 7.32 31.98
N VAL C 700 -27.22 6.71 32.80
CA VAL C 700 -26.85 7.18 34.16
C VAL C 700 -25.34 7.46 34.18
N VAL C 701 -24.96 8.58 34.81
CA VAL C 701 -23.54 8.93 35.15
C VAL C 701 -23.52 9.31 36.62
N ILE C 702 -22.58 8.76 37.39
CA ILE C 702 -22.45 9.00 38.86
C ILE C 702 -20.98 9.27 39.19
N ASP C 703 -20.70 10.39 39.86
CA ASP C 703 -19.38 10.72 40.42
C ASP C 703 -19.26 10.06 41.79
N ASN C 704 -18.84 8.79 41.78
CA ASN C 704 -18.56 7.96 43.00
C ASN C 704 -17.42 8.59 43.80
N ARG C 705 -17.19 8.10 45.02
CA ARG C 705 -16.05 8.51 45.88
C ARG C 705 -14.76 8.31 45.08
N GLY C 706 -13.82 9.24 45.20
CA GLY C 706 -12.57 9.27 44.41
C GLY C 706 -12.56 10.38 43.37
N SER C 707 -13.75 10.78 42.89
CA SER C 707 -13.97 11.89 41.92
C SER C 707 -13.29 13.18 42.39
N CYS C 708 -13.17 14.13 41.47
CA CYS C 708 -12.53 15.46 41.67
C CYS C 708 -13.53 16.44 42.28
N HIS C 709 -13.04 17.57 42.80
CA HIS C 709 -13.81 18.79 43.16
C HIS C 709 -14.66 18.59 44.44
N ARG C 710 -14.29 17.64 45.30
CA ARG C 710 -15.01 17.39 46.57
C ARG C 710 -14.05 17.33 47.77
N GLY C 711 -12.77 17.67 47.56
CA GLY C 711 -11.74 17.71 48.62
C GLY C 711 -10.94 16.42 48.73
N LEU C 712 -9.83 16.47 49.47
CA LEU C 712 -8.81 15.39 49.52
C LEU C 712 -9.38 14.14 50.22
N LYS C 713 -10.26 14.30 51.21
CA LYS C 713 -10.84 13.16 51.98
C LYS C 713 -11.82 12.37 51.10
N PHE C 714 -12.59 13.05 50.24
CA PHE C 714 -13.53 12.43 49.27
C PHE C 714 -12.71 11.67 48.21
N GLU C 715 -11.61 12.29 47.75
CA GLU C 715 -10.68 11.72 46.74
C GLU C 715 -9.95 10.52 47.35
N GLY C 716 -9.50 10.67 48.61
CA GLY C 716 -8.67 9.69 49.35
C GLY C 716 -9.40 8.39 49.66
N ALA C 717 -10.73 8.37 49.55
CA ALA C 717 -11.61 7.23 49.87
C ALA C 717 -10.96 5.90 49.46
N PHE C 718 -10.49 5.79 48.21
CA PHE C 718 -9.98 4.51 47.64
C PHE C 718 -8.45 4.43 47.68
N LYS C 719 -7.75 5.17 48.56
CA LYS C 719 -6.28 4.99 48.70
C LYS C 719 -6.02 3.54 49.12
N TYR C 720 -5.14 2.85 48.39
CA TYR C 720 -4.72 1.45 48.59
C TYR C 720 -5.84 0.46 48.19
N LYS C 721 -7.05 0.95 47.89
CA LYS C 721 -8.27 0.13 47.77
C LYS C 721 -8.99 0.39 46.43
N MET C 722 -8.25 0.71 45.37
CA MET C 722 -8.84 1.00 44.03
C MET C 722 -9.63 -0.22 43.54
N GLY C 723 -10.78 0.05 42.91
CA GLY C 723 -11.69 -0.96 42.31
C GLY C 723 -12.51 -1.71 43.35
N GLN C 724 -12.62 -1.19 44.58
CA GLN C 724 -13.34 -1.88 45.70
C GLN C 724 -14.58 -1.07 46.11
N ILE C 725 -14.48 0.25 46.22
CA ILE C 725 -15.56 1.14 46.75
C ILE C 725 -16.41 1.70 45.60
N GLU C 726 -15.89 1.71 44.37
CA GLU C 726 -16.44 2.51 43.24
C GLU C 726 -17.84 2.01 42.86
N ILE C 727 -17.99 0.70 42.69
CA ILE C 727 -19.23 0.08 42.13
C ILE C 727 -20.33 0.09 43.19
N ASP C 728 -19.96 0.11 44.48
CA ASP C 728 -20.93 0.27 45.62
C ASP C 728 -21.72 1.56 45.40
N ASP C 729 -21.01 2.67 45.16
CA ASP C 729 -21.59 4.03 44.92
C ASP C 729 -22.43 4.01 43.64
N GLN C 730 -21.94 3.34 42.59
CA GLN C 730 -22.60 3.29 41.26
C GLN C 730 -23.93 2.55 41.39
N VAL C 731 -23.92 1.40 42.06
CA VAL C 731 -25.12 0.54 42.29
C VAL C 731 -26.11 1.30 43.19
N GLU C 732 -25.62 1.85 44.31
CA GLU C 732 -26.43 2.65 45.28
C GLU C 732 -27.19 3.75 44.51
N GLY C 733 -26.48 4.55 43.72
CA GLY C 733 -27.05 5.60 42.86
C GLY C 733 -28.04 5.03 41.85
N LEU C 734 -27.72 3.87 41.28
CA LEU C 734 -28.59 3.19 40.28
C LEU C 734 -29.87 2.70 40.95
N GLN C 735 -29.79 2.25 42.20
CA GLN C 735 -30.94 1.73 42.99
C GLN C 735 -31.76 2.89 43.55
N TYR C 736 -31.12 4.04 43.86
CA TYR C 736 -31.79 5.30 44.23
C TYR C 736 -32.74 5.72 43.09
N LEU C 737 -32.23 5.79 41.86
CA LEU C 737 -33.02 6.18 40.65
C LEU C 737 -34.12 5.15 40.41
N ALA C 738 -33.83 3.86 40.65
CA ALA C 738 -34.71 2.72 40.34
C ALA C 738 -35.99 2.77 41.17
N SER C 739 -35.88 3.16 42.46
CA SER C 739 -37.02 3.23 43.41
C SER C 739 -37.81 4.54 43.20
N ARG C 740 -37.18 5.57 42.63
CA ARG C 740 -37.77 6.92 42.41
C ARG C 740 -38.23 7.07 40.95
N TYR C 741 -37.95 6.09 40.08
CA TYR C 741 -38.36 6.06 38.66
C TYR C 741 -38.62 4.61 38.23
N ASP C 742 -39.87 4.30 37.87
CA ASP C 742 -40.34 2.93 37.56
C ASP C 742 -39.88 2.52 36.14
N PHE C 743 -39.40 3.46 35.32
CA PHE C 743 -39.02 3.23 33.90
C PHE C 743 -37.60 2.65 33.78
N ILE C 744 -36.86 2.55 34.90
CA ILE C 744 -35.49 1.94 34.95
C ILE C 744 -35.63 0.43 35.16
N ASP C 745 -35.29 -0.37 34.14
CA ASP C 745 -35.32 -1.85 34.16
C ASP C 745 -33.98 -2.37 34.68
N LEU C 746 -33.91 -2.80 35.94
CA LEU C 746 -32.68 -3.31 36.60
C LEU C 746 -32.30 -4.69 36.05
N ASP C 747 -33.22 -5.37 35.35
CA ASP C 747 -32.98 -6.68 34.69
C ASP C 747 -32.07 -6.51 33.46
N ARG C 748 -31.99 -5.29 32.91
CA ARG C 748 -31.24 -4.98 31.65
C ARG C 748 -30.41 -3.71 31.83
N VAL C 749 -29.40 -3.75 32.70
CA VAL C 749 -28.44 -2.63 32.94
C VAL C 749 -27.09 -3.01 32.31
N GLY C 750 -26.59 -2.18 31.39
CA GLY C 750 -25.23 -2.27 30.83
C GLY C 750 -24.31 -1.23 31.47
N ILE C 751 -23.00 -1.48 31.47
CA ILE C 751 -21.96 -0.51 31.92
C ILE C 751 -20.91 -0.36 30.80
N HIS C 752 -20.36 0.85 30.65
CA HIS C 752 -19.37 1.19 29.59
C HIS C 752 -18.51 2.38 30.03
N GLY C 753 -17.20 2.30 29.81
CA GLY C 753 -16.23 3.35 30.19
C GLY C 753 -14.90 3.17 29.46
N TRP C 754 -14.03 4.18 29.53
CA TRP C 754 -12.68 4.17 28.92
C TRP C 754 -11.63 4.44 30.00
N SER C 755 -10.45 3.84 29.87
CA SER C 755 -9.30 4.01 30.80
C SER C 755 -9.72 3.48 32.18
N TYR C 756 -9.90 4.33 33.19
CA TYR C 756 -10.37 3.94 34.54
C TYR C 756 -11.83 3.46 34.45
N GLY C 757 -12.58 4.00 33.49
CA GLY C 757 -13.97 3.60 33.21
C GLY C 757 -14.06 2.17 32.67
N GLY C 758 -13.13 1.79 31.80
CA GLY C 758 -13.00 0.42 31.28
C GLY C 758 -12.63 -0.54 32.40
N TYR C 759 -11.72 -0.11 33.27
CA TYR C 759 -11.30 -0.81 34.51
C TYR C 759 -12.52 -1.11 35.37
N LEU C 760 -13.28 -0.07 35.73
CA LEU C 760 -14.47 -0.18 36.62
C LEU C 760 -15.58 -0.97 35.92
N SER C 761 -15.66 -0.89 34.59
CA SER C 761 -16.66 -1.65 33.79
C SER C 761 -16.42 -3.14 33.97
N LEU C 762 -15.15 -3.57 34.00
CA LEU C 762 -14.75 -4.99 34.24
C LEU C 762 -15.03 -5.34 35.70
N MET C 763 -14.60 -4.50 36.63
CA MET C 763 -14.80 -4.71 38.09
C MET C 763 -16.29 -4.86 38.40
N ALA C 764 -17.14 -4.06 37.76
CA ALA C 764 -18.62 -4.06 37.92
C ALA C 764 -19.19 -5.45 37.56
N LEU C 765 -18.71 -6.04 36.45
CA LEU C 765 -19.20 -7.35 35.95
C LEU C 765 -18.68 -8.49 36.84
N MET C 766 -17.45 -8.37 37.36
CA MET C 766 -16.85 -9.37 38.27
C MET C 766 -17.60 -9.36 39.61
N GLN C 767 -17.73 -8.18 40.21
CA GLN C 767 -18.25 -7.96 41.58
C GLN C 767 -19.78 -8.12 41.60
N ARG C 768 -20.49 -7.46 40.68
CA ARG C 768 -21.96 -7.29 40.73
C ARG C 768 -22.57 -7.72 39.38
N SER C 769 -22.41 -8.99 39.01
CA SER C 769 -22.99 -9.59 37.78
C SER C 769 -24.51 -9.73 37.93
N ASP C 770 -25.02 -9.69 39.16
CA ASP C 770 -26.47 -9.68 39.51
C ASP C 770 -27.10 -8.40 38.93
N ILE C 771 -26.41 -7.26 39.06
CA ILE C 771 -26.91 -5.91 38.64
C ILE C 771 -26.62 -5.69 37.15
N PHE C 772 -25.40 -6.00 36.70
CA PHE C 772 -24.87 -5.62 35.35
C PHE C 772 -24.94 -6.82 34.40
N ARG C 773 -25.73 -6.69 33.33
CA ARG C 773 -25.91 -7.73 32.27
C ARG C 773 -24.69 -7.74 31.35
N VAL C 774 -24.32 -6.57 30.80
CA VAL C 774 -23.16 -6.43 29.87
C VAL C 774 -22.20 -5.37 30.42
N ALA C 775 -20.91 -5.55 30.15
CA ALA C 775 -19.82 -4.58 30.42
C ALA C 775 -19.00 -4.40 29.14
N ILE C 776 -18.92 -3.17 28.64
CA ILE C 776 -18.05 -2.80 27.50
C ILE C 776 -16.86 -2.01 28.05
N ALA C 777 -15.70 -2.65 28.13
CA ALA C 777 -14.46 -2.10 28.74
C ALA C 777 -13.55 -1.55 27.64
N GLY C 778 -13.28 -0.25 27.67
CA GLY C 778 -12.42 0.47 26.71
C GLY C 778 -11.07 0.79 27.32
N ALA C 779 -9.98 0.34 26.68
CA ALA C 779 -8.57 0.53 27.09
C ALA C 779 -8.44 0.33 28.60
N PRO C 780 -8.92 -0.80 29.16
CA PRO C 780 -8.96 -0.97 30.60
C PRO C 780 -7.57 -1.22 31.21
N VAL C 781 -7.33 -0.68 32.41
CA VAL C 781 -6.23 -1.14 33.31
C VAL C 781 -6.67 -2.46 33.93
N THR C 782 -5.99 -3.57 33.62
CA THR C 782 -6.31 -4.93 34.11
C THR C 782 -5.31 -5.40 35.17
N LEU C 783 -4.20 -4.68 35.34
CA LEU C 783 -3.03 -5.11 36.16
C LEU C 783 -2.24 -3.86 36.56
N TRP C 784 -2.32 -3.44 37.82
CA TRP C 784 -1.76 -2.14 38.28
C TRP C 784 -0.23 -2.16 38.24
N ILE C 785 0.40 -3.34 38.28
CA ILE C 785 1.89 -3.48 38.18
C ILE C 785 2.35 -3.12 36.77
N PHE C 786 1.45 -3.14 35.77
CA PHE C 786 1.71 -2.80 34.34
C PHE C 786 1.53 -1.31 34.07
N TYR C 787 0.90 -0.55 34.99
CA TYR C 787 0.75 0.92 34.86
C TYR C 787 1.97 1.59 35.51
N ASP C 788 2.09 2.91 35.34
CA ASP C 788 3.35 3.65 35.59
C ASP C 788 3.48 4.03 37.08
N THR C 789 4.66 4.50 37.46
CA THR C 789 5.03 4.93 38.82
C THR C 789 4.15 6.10 39.27
N GLY C 790 4.26 7.25 38.60
CA GLY C 790 3.64 8.53 38.98
C GLY C 790 2.19 8.39 39.41
N TYR C 791 1.40 7.63 38.66
CA TYR C 791 -0.06 7.41 38.92
C TYR C 791 -0.24 6.36 40.01
N THR C 792 0.13 5.11 39.72
CA THR C 792 -0.18 3.90 40.54
C THR C 792 0.27 4.11 41.99
N GLU C 793 1.52 4.54 42.18
CA GLU C 793 2.16 4.61 43.52
C GLU C 793 1.53 5.72 44.36
N ARG C 794 0.96 6.74 43.73
CA ARG C 794 0.30 7.89 44.41
C ARG C 794 -1.00 7.39 45.09
N TYR C 795 -1.76 6.52 44.42
CA TYR C 795 -3.09 6.06 44.89
C TYR C 795 -2.99 4.70 45.59
N MET C 796 -2.06 3.85 45.21
CA MET C 796 -1.98 2.43 45.71
C MET C 796 -0.72 2.18 46.56
N GLY C 797 0.16 3.17 46.72
CA GLY C 797 1.48 2.99 47.35
C GLY C 797 2.32 1.98 46.59
N HIS C 798 3.45 1.55 47.16
CA HIS C 798 4.41 0.58 46.54
C HIS C 798 3.80 -0.81 46.58
N PRO C 799 3.96 -1.65 45.52
CA PRO C 799 3.44 -3.02 45.52
C PRO C 799 3.92 -3.89 46.69
N ASP C 800 5.18 -3.74 47.11
CA ASP C 800 5.84 -4.50 48.21
C ASP C 800 5.02 -4.36 49.51
N GLN C 801 4.36 -3.21 49.72
CA GLN C 801 3.71 -2.83 51.00
C GLN C 801 2.18 -2.84 50.89
N ASN C 802 1.62 -3.40 49.82
CA ASN C 802 0.15 -3.39 49.57
C ASN C 802 -0.20 -4.50 48.58
N GLU C 803 0.21 -5.74 48.87
CA GLU C 803 -0.02 -6.92 48.00
C GLU C 803 -1.53 -7.16 47.83
N GLN C 804 -2.31 -7.02 48.91
CA GLN C 804 -3.78 -7.26 48.91
C GLN C 804 -4.47 -6.24 48.01
N GLY C 805 -4.11 -4.97 48.14
CA GLY C 805 -4.65 -3.86 47.33
C GLY C 805 -4.45 -4.11 45.85
N TYR C 806 -3.20 -4.42 45.45
CA TYR C 806 -2.79 -4.67 44.05
C TYR C 806 -3.52 -5.91 43.50
N TYR C 807 -3.72 -6.94 44.33
CA TYR C 807 -4.43 -8.19 43.94
C TYR C 807 -5.90 -7.87 43.68
N LEU C 808 -6.60 -7.37 44.71
CA LEU C 808 -8.07 -7.12 44.66
C LEU C 808 -8.38 -6.04 43.61
N GLY C 809 -7.42 -5.12 43.35
CA GLY C 809 -7.58 -4.01 42.39
C GLY C 809 -7.21 -4.38 40.96
N SER C 810 -6.71 -5.60 40.71
CA SER C 810 -6.26 -6.08 39.37
C SER C 810 -7.22 -7.15 38.84
N VAL C 811 -7.97 -6.84 37.78
CA VAL C 811 -9.04 -7.73 37.23
C VAL C 811 -8.39 -8.98 36.63
N ALA C 812 -7.19 -8.85 36.06
CA ALA C 812 -6.45 -9.93 35.37
C ALA C 812 -6.10 -11.04 36.36
N MET C 813 -5.86 -10.70 37.62
CA MET C 813 -5.52 -11.66 38.70
C MET C 813 -6.78 -12.34 39.25
N GLN C 814 -7.97 -11.97 38.77
CA GLN C 814 -9.27 -12.46 39.29
C GLN C 814 -10.17 -12.91 38.12
N ALA C 815 -9.59 -13.45 37.04
CA ALA C 815 -10.30 -13.86 35.81
C ALA C 815 -11.45 -14.82 36.16
N GLU C 816 -11.27 -15.66 37.18
CA GLU C 816 -12.26 -16.69 37.61
C GLU C 816 -13.61 -16.05 37.95
N LYS C 817 -13.62 -14.80 38.44
CA LYS C 817 -14.83 -14.11 38.98
C LYS C 817 -15.71 -13.56 37.84
N PHE C 818 -15.24 -13.59 36.60
CA PHE C 818 -16.03 -13.19 35.39
C PHE C 818 -17.11 -14.24 35.15
N PRO C 819 -18.19 -13.90 34.42
CA PRO C 819 -19.28 -14.85 34.18
C PRO C 819 -18.91 -15.87 33.10
N SER C 820 -19.43 -17.10 33.23
CA SER C 820 -19.36 -18.17 32.21
C SER C 820 -20.55 -18.05 31.26
N GLU C 821 -20.97 -16.81 30.99
CA GLU C 821 -22.05 -16.44 30.04
C GLU C 821 -21.44 -15.58 28.93
N PRO C 822 -21.60 -15.98 27.65
CA PRO C 822 -21.11 -15.17 26.54
C PRO C 822 -22.01 -13.94 26.28
N ASN C 823 -21.52 -12.99 25.48
CA ASN C 823 -22.26 -11.77 25.05
C ASN C 823 -22.57 -10.90 26.27
N ARG C 824 -21.68 -10.88 27.27
CA ARG C 824 -21.77 -10.02 28.48
C ARG C 824 -20.51 -9.16 28.60
N LEU C 825 -19.34 -9.70 28.23
CA LEU C 825 -18.03 -9.00 28.31
C LEU C 825 -17.58 -8.61 26.90
N LEU C 826 -17.27 -7.32 26.68
CA LEU C 826 -16.71 -6.78 25.43
C LEU C 826 -15.51 -5.89 25.76
N LEU C 827 -14.32 -6.23 25.22
CA LEU C 827 -13.07 -5.46 25.39
C LEU C 827 -12.82 -4.65 24.11
N LEU C 828 -12.55 -3.36 24.26
CA LEU C 828 -12.14 -2.43 23.17
C LEU C 828 -10.78 -1.84 23.54
N HIS C 829 -9.80 -1.88 22.63
CA HIS C 829 -8.44 -1.35 22.91
C HIS C 829 -7.78 -0.81 21.63
N GLY C 830 -7.17 0.37 21.72
CA GLY C 830 -6.26 0.92 20.70
C GLY C 830 -4.92 0.19 20.73
N PHE C 831 -4.59 -0.52 19.64
CA PHE C 831 -3.45 -1.47 19.54
C PHE C 831 -2.11 -0.76 19.87
N LEU C 832 -2.01 0.53 19.56
CA LEU C 832 -0.76 1.33 19.69
C LEU C 832 -0.83 2.26 20.92
N ASP C 833 -1.77 2.02 21.83
CA ASP C 833 -1.98 2.82 23.06
C ASP C 833 -0.64 2.90 23.83
N GLU C 834 -0.22 4.12 24.20
CA GLU C 834 1.07 4.39 24.90
C GLU C 834 0.83 4.61 26.40
N ASN C 835 -0.42 4.84 26.82
CA ASN C 835 -0.79 5.15 28.22
C ASN C 835 -1.23 3.86 28.92
N VAL C 836 -2.29 3.22 28.41
CA VAL C 836 -2.75 1.87 28.82
C VAL C 836 -2.36 0.89 27.71
N HIS C 837 -1.22 0.22 27.84
CA HIS C 837 -0.67 -0.69 26.80
C HIS C 837 -1.65 -1.84 26.55
N PHE C 838 -1.71 -2.31 25.30
CA PHE C 838 -2.57 -3.43 24.86
C PHE C 838 -2.30 -4.67 25.73
N ALA C 839 -1.11 -4.75 26.32
CA ALA C 839 -0.67 -5.81 27.26
C ALA C 839 -1.72 -6.03 28.36
N HIS C 840 -2.37 -4.96 28.85
CA HIS C 840 -3.46 -5.06 29.87
C HIS C 840 -4.56 -5.98 29.34
N THR C 841 -4.97 -5.77 28.10
CA THR C 841 -5.99 -6.61 27.42
C THR C 841 -5.41 -8.01 27.19
N SER C 842 -4.23 -8.11 26.58
CA SER C 842 -3.60 -9.41 26.21
C SER C 842 -3.45 -10.30 27.45
N ILE C 843 -3.03 -9.73 28.60
CA ILE C 843 -2.85 -10.47 29.89
C ILE C 843 -4.21 -10.95 30.39
N LEU C 844 -5.23 -10.08 30.38
CA LEU C 844 -6.61 -10.41 30.81
C LEU C 844 -7.12 -11.59 29.96
N LEU C 845 -6.90 -11.54 28.65
CA LEU C 845 -7.33 -12.61 27.70
C LEU C 845 -6.62 -13.92 28.05
N SER C 846 -5.30 -13.86 28.29
CA SER C 846 -4.49 -15.01 28.77
C SER C 846 -5.22 -15.72 29.92
N PHE C 847 -5.60 -14.98 30.96
CA PHE C 847 -6.18 -15.52 32.22
C PHE C 847 -7.65 -15.91 32.00
N LEU C 848 -8.36 -15.22 31.10
CA LEU C 848 -9.76 -15.57 30.70
C LEU C 848 -9.75 -16.91 29.96
N VAL C 849 -8.74 -17.15 29.12
CA VAL C 849 -8.55 -18.43 28.36
C VAL C 849 -8.25 -19.54 29.37
N ARG C 850 -7.38 -19.27 30.35
CA ARG C 850 -7.04 -20.22 31.46
C ARG C 850 -8.32 -20.56 32.24
N ALA C 851 -9.10 -19.54 32.62
CA ALA C 851 -10.33 -19.67 33.44
C ALA C 851 -11.50 -20.19 32.60
N GLY C 852 -11.29 -20.42 31.30
CA GLY C 852 -12.32 -20.93 30.36
C GLY C 852 -13.53 -20.03 30.28
N LYS C 853 -13.31 -18.71 30.21
CA LYS C 853 -14.38 -17.67 30.23
C LYS C 853 -14.54 -17.08 28.84
N PRO C 854 -15.78 -16.77 28.39
CA PRO C 854 -16.00 -16.13 27.10
C PRO C 854 -15.70 -14.62 27.16
N TYR C 855 -15.32 -14.05 26.01
CA TYR C 855 -15.11 -12.58 25.82
C TYR C 855 -15.40 -12.23 24.37
N ASP C 856 -15.73 -10.97 24.12
CA ASP C 856 -15.77 -10.35 22.76
C ASP C 856 -14.65 -9.29 22.72
N LEU C 857 -14.01 -9.13 21.57
CA LEU C 857 -12.82 -8.23 21.43
C LEU C 857 -12.95 -7.40 20.16
N GLN C 858 -12.62 -6.10 20.27
CA GLN C 858 -12.48 -5.16 19.13
C GLN C 858 -11.15 -4.43 19.28
N ILE C 859 -10.29 -4.52 18.28
CA ILE C 859 -8.98 -3.81 18.24
C ILE C 859 -9.09 -2.70 17.19
N TYR C 860 -8.52 -1.53 17.50
CA TYR C 860 -8.36 -0.38 16.58
C TYR C 860 -6.88 -0.26 16.24
N PRO C 861 -6.41 -0.99 15.20
CA PRO C 861 -4.98 -1.20 14.98
C PRO C 861 -4.14 0.06 14.73
N GLN C 862 -4.77 1.17 14.34
CA GLN C 862 -4.09 2.44 13.96
C GLN C 862 -4.10 3.43 15.13
N GLU C 863 -4.94 3.20 16.15
CA GLU C 863 -5.25 4.19 17.21
C GLU C 863 -4.34 4.01 18.42
N ARG C 864 -4.02 5.13 19.10
CA ARG C 864 -3.35 5.17 20.43
C ARG C 864 -4.46 5.15 21.49
N HIS C 865 -4.26 5.82 22.64
CA HIS C 865 -5.29 5.93 23.70
C HIS C 865 -6.53 6.63 23.15
N SER C 866 -6.37 7.88 22.67
CA SER C 866 -7.42 8.68 22.01
C SER C 866 -7.58 8.20 20.55
N ILE C 867 -8.83 8.07 20.08
CA ILE C 867 -9.16 7.63 18.69
C ILE C 867 -9.21 8.88 17.79
N ARG C 868 -8.18 9.06 16.95
CA ARG C 868 -7.96 10.27 16.11
C ARG C 868 -8.60 10.09 14.73
N VAL C 869 -8.35 8.95 14.08
CA VAL C 869 -8.83 8.67 12.68
C VAL C 869 -10.35 8.48 12.72
N PRO C 870 -11.12 9.34 12.01
CA PRO C 870 -12.58 9.27 12.05
C PRO C 870 -13.17 7.87 11.90
N GLU C 871 -12.66 7.09 10.93
CA GLU C 871 -13.18 5.74 10.56
C GLU C 871 -13.16 4.81 11.78
N SER C 872 -12.08 4.87 12.58
CA SER C 872 -11.91 4.13 13.86
C SER C 872 -12.99 4.54 14.86
N GLY C 873 -13.16 5.85 15.05
CA GLY C 873 -14.20 6.45 15.92
C GLY C 873 -15.60 6.06 15.47
N GLU C 874 -15.85 6.11 14.17
CA GLU C 874 -17.17 5.78 13.55
C GLU C 874 -17.47 4.29 13.78
N HIS C 875 -16.46 3.42 13.62
CA HIS C 875 -16.58 1.95 13.81
C HIS C 875 -16.90 1.64 15.28
N TYR C 876 -16.27 2.36 16.21
CA TYR C 876 -16.44 2.18 17.68
C TYR C 876 -17.90 2.46 18.04
N GLU C 877 -18.40 3.65 17.70
CA GLU C 877 -19.79 4.11 17.97
C GLU C 877 -20.78 3.09 17.39
N LEU C 878 -20.56 2.66 16.15
CA LEU C 878 -21.43 1.70 15.43
C LEU C 878 -21.48 0.38 16.20
N HIS C 879 -20.31 -0.18 16.53
CA HIS C 879 -20.17 -1.48 17.23
C HIS C 879 -20.79 -1.39 18.63
N LEU C 880 -20.51 -0.31 19.36
CA LEU C 880 -21.05 -0.05 20.72
C LEU C 880 -22.58 -0.13 20.67
N LEU C 881 -23.21 0.67 19.80
CA LEU C 881 -24.70 0.78 19.70
C LEU C 881 -25.28 -0.55 19.22
N HIS C 882 -24.61 -1.22 18.27
CA HIS C 882 -25.07 -2.54 17.75
C HIS C 882 -24.96 -3.60 18.85
N TYR C 883 -23.85 -3.62 19.59
CA TYR C 883 -23.59 -4.58 20.69
C TYR C 883 -24.66 -4.42 21.78
N LEU C 884 -24.90 -3.18 22.21
CA LEU C 884 -25.93 -2.84 23.23
C LEU C 884 -27.31 -3.32 22.73
N GLN C 885 -27.61 -3.08 21.45
CA GLN C 885 -28.87 -3.52 20.79
C GLN C 885 -29.01 -5.04 20.93
N GLU C 886 -28.05 -5.80 20.39
CA GLU C 886 -28.14 -7.27 20.22
C GLU C 886 -28.01 -8.02 21.55
N ASN C 887 -27.51 -7.39 22.62
CA ASN C 887 -27.16 -8.07 23.89
C ASN C 887 -27.70 -7.33 25.13
N LEU C 888 -28.59 -6.34 24.95
CA LEU C 888 -29.21 -5.61 26.10
C LEU C 888 -30.57 -5.01 25.71
N GLY C 889 -30.60 -4.14 24.69
CA GLY C 889 -31.76 -3.29 24.36
C GLY C 889 -32.89 -4.04 23.68
N SER C 890 -32.58 -4.76 22.59
CA SER C 890 -33.56 -5.29 21.60
C SER C 890 -34.38 -6.45 22.18
N ARG C 891 -35.28 -6.99 21.38
CA ARG C 891 -36.13 -8.17 21.71
C ARG C 891 -35.29 -9.44 21.64
N ILE C 892 -34.46 -9.57 20.60
CA ILE C 892 -33.56 -10.74 20.36
C ILE C 892 -32.63 -10.90 21.57
N ALA C 893 -32.18 -9.78 22.14
CA ALA C 893 -31.31 -9.73 23.35
C ALA C 893 -31.96 -10.50 24.50
N ALA C 894 -33.28 -10.37 24.69
CA ALA C 894 -34.06 -11.03 25.76
C ALA C 894 -34.21 -12.52 25.46
N LEU C 895 -34.45 -12.89 24.20
CA LEU C 895 -34.63 -14.30 23.73
C LEU C 895 -33.31 -15.07 23.81
N LYS C 896 -32.17 -14.37 23.85
CA LYS C 896 -30.81 -14.97 23.72
C LYS C 896 -30.41 -15.68 25.02
N VAL C 897 -30.81 -15.15 26.18
CA VAL C 897 -30.38 -15.65 27.53
C VAL C 897 -30.81 -17.12 27.68
#